data_2K6N
# 
_entry.id   2K6N 
# 
_audit_conform.dict_name       mmcif_pdbx.dic 
_audit_conform.dict_version    5.392 
_audit_conform.dict_location   http://mmcif.pdb.org/dictionaries/ascii/mmcif_pdbx.dic 
# 
loop_
_database_2.database_id 
_database_2.database_code 
_database_2.pdbx_database_accession 
_database_2.pdbx_DOI 
PDB   2K6N         pdb_00002k6n 10.2210/pdb2k6n/pdb 
RCSB  RCSB100742   ?            ?                   
WWPDB D_1000100742 ?            ?                   
# 
loop_
_pdbx_audit_revision_history.ordinal 
_pdbx_audit_revision_history.data_content_type 
_pdbx_audit_revision_history.major_revision 
_pdbx_audit_revision_history.minor_revision 
_pdbx_audit_revision_history.revision_date 
1 'Structure model' 1 0 2009-07-14 
2 'Structure model' 1 1 2011-07-13 
3 'Structure model' 1 2 2022-03-16 
4 'Structure model' 1 3 2024-05-29 
# 
_pdbx_audit_revision_details.ordinal             1 
_pdbx_audit_revision_details.revision_ordinal    1 
_pdbx_audit_revision_details.data_content_type   'Structure model' 
_pdbx_audit_revision_details.provider            repository 
_pdbx_audit_revision_details.type                'Initial release' 
_pdbx_audit_revision_details.description         ? 
_pdbx_audit_revision_details.details             ? 
# 
loop_
_pdbx_audit_revision_group.ordinal 
_pdbx_audit_revision_group.revision_ordinal 
_pdbx_audit_revision_group.data_content_type 
_pdbx_audit_revision_group.group 
1 2 'Structure model' 'Version format compliance' 
2 3 'Structure model' 'Data collection'           
3 3 'Structure model' 'Database references'       
4 3 'Structure model' 'Derived calculations'      
5 4 'Structure model' 'Data collection'           
# 
loop_
_pdbx_audit_revision_category.ordinal 
_pdbx_audit_revision_category.revision_ordinal 
_pdbx_audit_revision_category.data_content_type 
_pdbx_audit_revision_category.category 
1 3 'Structure model' database_2            
2 3 'Structure model' pdbx_nmr_software     
3 3 'Structure model' pdbx_struct_assembly  
4 3 'Structure model' pdbx_struct_oper_list 
5 3 'Structure model' struct_ref_seq_dif    
6 4 'Structure model' chem_comp_atom        
7 4 'Structure model' chem_comp_bond        
# 
loop_
_pdbx_audit_revision_item.ordinal 
_pdbx_audit_revision_item.revision_ordinal 
_pdbx_audit_revision_item.data_content_type 
_pdbx_audit_revision_item.item 
1 3 'Structure model' '_database_2.pdbx_DOI'                
2 3 'Structure model' '_database_2.pdbx_database_accession' 
3 3 'Structure model' '_pdbx_nmr_software.name'             
4 3 'Structure model' '_struct_ref_seq_dif.details'         
# 
_pdbx_database_status.deposit_site                    BMRB 
_pdbx_database_status.entry_id                        2K6N 
_pdbx_database_status.process_site                    RCSB 
_pdbx_database_status.recvd_initial_deposition_date   2008-07-11 
_pdbx_database_status.SG_entry                        ? 
_pdbx_database_status.status_code                     REL 
_pdbx_database_status.status_code_mr                  REL 
_pdbx_database_status.status_code_sf                  ? 
_pdbx_database_status.pdb_format_compatible           Y 
_pdbx_database_status.status_code_cs                  ? 
_pdbx_database_status.status_code_nmr_data            ? 
_pdbx_database_status.methods_development_category    ? 
# 
loop_
_pdbx_database_related.content_type 
_pdbx_database_related.db_id 
_pdbx_database_related.db_name 
_pdbx_database_related.details 
unspecified 2K6M PDB 'Solution Structure of Human Supervillin Headpiece'                                                       
unspecified 1YU5 PDB 'Crystal Structure of the Headpiece Domain of Chicken Villin'                                             
unspecified 1QZP PDB 'NMR Structure of the Human Dematin Headpiece Domain'                                                     
unspecified 1ZV6 PDB 'NMR Structure of the human Dematin Headpiece S74E Mutant'                                                
unspecified 1QQV PDB 'Solution Structure of the Headpiece Domain of Chicken Villin'                                            
unspecified 1YU7 PDB 'Crystal Structure of the W64A Mutant of Villin Headpiece'                                                
unspecified 1UNC PDB 'Solution Structure of the Human Villin C-Terminal Headpiece Subdomain'                                   
unspecified 1UND PDB 'Solution Structure of the Human Advillin C-Terminal Subdomain'                                           
unspecified 1YU8 PDB 'Crystal Structure of the R37A Mutant of Villin Headpiece'                                                
unspecified 1VII PDB 'Thermostable Subdomain from Chicken Villin Headpiece, NMR, Minimized Average Structure'                  
unspecified 2PPZ PDB 'NMR Solution Structure of the Villin Headpiece Mutant G34L'                                              
unspecified 1UJS PDB 'Solution Structure of the Villin Headpiece Domain of Human Actin-Binding LIM protein homolog'            
unspecified 1YRF PDB 'Chicken Villin Subdomain HP-35, N68H, pH 6.7'                                                            
unspecified 1YRI PDB 'Chicken Villin Subdomain HP-35, N68H, pH 6.4'                                                            
unspecified 2JM0 PDB 'Solution Structure of Chicken Villin Headpiece Subdomain Containing a Fluorinated Sidechain in the Core' 
unspecified 1WY3 PDB 'Chicken Villin Subdomain HP-35, K65(NLE), N68H, pH 7.0'                                                  
unspecified 1WY4 PDB 'Chicken Villin Subdomain HP-35, K65(NLE), N68H, pH 5.1'                                                  
# 
loop_
_audit_author.name 
_audit_author.pdbx_ordinal 
'Brown, J.W.'  1 
'Didem, V.'    2 
'McKnight, C.' 3 
# 
_citation.id                        primary 
_citation.title                     'How to arm a supervillin: designing F-actin binding activity into supervillin headpiece.' 
_citation.journal_abbrev            J.Mol.Biol. 
_citation.journal_volume            393 
_citation.page_first                608 
_citation.page_last                 618 
_citation.year                      2009 
_citation.journal_id_ASTM           JMOBAK 
_citation.country                   UK 
_citation.journal_id_ISSN           0022-2836 
_citation.journal_id_CSD            0070 
_citation.book_publisher            ? 
_citation.pdbx_database_id_PubMed   19683541 
_citation.pdbx_database_id_DOI      10.1016/j.jmb.2009.08.018 
# 
loop_
_citation_author.citation_id 
_citation_author.name 
_citation_author.ordinal 
_citation_author.identifier_ORCID 
primary 'Brown, J.W.'    1 ? 
primary 'Vardar-Ulu, D.' 2 ? 
primary 'McKnight, C.J.' 3 ? 
# 
_entity.id                         1 
_entity.type                       polymer 
_entity.src_method                 man 
_entity.pdbx_description           Supervillin 
_entity.formula_weight             7708.040 
_entity.pdbx_number_of_molecules   1 
_entity.pdbx_ec                    ? 
_entity.pdbx_mutation              ? 
_entity.pdbx_fragment              'UNP residues 2149-2214, HP' 
_entity.details                    ? 
# 
_entity_name_com.entity_id   1 
_entity_name_com.name        'Archvillin, p205/p250' 
# 
_entity_poly.entity_id                      1 
_entity_poly.type                           'polypeptide(L)' 
_entity_poly.nstd_linkage                   no 
_entity_poly.nstd_monomer                   no 
_entity_poly.pdbx_seq_one_letter_code       MLAKLCKTIYPLADLLARPLPEGVDPLKLEIYLTDEDFEFALDMTRDEYNALPAWKQVNLKKAKGLF 
_entity_poly.pdbx_seq_one_letter_code_can   MLAKLCKTIYPLADLLARPLPEGVDPLKLEIYLTDEDFEFALDMTRDEYNALPAWKQVNLKKAKGLF 
_entity_poly.pdbx_strand_id                 A 
_entity_poly.pdbx_target_identifier         ? 
# 
loop_
_entity_poly_seq.entity_id 
_entity_poly_seq.num 
_entity_poly_seq.mon_id 
_entity_poly_seq.hetero 
1 1  MET n 
1 2  LEU n 
1 3  ALA n 
1 4  LYS n 
1 5  LEU n 
1 6  CYS n 
1 7  LYS n 
1 8  THR n 
1 9  ILE n 
1 10 TYR n 
1 11 PRO n 
1 12 LEU n 
1 13 ALA n 
1 14 ASP n 
1 15 LEU n 
1 16 LEU n 
1 17 ALA n 
1 18 ARG n 
1 19 PRO n 
1 20 LEU n 
1 21 PRO n 
1 22 GLU n 
1 23 GLY n 
1 24 VAL n 
1 25 ASP n 
1 26 PRO n 
1 27 LEU n 
1 28 LYS n 
1 29 LEU n 
1 30 GLU n 
1 31 ILE n 
1 32 TYR n 
1 33 LEU n 
1 34 THR n 
1 35 ASP n 
1 36 GLU n 
1 37 ASP n 
1 38 PHE n 
1 39 GLU n 
1 40 PHE n 
1 41 ALA n 
1 42 LEU n 
1 43 ASP n 
1 44 MET n 
1 45 THR n 
1 46 ARG n 
1 47 ASP n 
1 48 GLU n 
1 49 TYR n 
1 50 ASN n 
1 51 ALA n 
1 52 LEU n 
1 53 PRO n 
1 54 ALA n 
1 55 TRP n 
1 56 LYS n 
1 57 GLN n 
1 58 VAL n 
1 59 ASN n 
1 60 LEU n 
1 61 LYS n 
1 62 LYS n 
1 63 ALA n 
1 64 LYS n 
1 65 GLY n 
1 66 LEU n 
1 67 PHE n 
# 
_entity_src_gen.entity_id                          1 
_entity_src_gen.pdbx_src_id                        1 
_entity_src_gen.pdbx_alt_source_flag               sample 
_entity_src_gen.pdbx_seq_type                      ? 
_entity_src_gen.pdbx_beg_seq_num                   ? 
_entity_src_gen.pdbx_end_seq_num                   ? 
_entity_src_gen.gene_src_common_name               human 
_entity_src_gen.gene_src_genus                     ? 
_entity_src_gen.pdbx_gene_src_gene                 SVIL 
_entity_src_gen.gene_src_species                   ? 
_entity_src_gen.gene_src_strain                    ? 
_entity_src_gen.gene_src_tissue                    ? 
_entity_src_gen.gene_src_tissue_fraction           ? 
_entity_src_gen.gene_src_details                   ? 
_entity_src_gen.pdbx_gene_src_fragment             ? 
_entity_src_gen.pdbx_gene_src_scientific_name      'Homo sapiens' 
_entity_src_gen.pdbx_gene_src_ncbi_taxonomy_id     9606 
_entity_src_gen.pdbx_gene_src_variant              ? 
_entity_src_gen.pdbx_gene_src_cell_line            ? 
_entity_src_gen.pdbx_gene_src_atcc                 ? 
_entity_src_gen.pdbx_gene_src_organ                ? 
_entity_src_gen.pdbx_gene_src_organelle            ? 
_entity_src_gen.pdbx_gene_src_cell                 ? 
_entity_src_gen.pdbx_gene_src_cellular_location    ? 
_entity_src_gen.host_org_common_name               ? 
_entity_src_gen.pdbx_host_org_scientific_name      'Escherichia coli' 
_entity_src_gen.pdbx_host_org_ncbi_taxonomy_id     562 
_entity_src_gen.host_org_genus                     ? 
_entity_src_gen.pdbx_host_org_gene                 ? 
_entity_src_gen.pdbx_host_org_organ                ? 
_entity_src_gen.host_org_species                   ? 
_entity_src_gen.pdbx_host_org_tissue               ? 
_entity_src_gen.pdbx_host_org_tissue_fraction      ? 
_entity_src_gen.pdbx_host_org_strain               'BL21(DE3)' 
_entity_src_gen.pdbx_host_org_variant              ? 
_entity_src_gen.pdbx_host_org_cell_line            ? 
_entity_src_gen.pdbx_host_org_atcc                 ? 
_entity_src_gen.pdbx_host_org_culture_collection   ? 
_entity_src_gen.pdbx_host_org_cell                 ? 
_entity_src_gen.pdbx_host_org_organelle            ? 
_entity_src_gen.pdbx_host_org_cellular_location    ? 
_entity_src_gen.pdbx_host_org_vector_type          ? 
_entity_src_gen.pdbx_host_org_vector               'pSVHP(pET24A)' 
_entity_src_gen.host_org_details                   ? 
_entity_src_gen.expression_system_id               ? 
_entity_src_gen.plasmid_name                       ? 
_entity_src_gen.plasmid_details                    ? 
_entity_src_gen.pdbx_description                   ? 
# 
loop_
_chem_comp.id 
_chem_comp.type 
_chem_comp.mon_nstd_flag 
_chem_comp.name 
_chem_comp.pdbx_synonyms 
_chem_comp.formula 
_chem_comp.formula_weight 
ALA 'L-peptide linking' y ALANINE         ? 'C3 H7 N O2'     89.093  
ARG 'L-peptide linking' y ARGININE        ? 'C6 H15 N4 O2 1' 175.209 
ASN 'L-peptide linking' y ASPARAGINE      ? 'C4 H8 N2 O3'    132.118 
ASP 'L-peptide linking' y 'ASPARTIC ACID' ? 'C4 H7 N O4'     133.103 
CYS 'L-peptide linking' y CYSTEINE        ? 'C3 H7 N O2 S'   121.158 
GLN 'L-peptide linking' y GLUTAMINE       ? 'C5 H10 N2 O3'   146.144 
GLU 'L-peptide linking' y 'GLUTAMIC ACID' ? 'C5 H9 N O4'     147.129 
GLY 'peptide linking'   y GLYCINE         ? 'C2 H5 N O2'     75.067  
ILE 'L-peptide linking' y ISOLEUCINE      ? 'C6 H13 N O2'    131.173 
LEU 'L-peptide linking' y LEUCINE         ? 'C6 H13 N O2'    131.173 
LYS 'L-peptide linking' y LYSINE          ? 'C6 H15 N2 O2 1' 147.195 
MET 'L-peptide linking' y METHIONINE      ? 'C5 H11 N O2 S'  149.211 
PHE 'L-peptide linking' y PHENYLALANINE   ? 'C9 H11 N O2'    165.189 
PRO 'L-peptide linking' y PROLINE         ? 'C5 H9 N O2'     115.130 
THR 'L-peptide linking' y THREONINE       ? 'C4 H9 N O3'     119.119 
TRP 'L-peptide linking' y TRYPTOPHAN      ? 'C11 H12 N2 O2'  204.225 
TYR 'L-peptide linking' y TYROSINE        ? 'C9 H11 N O3'    181.189 
VAL 'L-peptide linking' y VALINE          ? 'C5 H11 N O2'    117.146 
# 
loop_
_pdbx_poly_seq_scheme.asym_id 
_pdbx_poly_seq_scheme.entity_id 
_pdbx_poly_seq_scheme.seq_id 
_pdbx_poly_seq_scheme.mon_id 
_pdbx_poly_seq_scheme.ndb_seq_num 
_pdbx_poly_seq_scheme.pdb_seq_num 
_pdbx_poly_seq_scheme.auth_seq_num 
_pdbx_poly_seq_scheme.pdb_mon_id 
_pdbx_poly_seq_scheme.auth_mon_id 
_pdbx_poly_seq_scheme.pdb_strand_id 
_pdbx_poly_seq_scheme.pdb_ins_code 
_pdbx_poly_seq_scheme.hetero 
A 1 1  MET 1  10 10 MET MET A . n 
A 1 2  LEU 2  11 11 LEU LEU A . n 
A 1 3  ALA 3  12 12 ALA ALA A . n 
A 1 4  LYS 4  13 13 LYS LYS A . n 
A 1 5  LEU 5  14 14 LEU LEU A . n 
A 1 6  CYS 6  15 15 CYS CYS A . n 
A 1 7  LYS 7  16 16 LYS LYS A . n 
A 1 8  THR 8  17 17 THR THR A . n 
A 1 9  ILE 9  18 18 ILE ILE A . n 
A 1 10 TYR 10 19 19 TYR TYR A . n 
A 1 11 PRO 11 20 20 PRO PRO A . n 
A 1 12 LEU 12 21 21 LEU LEU A . n 
A 1 13 ALA 13 22 22 ALA ALA A . n 
A 1 14 ASP 14 23 23 ASP ASP A . n 
A 1 15 LEU 15 24 24 LEU LEU A . n 
A 1 16 LEU 16 25 25 LEU LEU A . n 
A 1 17 ALA 17 26 26 ALA ALA A . n 
A 1 18 ARG 18 27 27 ARG ARG A . n 
A 1 19 PRO 19 28 28 PRO PRO A . n 
A 1 20 LEU 20 29 29 LEU LEU A . n 
A 1 21 PRO 21 30 30 PRO PRO A . n 
A 1 22 GLU 22 31 31 GLU GLU A . n 
A 1 23 GLY 23 32 32 GLY GLY A . n 
A 1 24 VAL 24 33 33 VAL VAL A . n 
A 1 25 ASP 25 34 34 ASP ASP A . n 
A 1 26 PRO 26 35 35 PRO PRO A . n 
A 1 27 LEU 27 36 36 LEU LEU A . n 
A 1 28 LYS 28 37 37 LYS LYS A . n 
A 1 29 LEU 29 38 38 LEU LEU A . n 
A 1 30 GLU 30 39 39 GLU GLU A . n 
A 1 31 ILE 31 40 40 ILE ILE A . n 
A 1 32 TYR 32 41 41 TYR TYR A . n 
A 1 33 LEU 33 42 42 LEU LEU A . n 
A 1 34 THR 34 43 43 THR THR A . n 
A 1 35 ASP 35 44 44 ASP ASP A . n 
A 1 36 GLU 36 45 45 GLU GLU A . n 
A 1 37 ASP 37 46 46 ASP ASP A . n 
A 1 38 PHE 38 47 47 PHE PHE A . n 
A 1 39 GLU 39 48 48 GLU GLU A . n 
A 1 40 PHE 40 49 49 PHE PHE A . n 
A 1 41 ALA 41 50 50 ALA ALA A . n 
A 1 42 LEU 42 51 51 LEU LEU A . n 
A 1 43 ASP 43 52 52 ASP ASP A . n 
A 1 44 MET 44 53 53 MET MET A . n 
A 1 45 THR 45 54 54 THR THR A . n 
A 1 46 ARG 46 55 55 ARG ARG A . n 
A 1 47 ASP 47 56 56 ASP ASP A . n 
A 1 48 GLU 48 57 57 GLU GLU A . n 
A 1 49 TYR 49 58 58 TYR TYR A . n 
A 1 50 ASN 50 59 59 ASN ASN A . n 
A 1 51 ALA 51 60 60 ALA ALA A . n 
A 1 52 LEU 52 61 61 LEU LEU A . n 
A 1 53 PRO 53 62 62 PRO PRO A . n 
A 1 54 ALA 54 63 63 ALA ALA A . n 
A 1 55 TRP 55 64 64 TRP TRP A . n 
A 1 56 LYS 56 65 65 LYS LYS A . n 
A 1 57 GLN 57 66 66 GLN GLN A . n 
A 1 58 VAL 58 67 67 VAL VAL A . n 
A 1 59 ASN 59 68 68 ASN ASN A . n 
A 1 60 LEU 60 69 69 LEU LEU A . n 
A 1 61 LYS 61 70 70 LYS LYS A . n 
A 1 62 LYS 62 71 71 LYS LYS A . n 
A 1 63 ALA 63 72 72 ALA ALA A . n 
A 1 64 LYS 64 73 73 LYS LYS A . n 
A 1 65 GLY 65 74 74 GLY GLY A . n 
A 1 66 LEU 66 75 75 LEU LEU A . n 
A 1 67 PHE 67 76 76 PHE PHE A . n 
# 
_exptl.absorpt_coefficient_mu     ? 
_exptl.absorpt_correction_T_max   ? 
_exptl.absorpt_correction_T_min   ? 
_exptl.absorpt_correction_type    ? 
_exptl.absorpt_process_details    ? 
_exptl.crystals_number            ? 
_exptl.details                    ? 
_exptl.entry_id                   2K6N 
_exptl.method                     'SOLUTION NMR' 
_exptl.method_details             ? 
# 
_struct.entry_id                  2K6N 
_struct.title                     'Solution Structure of Human Supervillin Headpiece, Minimized Average' 
_struct.pdbx_model_details        ? 
_struct.pdbx_CASP_flag            ? 
_struct.pdbx_model_type_details   ? 
# 
_struct_keywords.entry_id        2K6N 
_struct_keywords.pdbx_keywords   'STRUCTURAL PROTEIN' 
_struct_keywords.text            
;Supervillin, SVHP, HP, Headpiece, Villin, Archvillin, Actin capping, Actin-binding, Alternative splicing, Calcium, Cytoplasm, Cytoskeleton, Membrane, Phosphoprotein, Polymorphism, STRUCTURAL PROTEIN
;
# 
_struct_asym.id                            A 
_struct_asym.pdbx_blank_PDB_chainid_flag   N 
_struct_asym.pdbx_modified                 N 
_struct_asym.entity_id                     1 
_struct_asym.details                       ? 
# 
_struct_ref.id                         1 
_struct_ref.db_name                    UNP 
_struct_ref.db_code                    SVIL_HUMAN 
_struct_ref.pdbx_db_accession          O95425 
_struct_ref.entity_id                  1 
_struct_ref.pdbx_seq_one_letter_code   LAKLCKTIYPLADLLARPLPEGVDPLKLEIYLTDEDFEFALDMTRDEYNALPAWKQVNLKKAKGLF 
_struct_ref.pdbx_align_begin           2149 
_struct_ref.pdbx_db_isoform            ? 
# 
_struct_ref_seq.align_id                      1 
_struct_ref_seq.ref_id                        1 
_struct_ref_seq.pdbx_PDB_id_code              2K6N 
_struct_ref_seq.pdbx_strand_id                A 
_struct_ref_seq.seq_align_beg                 2 
_struct_ref_seq.pdbx_seq_align_beg_ins_code   ? 
_struct_ref_seq.seq_align_end                 67 
_struct_ref_seq.pdbx_seq_align_end_ins_code   ? 
_struct_ref_seq.pdbx_db_accession             O95425 
_struct_ref_seq.db_align_beg                  2149 
_struct_ref_seq.pdbx_db_align_beg_ins_code    ? 
_struct_ref_seq.db_align_end                  2214 
_struct_ref_seq.pdbx_db_align_end_ins_code    ? 
_struct_ref_seq.pdbx_auth_seq_align_beg       11 
_struct_ref_seq.pdbx_auth_seq_align_end       76 
# 
_struct_ref_seq_dif.align_id                     1 
_struct_ref_seq_dif.pdbx_pdb_id_code             2K6N 
_struct_ref_seq_dif.mon_id                       MET 
_struct_ref_seq_dif.pdbx_pdb_strand_id           A 
_struct_ref_seq_dif.seq_num                      1 
_struct_ref_seq_dif.pdbx_pdb_ins_code            ? 
_struct_ref_seq_dif.pdbx_seq_db_name             UNP 
_struct_ref_seq_dif.pdbx_seq_db_accession_code   O95425 
_struct_ref_seq_dif.db_mon_id                    ? 
_struct_ref_seq_dif.pdbx_seq_db_seq_num          ? 
_struct_ref_seq_dif.details                      'expression tag' 
_struct_ref_seq_dif.pdbx_auth_seq_num            10 
_struct_ref_seq_dif.pdbx_ordinal                 1 
# 
_pdbx_struct_assembly.id                   1 
_pdbx_struct_assembly.details              author_defined_assembly 
_pdbx_struct_assembly.method_details       ? 
_pdbx_struct_assembly.oligomeric_details   monomeric 
_pdbx_struct_assembly.oligomeric_count     1 
# 
_pdbx_struct_assembly_gen.assembly_id       1 
_pdbx_struct_assembly_gen.oper_expression   1 
_pdbx_struct_assembly_gen.asym_id_list      A 
# 
_pdbx_struct_oper_list.id                   1 
_pdbx_struct_oper_list.type                 'identity operation' 
_pdbx_struct_oper_list.name                 1_555 
_pdbx_struct_oper_list.symmetry_operation   x,y,z 
_pdbx_struct_oper_list.matrix[1][1]         1.0000000000 
_pdbx_struct_oper_list.matrix[1][2]         0.0000000000 
_pdbx_struct_oper_list.matrix[1][3]         0.0000000000 
_pdbx_struct_oper_list.vector[1]            0.0000000000 
_pdbx_struct_oper_list.matrix[2][1]         0.0000000000 
_pdbx_struct_oper_list.matrix[2][2]         1.0000000000 
_pdbx_struct_oper_list.matrix[2][3]         0.0000000000 
_pdbx_struct_oper_list.vector[2]            0.0000000000 
_pdbx_struct_oper_list.matrix[3][1]         0.0000000000 
_pdbx_struct_oper_list.matrix[3][2]         0.0000000000 
_pdbx_struct_oper_list.matrix[3][3]         1.0000000000 
_pdbx_struct_oper_list.vector[3]            0.0000000000 
# 
_struct_biol.id        1 
_struct_biol.details   ? 
# 
loop_
_struct_conf.conf_type_id 
_struct_conf.id 
_struct_conf.pdbx_PDB_helix_id 
_struct_conf.beg_label_comp_id 
_struct_conf.beg_label_asym_id 
_struct_conf.beg_label_seq_id 
_struct_conf.pdbx_beg_PDB_ins_code 
_struct_conf.end_label_comp_id 
_struct_conf.end_label_asym_id 
_struct_conf.end_label_seq_id 
_struct_conf.pdbx_end_PDB_ins_code 
_struct_conf.beg_auth_comp_id 
_struct_conf.beg_auth_asym_id 
_struct_conf.beg_auth_seq_id 
_struct_conf.end_auth_comp_id 
_struct_conf.end_auth_asym_id 
_struct_conf.end_auth_seq_id 
_struct_conf.pdbx_PDB_helix_class 
_struct_conf.details 
_struct_conf.pdbx_PDB_helix_length 
HELX_P HELX_P1 1 PRO A 11 ? ALA A 17 ? PRO A 20 ALA A 26 1 ? 7  
HELX_P HELX_P2 2 THR A 34 ? LEU A 42 ? THR A 43 LEU A 51 1 ? 9  
HELX_P HELX_P3 3 THR A 45 ? ASN A 50 ? THR A 54 ASN A 59 1 ? 6  
HELX_P HELX_P4 4 PRO A 53 ? GLY A 65 ? PRO A 62 GLY A 74 1 ? 13 
# 
_struct_conf_type.id          HELX_P 
_struct_conf_type.criteria    ? 
_struct_conf_type.reference   ? 
# 
loop_
_pdbx_validate_close_contact.id 
_pdbx_validate_close_contact.PDB_model_num 
_pdbx_validate_close_contact.auth_atom_id_1 
_pdbx_validate_close_contact.auth_asym_id_1 
_pdbx_validate_close_contact.auth_comp_id_1 
_pdbx_validate_close_contact.auth_seq_id_1 
_pdbx_validate_close_contact.PDB_ins_code_1 
_pdbx_validate_close_contact.label_alt_id_1 
_pdbx_validate_close_contact.auth_atom_id_2 
_pdbx_validate_close_contact.auth_asym_id_2 
_pdbx_validate_close_contact.auth_comp_id_2 
_pdbx_validate_close_contact.auth_seq_id_2 
_pdbx_validate_close_contact.PDB_ins_code_2 
_pdbx_validate_close_contact.label_alt_id_2 
_pdbx_validate_close_contact.dist 
1 1 O A THR 43 ? ? H A PHE 47 ? ? 1.49 
2 1 O A TRP 64 ? ? H A ASN 68 ? ? 1.51 
# 
loop_
_pdbx_validate_torsion.id 
_pdbx_validate_torsion.PDB_model_num 
_pdbx_validate_torsion.auth_comp_id 
_pdbx_validate_torsion.auth_asym_id 
_pdbx_validate_torsion.auth_seq_id 
_pdbx_validate_torsion.PDB_ins_code 
_pdbx_validate_torsion.label_alt_id 
_pdbx_validate_torsion.phi 
_pdbx_validate_torsion.psi 
1 1 ALA A 26 ? ? 167.69  44.21   
2 1 PRO A 28 ? ? -40.39  73.42   
3 1 PRO A 30 ? ? -62.31  -155.14 
4 1 ASP A 44 ? ? -29.13  -40.39  
5 1 MET A 53 ? ? -125.60 -159.53 
6 1 LEU A 75 ? ? -78.17  -82.02  
# 
_pdbx_nmr_ensemble.average_constraint_violations_per_residue     ? 
_pdbx_nmr_ensemble.average_constraints_per_residue               ? 
_pdbx_nmr_ensemble.average_distance_constraint_violation         ? 
_pdbx_nmr_ensemble.average_torsion_angle_constraint_violation    ? 
_pdbx_nmr_ensemble.conformer_selection_criteria                  ? 
_pdbx_nmr_ensemble.conformers_calculated_total_number            100 
_pdbx_nmr_ensemble.conformers_submitted_total_number             1 
_pdbx_nmr_ensemble.distance_constraint_violation_method          ? 
_pdbx_nmr_ensemble.entry_id                                      2K6N 
_pdbx_nmr_ensemble.maximum_distance_constraint_violation         ? 
_pdbx_nmr_ensemble.maximum_lower_distance_constraint_violation   ? 
_pdbx_nmr_ensemble.maximum_torsion_angle_constraint_violation    ? 
_pdbx_nmr_ensemble.maximum_upper_distance_constraint_violation   ? 
_pdbx_nmr_ensemble.torsion_angle_constraint_violation_method     ? 
# 
_pdbx_nmr_representative.conformer_id         1 
_pdbx_nmr_representative.entry_id             2K6N 
_pdbx_nmr_representative.selection_criteria   'lowest energy' 
# 
loop_
_pdbx_nmr_sample_details.contents 
_pdbx_nmr_sample_details.solution_id 
_pdbx_nmr_sample_details.solvent_system 
;1.3-2.5 mM [U-13C; U-15N] Supervillin Headpiece, 4 mM DTT, 500 uM TMSP, 100 mM sodium chloride, 20 mM sodium phosphate, 95% H2O/5% D2O
;
1 '95% H2O/5% D2O' 
'1.3-2.5 mM [U-15N] Supervillin Headpiece, 4 mM DTT, 500 uM TMSP, 100 mM sodium chloride, 20 mM sodium phosphate, 95% H2O/5% D2O' 
2 '95% H2O/5% D2O' 

'1.3-2.5 mM [U-10% 13C] Supervillin Headpiece, 4 mM DTT, 500 uM TMSP, 100 mM sodium chloride, 20 mM sodium phosphate, 95% H2O/5% D2O' 
3 '95% H2O/5% D2O' 
'1.3-2.5 mM [U-13C] Supervillin Headpiece, 4 mM DTT, 500 uM TMSP, 100 mM sodium chloride, 20 mM sodium phosphate, 95% H2O/5% D2O' 
4 '95% H2O/5% D2O' 
'1.3-2.5 mM Supervillin Headpiece, 4 mM DTT, 500 uM TMSP, 100 mM sodium chloride, 20 mM sodium phosphate, 95% H2O/5% D2O' 5 
'95% H2O/5% D2O' 
# 
loop_
_pdbx_nmr_exptl_sample.component 
_pdbx_nmr_exptl_sample.concentration 
_pdbx_nmr_exptl_sample.concentration_units 
_pdbx_nmr_exptl_sample.isotopic_labeling 
_pdbx_nmr_exptl_sample.solution_id 
'Supervillin Headpiece' 1.3 mM '[U-13C; U-15N]' 1 
DTT                     4   mM ?                1 
TMSP                    500 uM ?                1 
'sodium chloride'       100 mM ?                1 
'sodium phosphate'      20  mM ?                1 
'Supervillin Headpiece' 1.3 mM '[U-15N]'        2 
DTT                     4   mM ?                2 
TMSP                    500 uM ?                2 
'sodium chloride'       100 mM ?                2 
'sodium phosphate'      20  mM ?                2 
'Supervillin Headpiece' 1.3 mM '[U-10% 13C]'    3 
DTT                     4   mM ?                3 
TMSP                    500 uM ?                3 
'sodium chloride'       100 mM ?                3 
'sodium phosphate'      20  mM ?                3 
'Supervillin Headpiece' 1.3 mM '[U-13C]'        4 
DTT                     4   mM ?                4 
TMSP                    500 uM ?                4 
'sodium chloride'       100 mM ?                4 
'sodium phosphate'      20  mM ?                4 
'Supervillin Headpiece' 1.3 mM ?                5 
DTT                     4   mM ?                5 
TMSP                    500 uM ?                5 
'sodium chloride'       100 mM ?                5 
'sodium phosphate'      20  mM ?                5 
# 
_pdbx_nmr_exptl_sample_conditions.conditions_id       1 
_pdbx_nmr_exptl_sample_conditions.ionic_strength      ? 
_pdbx_nmr_exptl_sample_conditions.pH                  7.0 
_pdbx_nmr_exptl_sample_conditions.pressure            ambient 
_pdbx_nmr_exptl_sample_conditions.pressure_units      ? 
_pdbx_nmr_exptl_sample_conditions.temperature         293 
_pdbx_nmr_exptl_sample_conditions.temperature_units   K 
# 
loop_
_pdbx_nmr_exptl.conditions_id 
_pdbx_nmr_exptl.experiment_id 
_pdbx_nmr_exptl.solution_id 
_pdbx_nmr_exptl.type 
1 1  2 '2D 1H-15N HSQC'  
1 2  4 '2D 1H-13C HSQC'  
1 3  5 '2D 1H-1H TOCSY'  
1 4  5 '2D 1H-1H COSY'   
1 5  1 '3D HNCO'         
1 6  1 '3D HNCA'         
1 7  1 '3D HN(CO)CA'     
1 8  1 '3D HN(CA)CO'     
1 9  4 '3D HCCH-TOCSY'   
1 10 4 '3D HCCH-COSY'    
1 11 2 '3D HNHA'         
1 12 2 '3D HNHB'         
1 13 5 '2D 1H-1H NOESY'  
1 14 2 '3D 1H-15N NOESY' 
1 15 4 '3D 1H-13C NOESY' 
1 16 3 '2D 1H-13C HSQC'  
1 17 2 '3D HMQC-J'       
# 
_pdbx_nmr_details.entry_id   2K6N 
_pdbx_nmr_details.text       
;DISTANCE RESTRAINTS WERE DETERMINED FROM 
A NOESY BUILDUP SERIES. MIXING TIMES OF 
50, 75, 100, 125, 150 - 13C AND 15N NOE 
ASSIGNMENTS WERE BINED AS WEAK
;
# 
_pdbx_nmr_refine.entry_id           2K6N 
_pdbx_nmr_refine.method             'DGSA-distance geometry simulated annealing' 
_pdbx_nmr_refine.details            ? 
_pdbx_nmr_refine.software_ordinal   1 
# 
loop_
_pdbx_nmr_software.authors 
_pdbx_nmr_software.classification 
_pdbx_nmr_software.name 
_pdbx_nmr_software.version 
_pdbx_nmr_software.ordinal 
BRUNGER                                               refinement                 CNS      1.1    1 
'Brunger, Adams, Clore, Gros, Nilges and Read'        'geometry optimization'    CNS      1.1    2 
'Delaglio, Grzesiek, Vuister, Zhu, Pfeifer and Bax'   processing                 NMRPipe  ?      3 
'Koradi, Billeter and Wuthrich'                       'structural alignment'     MOLMOL   2K.2   4 
'Koradi, Billeter and Wuthrich'                       'structural visualization' MOLMOL   2K.2   5 
'Bruker Biospin'                                      collection                 XwinNMR  3.1    6 
'Cornilescu, Delaglio and Bax'                        'data analysis'            TALOS    ?      7 
'(PREDITOR) M. V. Berjanskii, S. Neal, D. S. Wishart' 'data analysis'            PREDITOR ?      8 
'Johnson, One Moon Scientific'                        'peak picking'             NMRView  7.0.16 9 
# 
loop_
_chem_comp_atom.comp_id 
_chem_comp_atom.atom_id 
_chem_comp_atom.type_symbol 
_chem_comp_atom.pdbx_aromatic_flag 
_chem_comp_atom.pdbx_stereo_config 
_chem_comp_atom.pdbx_ordinal 
ALA N    N N N 1   
ALA CA   C N S 2   
ALA C    C N N 3   
ALA O    O N N 4   
ALA CB   C N N 5   
ALA OXT  O N N 6   
ALA H    H N N 7   
ALA H2   H N N 8   
ALA HA   H N N 9   
ALA HB1  H N N 10  
ALA HB2  H N N 11  
ALA HB3  H N N 12  
ALA HXT  H N N 13  
ARG N    N N N 14  
ARG CA   C N S 15  
ARG C    C N N 16  
ARG O    O N N 17  
ARG CB   C N N 18  
ARG CG   C N N 19  
ARG CD   C N N 20  
ARG NE   N N N 21  
ARG CZ   C N N 22  
ARG NH1  N N N 23  
ARG NH2  N N N 24  
ARG OXT  O N N 25  
ARG H    H N N 26  
ARG H2   H N N 27  
ARG HA   H N N 28  
ARG HB2  H N N 29  
ARG HB3  H N N 30  
ARG HG2  H N N 31  
ARG HG3  H N N 32  
ARG HD2  H N N 33  
ARG HD3  H N N 34  
ARG HE   H N N 35  
ARG HH11 H N N 36  
ARG HH12 H N N 37  
ARG HH21 H N N 38  
ARG HH22 H N N 39  
ARG HXT  H N N 40  
ASN N    N N N 41  
ASN CA   C N S 42  
ASN C    C N N 43  
ASN O    O N N 44  
ASN CB   C N N 45  
ASN CG   C N N 46  
ASN OD1  O N N 47  
ASN ND2  N N N 48  
ASN OXT  O N N 49  
ASN H    H N N 50  
ASN H2   H N N 51  
ASN HA   H N N 52  
ASN HB2  H N N 53  
ASN HB3  H N N 54  
ASN HD21 H N N 55  
ASN HD22 H N N 56  
ASN HXT  H N N 57  
ASP N    N N N 58  
ASP CA   C N S 59  
ASP C    C N N 60  
ASP O    O N N 61  
ASP CB   C N N 62  
ASP CG   C N N 63  
ASP OD1  O N N 64  
ASP OD2  O N N 65  
ASP OXT  O N N 66  
ASP H    H N N 67  
ASP H2   H N N 68  
ASP HA   H N N 69  
ASP HB2  H N N 70  
ASP HB3  H N N 71  
ASP HD2  H N N 72  
ASP HXT  H N N 73  
CYS N    N N N 74  
CYS CA   C N R 75  
CYS C    C N N 76  
CYS O    O N N 77  
CYS CB   C N N 78  
CYS SG   S N N 79  
CYS OXT  O N N 80  
CYS H    H N N 81  
CYS H2   H N N 82  
CYS HA   H N N 83  
CYS HB2  H N N 84  
CYS HB3  H N N 85  
CYS HG   H N N 86  
CYS HXT  H N N 87  
GLN N    N N N 88  
GLN CA   C N S 89  
GLN C    C N N 90  
GLN O    O N N 91  
GLN CB   C N N 92  
GLN CG   C N N 93  
GLN CD   C N N 94  
GLN OE1  O N N 95  
GLN NE2  N N N 96  
GLN OXT  O N N 97  
GLN H    H N N 98  
GLN H2   H N N 99  
GLN HA   H N N 100 
GLN HB2  H N N 101 
GLN HB3  H N N 102 
GLN HG2  H N N 103 
GLN HG3  H N N 104 
GLN HE21 H N N 105 
GLN HE22 H N N 106 
GLN HXT  H N N 107 
GLU N    N N N 108 
GLU CA   C N S 109 
GLU C    C N N 110 
GLU O    O N N 111 
GLU CB   C N N 112 
GLU CG   C N N 113 
GLU CD   C N N 114 
GLU OE1  O N N 115 
GLU OE2  O N N 116 
GLU OXT  O N N 117 
GLU H    H N N 118 
GLU H2   H N N 119 
GLU HA   H N N 120 
GLU HB2  H N N 121 
GLU HB3  H N N 122 
GLU HG2  H N N 123 
GLU HG3  H N N 124 
GLU HE2  H N N 125 
GLU HXT  H N N 126 
GLY N    N N N 127 
GLY CA   C N N 128 
GLY C    C N N 129 
GLY O    O N N 130 
GLY OXT  O N N 131 
GLY H    H N N 132 
GLY H2   H N N 133 
GLY HA2  H N N 134 
GLY HA3  H N N 135 
GLY HXT  H N N 136 
ILE N    N N N 137 
ILE CA   C N S 138 
ILE C    C N N 139 
ILE O    O N N 140 
ILE CB   C N S 141 
ILE CG1  C N N 142 
ILE CG2  C N N 143 
ILE CD1  C N N 144 
ILE OXT  O N N 145 
ILE H    H N N 146 
ILE H2   H N N 147 
ILE HA   H N N 148 
ILE HB   H N N 149 
ILE HG12 H N N 150 
ILE HG13 H N N 151 
ILE HG21 H N N 152 
ILE HG22 H N N 153 
ILE HG23 H N N 154 
ILE HD11 H N N 155 
ILE HD12 H N N 156 
ILE HD13 H N N 157 
ILE HXT  H N N 158 
LEU N    N N N 159 
LEU CA   C N S 160 
LEU C    C N N 161 
LEU O    O N N 162 
LEU CB   C N N 163 
LEU CG   C N N 164 
LEU CD1  C N N 165 
LEU CD2  C N N 166 
LEU OXT  O N N 167 
LEU H    H N N 168 
LEU H2   H N N 169 
LEU HA   H N N 170 
LEU HB2  H N N 171 
LEU HB3  H N N 172 
LEU HG   H N N 173 
LEU HD11 H N N 174 
LEU HD12 H N N 175 
LEU HD13 H N N 176 
LEU HD21 H N N 177 
LEU HD22 H N N 178 
LEU HD23 H N N 179 
LEU HXT  H N N 180 
LYS N    N N N 181 
LYS CA   C N S 182 
LYS C    C N N 183 
LYS O    O N N 184 
LYS CB   C N N 185 
LYS CG   C N N 186 
LYS CD   C N N 187 
LYS CE   C N N 188 
LYS NZ   N N N 189 
LYS OXT  O N N 190 
LYS H    H N N 191 
LYS H2   H N N 192 
LYS HA   H N N 193 
LYS HB2  H N N 194 
LYS HB3  H N N 195 
LYS HG2  H N N 196 
LYS HG3  H N N 197 
LYS HD2  H N N 198 
LYS HD3  H N N 199 
LYS HE2  H N N 200 
LYS HE3  H N N 201 
LYS HZ1  H N N 202 
LYS HZ2  H N N 203 
LYS HZ3  H N N 204 
LYS HXT  H N N 205 
MET N    N N N 206 
MET CA   C N S 207 
MET C    C N N 208 
MET O    O N N 209 
MET CB   C N N 210 
MET CG   C N N 211 
MET SD   S N N 212 
MET CE   C N N 213 
MET OXT  O N N 214 
MET H    H N N 215 
MET H2   H N N 216 
MET HA   H N N 217 
MET HB2  H N N 218 
MET HB3  H N N 219 
MET HG2  H N N 220 
MET HG3  H N N 221 
MET HE1  H N N 222 
MET HE2  H N N 223 
MET HE3  H N N 224 
MET HXT  H N N 225 
PHE N    N N N 226 
PHE CA   C N S 227 
PHE C    C N N 228 
PHE O    O N N 229 
PHE CB   C N N 230 
PHE CG   C Y N 231 
PHE CD1  C Y N 232 
PHE CD2  C Y N 233 
PHE CE1  C Y N 234 
PHE CE2  C Y N 235 
PHE CZ   C Y N 236 
PHE OXT  O N N 237 
PHE H    H N N 238 
PHE H2   H N N 239 
PHE HA   H N N 240 
PHE HB2  H N N 241 
PHE HB3  H N N 242 
PHE HD1  H N N 243 
PHE HD2  H N N 244 
PHE HE1  H N N 245 
PHE HE2  H N N 246 
PHE HZ   H N N 247 
PHE HXT  H N N 248 
PRO N    N N N 249 
PRO CA   C N S 250 
PRO C    C N N 251 
PRO O    O N N 252 
PRO CB   C N N 253 
PRO CG   C N N 254 
PRO CD   C N N 255 
PRO OXT  O N N 256 
PRO H    H N N 257 
PRO HA   H N N 258 
PRO HB2  H N N 259 
PRO HB3  H N N 260 
PRO HG2  H N N 261 
PRO HG3  H N N 262 
PRO HD2  H N N 263 
PRO HD3  H N N 264 
PRO HXT  H N N 265 
THR N    N N N 266 
THR CA   C N S 267 
THR C    C N N 268 
THR O    O N N 269 
THR CB   C N R 270 
THR OG1  O N N 271 
THR CG2  C N N 272 
THR OXT  O N N 273 
THR H    H N N 274 
THR H2   H N N 275 
THR HA   H N N 276 
THR HB   H N N 277 
THR HG1  H N N 278 
THR HG21 H N N 279 
THR HG22 H N N 280 
THR HG23 H N N 281 
THR HXT  H N N 282 
TRP N    N N N 283 
TRP CA   C N S 284 
TRP C    C N N 285 
TRP O    O N N 286 
TRP CB   C N N 287 
TRP CG   C Y N 288 
TRP CD1  C Y N 289 
TRP CD2  C Y N 290 
TRP NE1  N Y N 291 
TRP CE2  C Y N 292 
TRP CE3  C Y N 293 
TRP CZ2  C Y N 294 
TRP CZ3  C Y N 295 
TRP CH2  C Y N 296 
TRP OXT  O N N 297 
TRP H    H N N 298 
TRP H2   H N N 299 
TRP HA   H N N 300 
TRP HB2  H N N 301 
TRP HB3  H N N 302 
TRP HD1  H N N 303 
TRP HE1  H N N 304 
TRP HE3  H N N 305 
TRP HZ2  H N N 306 
TRP HZ3  H N N 307 
TRP HH2  H N N 308 
TRP HXT  H N N 309 
TYR N    N N N 310 
TYR CA   C N S 311 
TYR C    C N N 312 
TYR O    O N N 313 
TYR CB   C N N 314 
TYR CG   C Y N 315 
TYR CD1  C Y N 316 
TYR CD2  C Y N 317 
TYR CE1  C Y N 318 
TYR CE2  C Y N 319 
TYR CZ   C Y N 320 
TYR OH   O N N 321 
TYR OXT  O N N 322 
TYR H    H N N 323 
TYR H2   H N N 324 
TYR HA   H N N 325 
TYR HB2  H N N 326 
TYR HB3  H N N 327 
TYR HD1  H N N 328 
TYR HD2  H N N 329 
TYR HE1  H N N 330 
TYR HE2  H N N 331 
TYR HH   H N N 332 
TYR HXT  H N N 333 
VAL N    N N N 334 
VAL CA   C N S 335 
VAL C    C N N 336 
VAL O    O N N 337 
VAL CB   C N N 338 
VAL CG1  C N N 339 
VAL CG2  C N N 340 
VAL OXT  O N N 341 
VAL H    H N N 342 
VAL H2   H N N 343 
VAL HA   H N N 344 
VAL HB   H N N 345 
VAL HG11 H N N 346 
VAL HG12 H N N 347 
VAL HG13 H N N 348 
VAL HG21 H N N 349 
VAL HG22 H N N 350 
VAL HG23 H N N 351 
VAL HXT  H N N 352 
# 
loop_
_chem_comp_bond.comp_id 
_chem_comp_bond.atom_id_1 
_chem_comp_bond.atom_id_2 
_chem_comp_bond.value_order 
_chem_comp_bond.pdbx_aromatic_flag 
_chem_comp_bond.pdbx_stereo_config 
_chem_comp_bond.pdbx_ordinal 
ALA N   CA   sing N N 1   
ALA N   H    sing N N 2   
ALA N   H2   sing N N 3   
ALA CA  C    sing N N 4   
ALA CA  CB   sing N N 5   
ALA CA  HA   sing N N 6   
ALA C   O    doub N N 7   
ALA C   OXT  sing N N 8   
ALA CB  HB1  sing N N 9   
ALA CB  HB2  sing N N 10  
ALA CB  HB3  sing N N 11  
ALA OXT HXT  sing N N 12  
ARG N   CA   sing N N 13  
ARG N   H    sing N N 14  
ARG N   H2   sing N N 15  
ARG CA  C    sing N N 16  
ARG CA  CB   sing N N 17  
ARG CA  HA   sing N N 18  
ARG C   O    doub N N 19  
ARG C   OXT  sing N N 20  
ARG CB  CG   sing N N 21  
ARG CB  HB2  sing N N 22  
ARG CB  HB3  sing N N 23  
ARG CG  CD   sing N N 24  
ARG CG  HG2  sing N N 25  
ARG CG  HG3  sing N N 26  
ARG CD  NE   sing N N 27  
ARG CD  HD2  sing N N 28  
ARG CD  HD3  sing N N 29  
ARG NE  CZ   sing N N 30  
ARG NE  HE   sing N N 31  
ARG CZ  NH1  sing N N 32  
ARG CZ  NH2  doub N N 33  
ARG NH1 HH11 sing N N 34  
ARG NH1 HH12 sing N N 35  
ARG NH2 HH21 sing N N 36  
ARG NH2 HH22 sing N N 37  
ARG OXT HXT  sing N N 38  
ASN N   CA   sing N N 39  
ASN N   H    sing N N 40  
ASN N   H2   sing N N 41  
ASN CA  C    sing N N 42  
ASN CA  CB   sing N N 43  
ASN CA  HA   sing N N 44  
ASN C   O    doub N N 45  
ASN C   OXT  sing N N 46  
ASN CB  CG   sing N N 47  
ASN CB  HB2  sing N N 48  
ASN CB  HB3  sing N N 49  
ASN CG  OD1  doub N N 50  
ASN CG  ND2  sing N N 51  
ASN ND2 HD21 sing N N 52  
ASN ND2 HD22 sing N N 53  
ASN OXT HXT  sing N N 54  
ASP N   CA   sing N N 55  
ASP N   H    sing N N 56  
ASP N   H2   sing N N 57  
ASP CA  C    sing N N 58  
ASP CA  CB   sing N N 59  
ASP CA  HA   sing N N 60  
ASP C   O    doub N N 61  
ASP C   OXT  sing N N 62  
ASP CB  CG   sing N N 63  
ASP CB  HB2  sing N N 64  
ASP CB  HB3  sing N N 65  
ASP CG  OD1  doub N N 66  
ASP CG  OD2  sing N N 67  
ASP OD2 HD2  sing N N 68  
ASP OXT HXT  sing N N 69  
CYS N   CA   sing N N 70  
CYS N   H    sing N N 71  
CYS N   H2   sing N N 72  
CYS CA  C    sing N N 73  
CYS CA  CB   sing N N 74  
CYS CA  HA   sing N N 75  
CYS C   O    doub N N 76  
CYS C   OXT  sing N N 77  
CYS CB  SG   sing N N 78  
CYS CB  HB2  sing N N 79  
CYS CB  HB3  sing N N 80  
CYS SG  HG   sing N N 81  
CYS OXT HXT  sing N N 82  
GLN N   CA   sing N N 83  
GLN N   H    sing N N 84  
GLN N   H2   sing N N 85  
GLN CA  C    sing N N 86  
GLN CA  CB   sing N N 87  
GLN CA  HA   sing N N 88  
GLN C   O    doub N N 89  
GLN C   OXT  sing N N 90  
GLN CB  CG   sing N N 91  
GLN CB  HB2  sing N N 92  
GLN CB  HB3  sing N N 93  
GLN CG  CD   sing N N 94  
GLN CG  HG2  sing N N 95  
GLN CG  HG3  sing N N 96  
GLN CD  OE1  doub N N 97  
GLN CD  NE2  sing N N 98  
GLN NE2 HE21 sing N N 99  
GLN NE2 HE22 sing N N 100 
GLN OXT HXT  sing N N 101 
GLU N   CA   sing N N 102 
GLU N   H    sing N N 103 
GLU N   H2   sing N N 104 
GLU CA  C    sing N N 105 
GLU CA  CB   sing N N 106 
GLU CA  HA   sing N N 107 
GLU C   O    doub N N 108 
GLU C   OXT  sing N N 109 
GLU CB  CG   sing N N 110 
GLU CB  HB2  sing N N 111 
GLU CB  HB3  sing N N 112 
GLU CG  CD   sing N N 113 
GLU CG  HG2  sing N N 114 
GLU CG  HG3  sing N N 115 
GLU CD  OE1  doub N N 116 
GLU CD  OE2  sing N N 117 
GLU OE2 HE2  sing N N 118 
GLU OXT HXT  sing N N 119 
GLY N   CA   sing N N 120 
GLY N   H    sing N N 121 
GLY N   H2   sing N N 122 
GLY CA  C    sing N N 123 
GLY CA  HA2  sing N N 124 
GLY CA  HA3  sing N N 125 
GLY C   O    doub N N 126 
GLY C   OXT  sing N N 127 
GLY OXT HXT  sing N N 128 
ILE N   CA   sing N N 129 
ILE N   H    sing N N 130 
ILE N   H2   sing N N 131 
ILE CA  C    sing N N 132 
ILE CA  CB   sing N N 133 
ILE CA  HA   sing N N 134 
ILE C   O    doub N N 135 
ILE C   OXT  sing N N 136 
ILE CB  CG1  sing N N 137 
ILE CB  CG2  sing N N 138 
ILE CB  HB   sing N N 139 
ILE CG1 CD1  sing N N 140 
ILE CG1 HG12 sing N N 141 
ILE CG1 HG13 sing N N 142 
ILE CG2 HG21 sing N N 143 
ILE CG2 HG22 sing N N 144 
ILE CG2 HG23 sing N N 145 
ILE CD1 HD11 sing N N 146 
ILE CD1 HD12 sing N N 147 
ILE CD1 HD13 sing N N 148 
ILE OXT HXT  sing N N 149 
LEU N   CA   sing N N 150 
LEU N   H    sing N N 151 
LEU N   H2   sing N N 152 
LEU CA  C    sing N N 153 
LEU CA  CB   sing N N 154 
LEU CA  HA   sing N N 155 
LEU C   O    doub N N 156 
LEU C   OXT  sing N N 157 
LEU CB  CG   sing N N 158 
LEU CB  HB2  sing N N 159 
LEU CB  HB3  sing N N 160 
LEU CG  CD1  sing N N 161 
LEU CG  CD2  sing N N 162 
LEU CG  HG   sing N N 163 
LEU CD1 HD11 sing N N 164 
LEU CD1 HD12 sing N N 165 
LEU CD1 HD13 sing N N 166 
LEU CD2 HD21 sing N N 167 
LEU CD2 HD22 sing N N 168 
LEU CD2 HD23 sing N N 169 
LEU OXT HXT  sing N N 170 
LYS N   CA   sing N N 171 
LYS N   H    sing N N 172 
LYS N   H2   sing N N 173 
LYS CA  C    sing N N 174 
LYS CA  CB   sing N N 175 
LYS CA  HA   sing N N 176 
LYS C   O    doub N N 177 
LYS C   OXT  sing N N 178 
LYS CB  CG   sing N N 179 
LYS CB  HB2  sing N N 180 
LYS CB  HB3  sing N N 181 
LYS CG  CD   sing N N 182 
LYS CG  HG2  sing N N 183 
LYS CG  HG3  sing N N 184 
LYS CD  CE   sing N N 185 
LYS CD  HD2  sing N N 186 
LYS CD  HD3  sing N N 187 
LYS CE  NZ   sing N N 188 
LYS CE  HE2  sing N N 189 
LYS CE  HE3  sing N N 190 
LYS NZ  HZ1  sing N N 191 
LYS NZ  HZ2  sing N N 192 
LYS NZ  HZ3  sing N N 193 
LYS OXT HXT  sing N N 194 
MET N   CA   sing N N 195 
MET N   H    sing N N 196 
MET N   H2   sing N N 197 
MET CA  C    sing N N 198 
MET CA  CB   sing N N 199 
MET CA  HA   sing N N 200 
MET C   O    doub N N 201 
MET C   OXT  sing N N 202 
MET CB  CG   sing N N 203 
MET CB  HB2  sing N N 204 
MET CB  HB3  sing N N 205 
MET CG  SD   sing N N 206 
MET CG  HG2  sing N N 207 
MET CG  HG3  sing N N 208 
MET SD  CE   sing N N 209 
MET CE  HE1  sing N N 210 
MET CE  HE2  sing N N 211 
MET CE  HE3  sing N N 212 
MET OXT HXT  sing N N 213 
PHE N   CA   sing N N 214 
PHE N   H    sing N N 215 
PHE N   H2   sing N N 216 
PHE CA  C    sing N N 217 
PHE CA  CB   sing N N 218 
PHE CA  HA   sing N N 219 
PHE C   O    doub N N 220 
PHE C   OXT  sing N N 221 
PHE CB  CG   sing N N 222 
PHE CB  HB2  sing N N 223 
PHE CB  HB3  sing N N 224 
PHE CG  CD1  doub Y N 225 
PHE CG  CD2  sing Y N 226 
PHE CD1 CE1  sing Y N 227 
PHE CD1 HD1  sing N N 228 
PHE CD2 CE2  doub Y N 229 
PHE CD2 HD2  sing N N 230 
PHE CE1 CZ   doub Y N 231 
PHE CE1 HE1  sing N N 232 
PHE CE2 CZ   sing Y N 233 
PHE CE2 HE2  sing N N 234 
PHE CZ  HZ   sing N N 235 
PHE OXT HXT  sing N N 236 
PRO N   CA   sing N N 237 
PRO N   CD   sing N N 238 
PRO N   H    sing N N 239 
PRO CA  C    sing N N 240 
PRO CA  CB   sing N N 241 
PRO CA  HA   sing N N 242 
PRO C   O    doub N N 243 
PRO C   OXT  sing N N 244 
PRO CB  CG   sing N N 245 
PRO CB  HB2  sing N N 246 
PRO CB  HB3  sing N N 247 
PRO CG  CD   sing N N 248 
PRO CG  HG2  sing N N 249 
PRO CG  HG3  sing N N 250 
PRO CD  HD2  sing N N 251 
PRO CD  HD3  sing N N 252 
PRO OXT HXT  sing N N 253 
THR N   CA   sing N N 254 
THR N   H    sing N N 255 
THR N   H2   sing N N 256 
THR CA  C    sing N N 257 
THR CA  CB   sing N N 258 
THR CA  HA   sing N N 259 
THR C   O    doub N N 260 
THR C   OXT  sing N N 261 
THR CB  OG1  sing N N 262 
THR CB  CG2  sing N N 263 
THR CB  HB   sing N N 264 
THR OG1 HG1  sing N N 265 
THR CG2 HG21 sing N N 266 
THR CG2 HG22 sing N N 267 
THR CG2 HG23 sing N N 268 
THR OXT HXT  sing N N 269 
TRP N   CA   sing N N 270 
TRP N   H    sing N N 271 
TRP N   H2   sing N N 272 
TRP CA  C    sing N N 273 
TRP CA  CB   sing N N 274 
TRP CA  HA   sing N N 275 
TRP C   O    doub N N 276 
TRP C   OXT  sing N N 277 
TRP CB  CG   sing N N 278 
TRP CB  HB2  sing N N 279 
TRP CB  HB3  sing N N 280 
TRP CG  CD1  doub Y N 281 
TRP CG  CD2  sing Y N 282 
TRP CD1 NE1  sing Y N 283 
TRP CD1 HD1  sing N N 284 
TRP CD2 CE2  doub Y N 285 
TRP CD2 CE3  sing Y N 286 
TRP NE1 CE2  sing Y N 287 
TRP NE1 HE1  sing N N 288 
TRP CE2 CZ2  sing Y N 289 
TRP CE3 CZ3  doub Y N 290 
TRP CE3 HE3  sing N N 291 
TRP CZ2 CH2  doub Y N 292 
TRP CZ2 HZ2  sing N N 293 
TRP CZ3 CH2  sing Y N 294 
TRP CZ3 HZ3  sing N N 295 
TRP CH2 HH2  sing N N 296 
TRP OXT HXT  sing N N 297 
TYR N   CA   sing N N 298 
TYR N   H    sing N N 299 
TYR N   H2   sing N N 300 
TYR CA  C    sing N N 301 
TYR CA  CB   sing N N 302 
TYR CA  HA   sing N N 303 
TYR C   O    doub N N 304 
TYR C   OXT  sing N N 305 
TYR CB  CG   sing N N 306 
TYR CB  HB2  sing N N 307 
TYR CB  HB3  sing N N 308 
TYR CG  CD1  doub Y N 309 
TYR CG  CD2  sing Y N 310 
TYR CD1 CE1  sing Y N 311 
TYR CD1 HD1  sing N N 312 
TYR CD2 CE2  doub Y N 313 
TYR CD2 HD2  sing N N 314 
TYR CE1 CZ   doub Y N 315 
TYR CE1 HE1  sing N N 316 
TYR CE2 CZ   sing Y N 317 
TYR CE2 HE2  sing N N 318 
TYR CZ  OH   sing N N 319 
TYR OH  HH   sing N N 320 
TYR OXT HXT  sing N N 321 
VAL N   CA   sing N N 322 
VAL N   H    sing N N 323 
VAL N   H2   sing N N 324 
VAL CA  C    sing N N 325 
VAL CA  CB   sing N N 326 
VAL CA  HA   sing N N 327 
VAL C   O    doub N N 328 
VAL C   OXT  sing N N 329 
VAL CB  CG1  sing N N 330 
VAL CB  CG2  sing N N 331 
VAL CB  HB   sing N N 332 
VAL CG1 HG11 sing N N 333 
VAL CG1 HG12 sing N N 334 
VAL CG1 HG13 sing N N 335 
VAL CG2 HG21 sing N N 336 
VAL CG2 HG22 sing N N 337 
VAL CG2 HG23 sing N N 338 
VAL OXT HXT  sing N N 339 
# 
_pdbx_nmr_spectrometer.field_strength    500 
_pdbx_nmr_spectrometer.manufacturer      Bruker 
_pdbx_nmr_spectrometer.model             DMX 
_pdbx_nmr_spectrometer.spectrometer_id   1 
_pdbx_nmr_spectrometer.type              'Bruker DMX' 
# 
_atom_sites.entry_id                    2K6N 
_atom_sites.fract_transf_matrix[1][1]   1.000000 
_atom_sites.fract_transf_matrix[1][2]   0.000000 
_atom_sites.fract_transf_matrix[1][3]   0.000000 
_atom_sites.fract_transf_matrix[2][1]   0.000000 
_atom_sites.fract_transf_matrix[2][2]   1.000000 
_atom_sites.fract_transf_matrix[2][3]   0.000000 
_atom_sites.fract_transf_matrix[3][1]   0.000000 
_atom_sites.fract_transf_matrix[3][2]   0.000000 
_atom_sites.fract_transf_matrix[3][3]   1.000000 
_atom_sites.fract_transf_vector[1]      0.00000 
_atom_sites.fract_transf_vector[2]      0.00000 
_atom_sites.fract_transf_vector[3]      0.00000 
# 
loop_
_atom_type.symbol 
C 
H 
N 
O 
S 
# 
loop_
_atom_site.group_PDB 
_atom_site.id 
_atom_site.type_symbol 
_atom_site.label_atom_id 
_atom_site.label_alt_id 
_atom_site.label_comp_id 
_atom_site.label_asym_id 
_atom_site.label_entity_id 
_atom_site.label_seq_id 
_atom_site.pdbx_PDB_ins_code 
_atom_site.Cartn_x 
_atom_site.Cartn_y 
_atom_site.Cartn_z 
_atom_site.occupancy 
_atom_site.B_iso_or_equiv 
_atom_site.pdbx_formal_charge 
_atom_site.auth_seq_id 
_atom_site.auth_comp_id 
_atom_site.auth_asym_id 
_atom_site.auth_atom_id 
_atom_site.pdbx_PDB_model_num 
ATOM 1    N N    . MET A 1 1  ? -3.623  -22.763 6.355   1.00 0.00 ? 10 MET A N    1 
ATOM 2    C CA   . MET A 1 1  ? -3.934  -21.520 5.600   1.00 0.00 ? 10 MET A CA   1 
ATOM 3    C C    . MET A 1 1  ? -4.995  -20.692 6.316   1.00 0.00 ? 10 MET A C    1 
ATOM 4    O O    . MET A 1 1  ? -4.994  -19.463 6.240   1.00 0.00 ? 10 MET A O    1 
ATOM 5    C CB   . MET A 1 1  ? -4.420  -21.908 4.203   1.00 0.00 ? 10 MET A CB   1 
ATOM 6    C CG   . MET A 1 1  ? -4.252  -20.804 3.172   1.00 0.00 ? 10 MET A CG   1 
ATOM 7    S SD   . MET A 1 1  ? -4.996  -21.219 1.582   1.00 0.00 ? 10 MET A SD   1 
ATOM 8    C CE   . MET A 1 1  ? -4.394  -22.891 1.354   1.00 0.00 ? 10 MET A CE   1 
ATOM 9    H H1   . MET A 1 1  ? -4.389  -23.442 6.177   1.00 0.00 ? 10 MET A H1   1 
ATOM 10   H H2   . MET A 1 1  ? -3.567  -22.515 7.364   1.00 0.00 ? 10 MET A H2   1 
ATOM 11   H H3   . MET A 1 1  ? -2.713  -23.127 6.005   1.00 0.00 ? 10 MET A H3   1 
ATOM 12   H HA   . MET A 1 1  ? -3.030  -20.936 5.513   1.00 0.00 ? 10 MET A HA   1 
ATOM 13   H HB2  . MET A 1 1  ? -3.864  -22.772 3.867   1.00 0.00 ? 10 MET A HB2  1 
ATOM 14   H HB3  . MET A 1 1  ? -5.468  -22.164 4.257   1.00 0.00 ? 10 MET A HB3  1 
ATOM 15   H HG2  . MET A 1 1  ? -4.720  -19.906 3.547   1.00 0.00 ? 10 MET A HG2  1 
ATOM 16   H HG3  . MET A 1 1  ? -3.197  -20.624 3.024   1.00 0.00 ? 10 MET A HG3  1 
ATOM 17   H HE1  . MET A 1 1  ? -4.558  -23.196 0.330   1.00 0.00 ? 10 MET A HE1  1 
ATOM 18   H HE2  . MET A 1 1  ? -4.925  -23.558 2.017   1.00 0.00 ? 10 MET A HE2  1 
ATOM 19   H HE3  . MET A 1 1  ? -3.338  -22.927 1.576   1.00 0.00 ? 10 MET A HE3  1 
ATOM 20   N N    . LEU A 1 2  ? -5.901  -21.373 7.011   1.00 0.00 ? 11 LEU A N    1 
ATOM 21   C CA   . LEU A 1 2  ? -6.968  -20.699 7.741   1.00 0.00 ? 11 LEU A CA   1 
ATOM 22   C C    . LEU A 1 2  ? -6.466  -20.182 9.085   1.00 0.00 ? 11 LEU A C    1 
ATOM 23   O O    . LEU A 1 2  ? -6.735  -19.041 9.463   1.00 0.00 ? 11 LEU A O    1 
ATOM 24   C CB   . LEU A 1 2  ? -8.146  -21.651 7.956   1.00 0.00 ? 11 LEU A CB   1 
ATOM 25   C CG   . LEU A 1 2  ? -8.848  -22.111 6.678   1.00 0.00 ? 11 LEU A CG   1 
ATOM 26   C CD1  . LEU A 1 2  ? -10.040 -22.996 7.012   1.00 0.00 ? 11 LEU A CD1  1 
ATOM 27   C CD2  . LEU A 1 2  ? -9.287  -20.913 5.850   1.00 0.00 ? 11 LEU A CD2  1 
ATOM 28   H H    . LEU A 1 2  ? -5.850  -22.351 7.034   1.00 0.00 ? 11 LEU A H    1 
ATOM 29   H HA   . LEU A 1 2  ? -7.298  -19.861 7.147   1.00 0.00 ? 11 LEU A HA   1 
ATOM 30   H HB2  . LEU A 1 2  ? -7.785  -22.525 8.480   1.00 0.00 ? 11 LEU A HB2  1 
ATOM 31   H HB3  . LEU A 1 2  ? -8.875  -21.154 8.579   1.00 0.00 ? 11 LEU A HB3  1 
ATOM 32   H HG   . LEU A 1 2  ? -8.158  -22.693 6.085   1.00 0.00 ? 11 LEU A HG   1 
ATOM 33   H HD11 . LEU A 1 2  ? -10.122 -23.783 6.277   1.00 0.00 ? 11 LEU A HD11 1 
ATOM 34   H HD12 . LEU A 1 2  ? -10.942 -22.402 7.006   1.00 0.00 ? 11 LEU A HD12 1 
ATOM 35   H HD13 . LEU A 1 2  ? -9.902  -23.430 7.991   1.00 0.00 ? 11 LEU A HD13 1 
ATOM 36   H HD21 . LEU A 1 2  ? -10.082 -21.208 5.181   1.00 0.00 ? 11 LEU A HD21 1 
ATOM 37   H HD22 . LEU A 1 2  ? -8.451  -20.546 5.275   1.00 0.00 ? 11 LEU A HD22 1 
ATOM 38   H HD23 . LEU A 1 2  ? -9.642  -20.133 6.507   1.00 0.00 ? 11 LEU A HD23 1 
ATOM 39   N N    . ALA A 1 3  ? -5.735  -21.028 9.804   1.00 0.00 ? 12 ALA A N    1 
ATOM 40   C CA   . ALA A 1 3  ? -5.196  -20.657 11.106  1.00 0.00 ? 12 ALA A CA   1 
ATOM 41   C C    . ALA A 1 3  ? -4.165  -19.542 10.974  1.00 0.00 ? 12 ALA A C    1 
ATOM 42   O O    . ALA A 1 3  ? -4.110  -18.631 11.802  1.00 0.00 ? 12 ALA A O    1 
ATOM 43   C CB   . ALA A 1 3  ? -4.581  -21.869 11.788  1.00 0.00 ? 12 ALA A CB   1 
ATOM 44   H H    . ALA A 1 3  ? -5.555  -21.924 9.449   1.00 0.00 ? 12 ALA A H    1 
ATOM 45   H HA   . ALA A 1 3  ? -6.014  -20.306 11.718  1.00 0.00 ? 12 ALA A HA   1 
ATOM 46   H HB1  . ALA A 1 3  ? -3.761  -22.240 11.192  1.00 0.00 ? 12 ALA A HB1  1 
ATOM 47   H HB2  . ALA A 1 3  ? -5.329  -22.641 11.893  1.00 0.00 ? 12 ALA A HB2  1 
ATOM 48   H HB3  . ALA A 1 3  ? -4.217  -21.586 12.765  1.00 0.00 ? 12 ALA A HB3  1 
ATOM 49   N N    . LYS A 1 4  ? -3.347  -19.619 9.929   1.00 0.00 ? 13 LYS A N    1 
ATOM 50   C CA   . LYS A 1 4  ? -2.317  -18.616 9.689   1.00 0.00 ? 13 LYS A CA   1 
ATOM 51   C C    . LYS A 1 4  ? -2.698  -17.715 8.519   1.00 0.00 ? 13 LYS A C    1 
ATOM 52   O O    . LYS A 1 4  ? -3.319  -18.161 7.555   1.00 0.00 ? 13 LYS A O    1 
ATOM 53   C CB   . LYS A 1 4  ? -0.973  -19.291 9.411   1.00 0.00 ? 13 LYS A CB   1 
ATOM 54   C CG   . LYS A 1 4  ? -0.646  -20.414 10.382  1.00 0.00 ? 13 LYS A CG   1 
ATOM 55   C CD   . LYS A 1 4  ? 0.626   -21.145 9.981   1.00 0.00 ? 13 LYS A CD   1 
ATOM 56   C CE   . LYS A 1 4  ? 0.763   -22.469 10.714  1.00 0.00 ? 13 LYS A CE   1 
ATOM 57   N NZ   . LYS A 1 4  ? 2.162   -22.710 11.168  1.00 0.00 ? 13 LYS A NZ   1 
ATOM 58   H H    . LYS A 1 4  ? -3.440  -20.369 9.305   1.00 0.00 ? 13 LYS A H    1 
ATOM 59   H HA   . LYS A 1 4  ? -2.229  -18.010 10.579  1.00 0.00 ? 13 LYS A HA   1 
ATOM 60   H HB2  . LYS A 1 4  ? -0.988  -19.700 8.412   1.00 0.00 ? 13 LYS A HB2  1 
ATOM 61   H HB3  . LYS A 1 4  ? -0.191  -18.549 9.475   1.00 0.00 ? 13 LYS A HB3  1 
ATOM 62   H HG2  . LYS A 1 4  ? -0.513  -19.997 11.369  1.00 0.00 ? 13 LYS A HG2  1 
ATOM 63   H HG3  . LYS A 1 4  ? -1.466  -21.117 10.393  1.00 0.00 ? 13 LYS A HG3  1 
ATOM 64   H HD2  . LYS A 1 4  ? 0.601   -21.334 8.918   1.00 0.00 ? 13 LYS A HD2  1 
ATOM 65   H HD3  . LYS A 1 4  ? 1.476   -20.522 10.217  1.00 0.00 ? 13 LYS A HD3  1 
ATOM 66   H HE2  . LYS A 1 4  ? 0.113   -22.459 11.576  1.00 0.00 ? 13 LYS A HE2  1 
ATOM 67   H HE3  . LYS A 1 4  ? 0.467   -23.266 10.049  1.00 0.00 ? 13 LYS A HE3  1 
ATOM 68   H HZ1  . LYS A 1 4  ? 2.225   -23.624 11.659  1.00 0.00 ? 13 LYS A HZ1  1 
ATOM 69   H HZ2  . LYS A 1 4  ? 2.462   -21.957 11.819  1.00 0.00 ? 13 LYS A HZ2  1 
ATOM 70   H HZ3  . LYS A 1 4  ? 2.805   -22.722 10.351  1.00 0.00 ? 13 LYS A HZ3  1 
ATOM 71   N N    . LEU A 1 5  ? -2.321  -16.443 8.610   1.00 0.00 ? 14 LEU A N    1 
ATOM 72   C CA   . LEU A 1 5  ? -2.624  -15.479 7.560   1.00 0.00 ? 14 LEU A CA   1 
ATOM 73   C C    . LEU A 1 5  ? -1.374  -15.141 6.754   1.00 0.00 ? 14 LEU A C    1 
ATOM 74   O O    . LEU A 1 5  ? -0.414  -14.581 7.284   1.00 0.00 ? 14 LEU A O    1 
ATOM 75   C CB   . LEU A 1 5  ? -3.216  -14.204 8.163   1.00 0.00 ? 14 LEU A CB   1 
ATOM 76   C CG   . LEU A 1 5  ? -4.617  -14.361 8.759   1.00 0.00 ? 14 LEU A CG   1 
ATOM 77   C CD1  . LEU A 1 5  ? -4.952  -13.177 9.653   1.00 0.00 ? 14 LEU A CD1  1 
ATOM 78   C CD2  . LEU A 1 5  ? -5.652  -14.506 7.653   1.00 0.00 ? 14 LEU A CD2  1 
ATOM 79   H H    . LEU A 1 5  ? -1.828  -16.146 9.404   1.00 0.00 ? 14 LEU A H    1 
ATOM 80   H HA   . LEU A 1 5  ? -3.352  -15.926 6.900   1.00 0.00 ? 14 LEU A HA   1 
ATOM 81   H HB2  . LEU A 1 5  ? -2.553  -13.858 8.942   1.00 0.00 ? 14 LEU A HB2  1 
ATOM 82   H HB3  . LEU A 1 5  ? -3.260  -13.452 7.391   1.00 0.00 ? 14 LEU A HB3  1 
ATOM 83   H HG   . LEU A 1 5  ? -4.646  -15.254 9.365   1.00 0.00 ? 14 LEU A HG   1 
ATOM 84   H HD11 . LEU A 1 5  ? -5.522  -13.518 10.503  1.00 0.00 ? 14 LEU A HD11 1 
ATOM 85   H HD12 . LEU A 1 5  ? -5.532  -12.457 9.095   1.00 0.00 ? 14 LEU A HD12 1 
ATOM 86   H HD13 . LEU A 1 5  ? -4.038  -12.714 9.995   1.00 0.00 ? 14 LEU A HD13 1 
ATOM 87   H HD21 . LEU A 1 5  ? -6.546  -14.959 8.055   1.00 0.00 ? 14 LEU A HD21 1 
ATOM 88   H HD22 . LEU A 1 5  ? -5.254  -15.130 6.867   1.00 0.00 ? 14 LEU A HD22 1 
ATOM 89   H HD23 . LEU A 1 5  ? -5.891  -13.531 7.253   1.00 0.00 ? 14 LEU A HD23 1 
ATOM 90   N N    . CYS A 1 6  ? -1.392  -15.485 5.471   1.00 0.00 ? 15 CYS A N    1 
ATOM 91   C CA   . CYS A 1 6  ? -0.259  -15.219 4.592   1.00 0.00 ? 15 CYS A CA   1 
ATOM 92   C C    . CYS A 1 6  ? -0.357  -13.820 3.990   1.00 0.00 ? 15 CYS A C    1 
ATOM 93   O O    . CYS A 1 6  ? -1.161  -13.576 3.090   1.00 0.00 ? 15 CYS A O    1 
ATOM 94   C CB   . CYS A 1 6  ? -0.195  -16.264 3.476   1.00 0.00 ? 15 CYS A CB   1 
ATOM 95   S SG   . CYS A 1 6  ? 1.485   -16.738 3.004   1.00 0.00 ? 15 CYS A SG   1 
ATOM 96   H H    . CYS A 1 6  ? -2.186  -15.930 5.106   1.00 0.00 ? 15 CYS A H    1 
ATOM 97   H HA   . CYS A 1 6  ? 0.642   -15.281 5.183   1.00 0.00 ? 15 CYS A HA   1 
ATOM 98   H HB2  . CYS A 1 6  ? -0.708  -17.157 3.800   1.00 0.00 ? 15 CYS A HB2  1 
ATOM 99   H HB3  . CYS A 1 6  ? -0.687  -15.873 2.598   1.00 0.00 ? 15 CYS A HB3  1 
ATOM 100  H HG   . CYS A 1 6  ? 1.597   -16.539 2.071   1.00 0.00 ? 15 CYS A HG   1 
ATOM 101  N N    . LYS A 1 7  ? 0.466   -12.907 4.493   1.00 0.00 ? 16 LYS A N    1 
ATOM 102  C CA   . LYS A 1 7  ? 0.471   -11.532 4.005   1.00 0.00 ? 16 LYS A CA   1 
ATOM 103  C C    . LYS A 1 7  ? 1.376   -11.389 2.786   1.00 0.00 ? 16 LYS A C    1 
ATOM 104  O O    . LYS A 1 7  ? 2.601   -11.432 2.900   1.00 0.00 ? 16 LYS A O    1 
ATOM 105  C CB   . LYS A 1 7  ? 0.932   -10.578 5.108   1.00 0.00 ? 16 LYS A CB   1 
ATOM 106  C CG   . LYS A 1 7  ? 0.037   -10.593 6.337   1.00 0.00 ? 16 LYS A CG   1 
ATOM 107  C CD   . LYS A 1 7  ? -0.105  -9.205  6.941   1.00 0.00 ? 16 LYS A CD   1 
ATOM 108  C CE   . LYS A 1 7  ? -1.534  -8.933  7.383   1.00 0.00 ? 16 LYS A CE   1 
ATOM 109  N NZ   . LYS A 1 7  ? -1.674  -7.592  8.016   1.00 0.00 ? 16 LYS A NZ   1 
ATOM 110  H H    . LYS A 1 7  ? 1.084   -13.162 5.209   1.00 0.00 ? 16 LYS A H    1 
ATOM 111  H HA   . LYS A 1 7  ? -0.538  -11.278 3.720   1.00 0.00 ? 16 LYS A HA   1 
ATOM 112  H HB2  . LYS A 1 7  ? 1.930   -10.853 5.413   1.00 0.00 ? 16 LYS A HB2  1 
ATOM 113  H HB3  . LYS A 1 7  ? 0.949   -9.572  4.714   1.00 0.00 ? 16 LYS A HB3  1 
ATOM 114  H HG2  . LYS A 1 7  ? -0.940  -10.953 6.054   1.00 0.00 ? 16 LYS A HG2  1 
ATOM 115  H HG3  . LYS A 1 7  ? 0.468   -11.255 7.075   1.00 0.00 ? 16 LYS A HG3  1 
ATOM 116  H HD2  . LYS A 1 7  ? 0.548   -9.128  7.799   1.00 0.00 ? 16 LYS A HD2  1 
ATOM 117  H HD3  . LYS A 1 7  ? 0.180   -8.470  6.202   1.00 0.00 ? 16 LYS A HD3  1 
ATOM 118  H HE2  . LYS A 1 7  ? -2.180  -8.982  6.521   1.00 0.00 ? 16 LYS A HE2  1 
ATOM 119  H HE3  . LYS A 1 7  ? -1.827  -9.691  8.097   1.00 0.00 ? 16 LYS A HE3  1 
ATOM 120  H HZ1  . LYS A 1 7  ? -2.391  -7.624  8.769   1.00 0.00 ? 16 LYS A HZ1  1 
ATOM 121  H HZ2  . LYS A 1 7  ? -1.964  -6.890  7.306   1.00 0.00 ? 16 LYS A HZ2  1 
ATOM 122  H HZ3  . LYS A 1 7  ? -0.766  -7.295  8.429   1.00 0.00 ? 16 LYS A HZ3  1 
ATOM 123  N N    . THR A 1 8  ? 0.764   -11.217 1.619   1.00 0.00 ? 17 THR A N    1 
ATOM 124  C CA   . THR A 1 8  ? 1.513   -11.065 0.378   1.00 0.00 ? 17 THR A CA   1 
ATOM 125  C C    . THR A 1 8  ? 1.219   -9.718  -0.272  1.00 0.00 ? 17 THR A C    1 
ATOM 126  O O    . THR A 1 8  ? 0.060   -9.371  -0.507  1.00 0.00 ? 17 THR A O    1 
ATOM 127  C CB   . THR A 1 8  ? 1.169   -12.198 -0.592  1.00 0.00 ? 17 THR A CB   1 
ATOM 128  O OG1  . THR A 1 8  ? 1.953   -12.105 -1.768  1.00 0.00 ? 17 THR A OG1  1 
ATOM 129  C CG2  . THR A 1 8  ? -0.285  -12.207 -1.009  1.00 0.00 ? 17 THR A CG2  1 
ATOM 130  H H    . THR A 1 8  ? -0.216  -11.191 1.592   1.00 0.00 ? 17 THR A H    1 
ATOM 131  H HA   . THR A 1 8  ? 2.565   -11.115 0.616   1.00 0.00 ? 17 THR A HA   1 
ATOM 132  H HB   . THR A 1 8  ? 1.384   -13.144 -0.115  1.00 0.00 ? 17 THR A HB   1 
ATOM 133  H HG1  . THR A 1 8  ? 2.157   -12.986 -2.089  1.00 0.00 ? 17 THR A HG1  1 
ATOM 134  H HG21 . THR A 1 8  ? -0.897  -11.864 -0.188  1.00 0.00 ? 17 THR A HG21 1 
ATOM 135  H HG22 . THR A 1 8  ? -0.576  -13.212 -1.281  1.00 0.00 ? 17 THR A HG22 1 
ATOM 136  H HG23 . THR A 1 8  ? -0.421  -11.552 -1.857  1.00 0.00 ? 17 THR A HG23 1 
ATOM 137  N N    . ILE A 1 9  ? 2.273   -8.959  -0.554  1.00 0.00 ? 18 ILE A N    1 
ATOM 138  C CA   . ILE A 1 9  ? 2.132   -7.650  -1.167  1.00 0.00 ? 18 ILE A CA   1 
ATOM 139  C C    . ILE A 1 9  ? 2.138   -7.754  -2.690  1.00 0.00 ? 18 ILE A C    1 
ATOM 140  O O    . ILE A 1 9  ? 2.856   -8.572  -3.265  1.00 0.00 ? 18 ILE A O    1 
ATOM 141  C CB   . ILE A 1 9  ? 3.270   -6.715  -0.704  1.00 0.00 ? 18 ILE A CB   1 
ATOM 142  C CG1  . ILE A 1 9  ? 2.991   -6.185  0.710   1.00 0.00 ? 18 ILE A CG1  1 
ATOM 143  C CG2  . ILE A 1 9  ? 3.467   -5.562  -1.682  1.00 0.00 ? 18 ILE A CG2  1 
ATOM 144  C CD1  . ILE A 1 9  ? 2.279   -7.170  1.617   1.00 0.00 ? 18 ILE A CD1  1 
ATOM 145  H H    . ILE A 1 9  ? 3.170   -9.284  -0.336  1.00 0.00 ? 18 ILE A H    1 
ATOM 146  H HA   . ILE A 1 9  ? 1.191   -7.227  -0.847  1.00 0.00 ? 18 ILE A HA   1 
ATOM 147  H HB   . ILE A 1 9  ? 4.184   -7.290  -0.684  1.00 0.00 ? 18 ILE A HB   1 
ATOM 148  H HG12 . ILE A 1 9  ? 3.926   -5.934  1.179   1.00 0.00 ? 18 ILE A HG12 1 
ATOM 149  H HG13 . ILE A 1 9  ? 2.380   -5.298  0.639   1.00 0.00 ? 18 ILE A HG13 1 
ATOM 150  H HG21 . ILE A 1 9  ? 4.121   -4.824  -1.244  1.00 0.00 ? 18 ILE A HG21 1 
ATOM 151  H HG22 . ILE A 1 9  ? 2.513   -5.110  -1.904  1.00 0.00 ? 18 ILE A HG22 1 
ATOM 152  H HG23 . ILE A 1 9  ? 3.908   -5.937  -2.594  1.00 0.00 ? 18 ILE A HG23 1 
ATOM 153  H HD11 . ILE A 1 9  ? 2.234   -6.769  2.618   1.00 0.00 ? 18 ILE A HD11 1 
ATOM 154  H HD12 . ILE A 1 9  ? 2.819   -8.105  1.628   1.00 0.00 ? 18 ILE A HD12 1 
ATOM 155  H HD13 . ILE A 1 9  ? 1.277   -7.337  1.252   1.00 0.00 ? 18 ILE A HD13 1 
ATOM 156  N N    . TYR A 1 10 ? 1.336   -6.913  -3.335  1.00 0.00 ? 19 TYR A N    1 
ATOM 157  C CA   . TYR A 1 10 ? 1.251   -6.902  -4.787  1.00 0.00 ? 19 TYR A CA   1 
ATOM 158  C C    . TYR A 1 10 ? 2.303   -5.937  -5.345  1.00 0.00 ? 19 TYR A C    1 
ATOM 159  O O    . TYR A 1 10 ? 2.573   -4.895  -4.748  1.00 0.00 ? 19 TYR A O    1 
ATOM 160  C CB   . TYR A 1 10 ? -0.175  -6.514  -5.236  1.00 0.00 ? 19 TYR A CB   1 
ATOM 161  C CG   . TYR A 1 10 ? -1.255  -7.511  -4.811  1.00 0.00 ? 19 TYR A CG   1 
ATOM 162  C CD1  . TYR A 1 10 ? -1.001  -8.465  -3.825  1.00 0.00 ? 19 TYR A CD1  1 
ATOM 163  C CD2  . TYR A 1 10 ? -2.531  -7.506  -5.391  1.00 0.00 ? 19 TYR A CD2  1 
ATOM 164  C CE1  . TYR A 1 10 ? -1.966  -9.372  -3.436  1.00 0.00 ? 19 TYR A CE1  1 
ATOM 165  C CE2  . TYR A 1 10 ? -3.496  -8.416  -4.999  1.00 0.00 ? 19 TYR A CE2  1 
ATOM 166  C CZ   . TYR A 1 10 ? -3.207  -9.345  -4.023  1.00 0.00 ? 19 TYR A CZ   1 
ATOM 167  O OH   . TYR A 1 10 ? -4.164  -10.255 -3.636  1.00 0.00 ? 19 TYR A OH   1 
ATOM 168  H H    . TYR A 1 10 ? 0.792   -6.282  -2.820  1.00 0.00 ? 19 TYR A H    1 
ATOM 169  H HA   . TYR A 1 10 ? 1.474   -7.900  -5.137  1.00 0.00 ? 19 TYR A HA   1 
ATOM 170  H HB2  . TYR A 1 10 ? -0.428  -5.553  -4.811  1.00 0.00 ? 19 TYR A HB2  1 
ATOM 171  H HB3  . TYR A 1 10 ? -0.196  -6.444  -6.316  1.00 0.00 ? 19 TYR A HB3  1 
ATOM 172  H HD1  . TYR A 1 10 ? -0.033  -8.492  -3.359  1.00 0.00 ? 19 TYR A HD1  1 
ATOM 173  H HD2  . TYR A 1 10 ? -2.769  -6.780  -6.158  1.00 0.00 ? 19 TYR A HD2  1 
ATOM 174  H HE1  . TYR A 1 10 ? -1.740  -10.101 -2.671  1.00 0.00 ? 19 TYR A HE1  1 
ATOM 175  H HE2  . TYR A 1 10 ? -4.474  -8.396  -5.456  1.00 0.00 ? 19 TYR A HE2  1 
ATOM 176  H HH   . TYR A 1 10 ? -3.966  -11.112 -4.019  1.00 0.00 ? 19 TYR A HH   1 
ATOM 177  N N    . PRO A 1 11 ? 2.936   -6.281  -6.483  1.00 0.00 ? 20 PRO A N    1 
ATOM 178  C CA   . PRO A 1 11 ? 3.986   -5.454  -7.099  1.00 0.00 ? 20 PRO A CA   1 
ATOM 179  C C    . PRO A 1 11 ? 3.554   -4.010  -7.323  1.00 0.00 ? 20 PRO A C    1 
ATOM 180  O O    . PRO A 1 11 ? 2.698   -3.729  -8.161  1.00 0.00 ? 20 PRO A O    1 
ATOM 181  C CB   . PRO A 1 11 ? 4.260   -6.149  -8.440  1.00 0.00 ? 20 PRO A CB   1 
ATOM 182  C CG   . PRO A 1 11 ? 3.115   -7.082  -8.634  1.00 0.00 ? 20 PRO A CG   1 
ATOM 183  C CD   . PRO A 1 11 ? 2.701   -7.504  -7.255  1.00 0.00 ? 20 PRO A CD   1 
ATOM 184  H HA   . PRO A 1 11 ? 4.887   -5.463  -6.502  1.00 0.00 ? 20 PRO A HA   1 
ATOM 185  H HB2  . PRO A 1 11 ? 4.304   -5.410  -9.230  1.00 0.00 ? 20 PRO A HB2  1 
ATOM 186  H HB3  . PRO A 1 11 ? 5.199   -6.684  -8.386  1.00 0.00 ? 20 PRO A HB3  1 
ATOM 187  H HG2  . PRO A 1 11 ? 2.307   -6.564  -9.123  1.00 0.00 ? 20 PRO A HG2  1 
ATOM 188  H HG3  . PRO A 1 11 ? 3.426   -7.938  -9.214  1.00 0.00 ? 20 PRO A HG3  1 
ATOM 189  H HD2  . PRO A 1 11 ? 1.656   -7.783  -7.239  1.00 0.00 ? 20 PRO A HD2  1 
ATOM 190  H HD3  . PRO A 1 11 ? 3.323   -8.314  -6.899  1.00 0.00 ? 20 PRO A HD3  1 
ATOM 191  N N    . LEU A 1 12 ? 4.158   -3.100  -6.561  1.00 0.00 ? 21 LEU A N    1 
ATOM 192  C CA   . LEU A 1 12 ? 3.850   -1.672  -6.652  1.00 0.00 ? 21 LEU A CA   1 
ATOM 193  C C    . LEU A 1 12 ? 3.631   -1.205  -8.089  1.00 0.00 ? 21 LEU A C    1 
ATOM 194  O O    . LEU A 1 12 ? 2.686   -0.477  -8.365  1.00 0.00 ? 21 LEU A O    1 
ATOM 195  C CB   . LEU A 1 12 ? 4.973   -0.848  -6.024  1.00 0.00 ? 21 LEU A CB   1 
ATOM 196  C CG   . LEU A 1 12 ? 6.390   -1.294  -6.390  1.00 0.00 ? 21 LEU A CG   1 
ATOM 197  C CD1  . LEU A 1 12 ? 6.935   -0.454  -7.537  1.00 0.00 ? 21 LEU A CD1  1 
ATOM 198  C CD2  . LEU A 1 12 ? 7.308   -1.204  -5.180  1.00 0.00 ? 21 LEU A CD2  1 
ATOM 199  H H    . LEU A 1 12 ? 4.831   -3.397  -5.912  1.00 0.00 ? 21 LEU A H    1 
ATOM 200  H HA   . LEU A 1 12 ? 2.944   -1.499  -6.092  1.00 0.00 ? 21 LEU A HA   1 
ATOM 201  H HB2  . LEU A 1 12 ? 4.848   0.180   -6.341  1.00 0.00 ? 21 LEU A HB2  1 
ATOM 202  H HB3  . LEU A 1 12 ? 4.869   -0.894  -4.950  1.00 0.00 ? 21 LEU A HB3  1 
ATOM 203  H HG   . LEU A 1 12 ? 6.364   -2.324  -6.715  1.00 0.00 ? 21 LEU A HG   1 
ATOM 204  H HD11 . LEU A 1 12 ? 6.413   0.492   -7.568  1.00 0.00 ? 21 LEU A HD11 1 
ATOM 205  H HD12 . LEU A 1 12 ? 6.786   -0.978  -8.469  1.00 0.00 ? 21 LEU A HD12 1 
ATOM 206  H HD13 . LEU A 1 12 ? 7.989   -0.279  -7.386  1.00 0.00 ? 21 LEU A HD13 1 
ATOM 207  H HD21 . LEU A 1 12 ? 7.218   -0.226  -4.731  1.00 0.00 ? 21 LEU A HD21 1 
ATOM 208  H HD22 . LEU A 1 12 ? 8.331   -1.365  -5.491  1.00 0.00 ? 21 LEU A HD22 1 
ATOM 209  H HD23 . LEU A 1 12 ? 7.029   -1.958  -4.460  1.00 0.00 ? 21 LEU A HD23 1 
ATOM 210  N N    . ALA A 1 13 ? 4.508   -1.612  -8.999  1.00 0.00 ? 22 ALA A N    1 
ATOM 211  C CA   . ALA A 1 13 ? 4.390   -1.204  -10.399 1.00 0.00 ? 22 ALA A CA   1 
ATOM 212  C C    . ALA A 1 13 ? 3.084   -1.698  -11.002 1.00 0.00 ? 22 ALA A C    1 
ATOM 213  O O    . ALA A 1 13 ? 2.266   -0.916  -11.486 1.00 0.00 ? 22 ALA A O    1 
ATOM 214  C CB   . ALA A 1 13 ? 5.574   -1.721  -11.203 1.00 0.00 ? 22 ALA A CB   1 
ATOM 215  H H    . ALA A 1 13 ? 5.247   -2.195  -8.729  1.00 0.00 ? 22 ALA A H    1 
ATOM 216  H HA   . ALA A 1 13 ? 4.407   -0.124  -10.433 1.00 0.00 ? 22 ALA A HA   1 
ATOM 217  H HB1  . ALA A 1 13 ? 5.257   -1.935  -12.213 1.00 0.00 ? 22 ALA A HB1  1 
ATOM 218  H HB2  . ALA A 1 13 ? 5.952   -2.623  -10.746 1.00 0.00 ? 22 ALA A HB2  1 
ATOM 219  H HB3  . ALA A 1 13 ? 6.351   -0.972  -11.221 1.00 0.00 ? 22 ALA A HB3  1 
ATOM 220  N N    . ASP A 1 14 ? 2.906   -3.007  -10.960 1.00 0.00 ? 23 ASP A N    1 
ATOM 221  C CA   . ASP A 1 14 ? 1.719   -3.662  -11.485 1.00 0.00 ? 23 ASP A CA   1 
ATOM 222  C C    . ASP A 1 14 ? 0.425   -3.006  -11.002 1.00 0.00 ? 23 ASP A C    1 
ATOM 223  O O    . ASP A 1 14 ? -0.625  -3.183  -11.611 1.00 0.00 ? 23 ASP A O    1 
ATOM 224  C CB   . ASP A 1 14 ? 1.730   -5.117  -11.042 1.00 0.00 ? 23 ASP A CB   1 
ATOM 225  C CG   . ASP A 1 14 ? 1.896   -6.084  -12.197 1.00 0.00 ? 23 ASP A CG   1 
ATOM 226  O OD1  . ASP A 1 14 ? 2.486   -5.689  -13.224 1.00 0.00 ? 23 ASP A OD1  1 
ATOM 227  O OD2  . ASP A 1 14 ? 1.439   -7.240  -12.071 1.00 0.00 ? 23 ASP A OD2  1 
ATOM 228  H H    . ASP A 1 14 ? 3.606   -3.561  -10.560 1.00 0.00 ? 23 ASP A H    1 
ATOM 229  H HA   . ASP A 1 14 ? 1.760   -3.623  -12.562 1.00 0.00 ? 23 ASP A HA   1 
ATOM 230  H HB2  . ASP A 1 14 ? 2.553   -5.258  -10.357 1.00 0.00 ? 23 ASP A HB2  1 
ATOM 231  H HB3  . ASP A 1 14 ? 0.800   -5.335  -10.535 1.00 0.00 ? 23 ASP A HB3  1 
ATOM 232  N N    . LEU A 1 15 ? 0.493   -2.279  -9.895  1.00 0.00 ? 24 LEU A N    1 
ATOM 233  C CA   . LEU A 1 15 ? -0.699  -1.637  -9.338  1.00 0.00 ? 24 LEU A CA   1 
ATOM 234  C C    . LEU A 1 15 ? -0.589  -0.121  -9.352  1.00 0.00 ? 24 LEU A C    1 
ATOM 235  O O    . LEU A 1 15 ? -1.600  0.582   -9.361  1.00 0.00 ? 24 LEU A O    1 
ATOM 236  C CB   . LEU A 1 15 ? -0.946  -2.125  -7.911  1.00 0.00 ? 24 LEU A CB   1 
ATOM 237  C CG   . LEU A 1 15 ? 0.312   -2.451  -7.099  1.00 0.00 ? 24 LEU A CG   1 
ATOM 238  C CD1  . LEU A 1 15 ? 0.396   -1.580  -5.862  1.00 0.00 ? 24 LEU A CD1  1 
ATOM 239  C CD2  . LEU A 1 15 ? 0.323   -3.921  -6.722  1.00 0.00 ? 24 LEU A CD2  1 
ATOM 240  H H    . LEU A 1 15 ? 1.350   -2.183  -9.435  1.00 0.00 ? 24 LEU A H    1 
ATOM 241  H HA   . LEU A 1 15 ? -1.538  -1.919  -9.951  1.00 0.00 ? 24 LEU A HA   1 
ATOM 242  H HB2  . LEU A 1 15 ? -1.503  -1.361  -7.387  1.00 0.00 ? 24 LEU A HB2  1 
ATOM 243  H HB3  . LEU A 1 15 ? -1.556  -3.015  -7.962  1.00 0.00 ? 24 LEU A HB3  1 
ATOM 244  H HG   . LEU A 1 15 ? 1.184   -2.252  -7.694  1.00 0.00 ? 24 LEU A HG   1 
ATOM 245  H HD11 . LEU A 1 15 ? 1.088   -0.770  -6.038  1.00 0.00 ? 24 LEU A HD11 1 
ATOM 246  H HD12 . LEU A 1 15 ? 0.739   -2.172  -5.026  1.00 0.00 ? 24 LEU A HD12 1 
ATOM 247  H HD13 . LEU A 1 15 ? -0.578  -1.179  -5.642  1.00 0.00 ? 24 LEU A HD13 1 
ATOM 248  H HD21 . LEU A 1 15 ? 0.813   -4.043  -5.769  1.00 0.00 ? 24 LEU A HD21 1 
ATOM 249  H HD22 . LEU A 1 15 ? 0.852   -4.482  -7.476  1.00 0.00 ? 24 LEU A HD22 1 
ATOM 250  H HD23 . LEU A 1 15 ? -0.691  -4.280  -6.654  1.00 0.00 ? 24 LEU A HD23 1 
ATOM 251  N N    . LEU A 1 16 ? 0.632   0.379   -9.347  1.00 0.00 ? 25 LEU A N    1 
ATOM 252  C CA   . LEU A 1 16 ? 0.853   1.818   -9.354  1.00 0.00 ? 25 LEU A CA   1 
ATOM 253  C C    . LEU A 1 16 ? 0.349   2.451   -10.652 1.00 0.00 ? 25 LEU A C    1 
ATOM 254  O O    . LEU A 1 16 ? 0.251   3.674   -10.755 1.00 0.00 ? 25 LEU A O    1 
ATOM 255  C CB   . LEU A 1 16 ? 2.336   2.127   -9.142  1.00 0.00 ? 25 LEU A CB   1 
ATOM 256  C CG   . LEU A 1 16 ? 2.656   3.602   -8.900  1.00 0.00 ? 25 LEU A CG   1 
ATOM 257  C CD1  . LEU A 1 16 ? 1.836   4.127   -7.733  1.00 0.00 ? 25 LEU A CD1  1 
ATOM 258  C CD2  . LEU A 1 16 ? 4.144   3.790   -8.643  1.00 0.00 ? 25 LEU A CD2  1 
ATOM 259  H H    . LEU A 1 16 ? 1.402   -0.231  -9.336  1.00 0.00 ? 25 LEU A H    1 
ATOM 260  H HA   . LEU A 1 16 ? 0.291   2.234   -8.532  1.00 0.00 ? 25 LEU A HA   1 
ATOM 261  H HB2  . LEU A 1 16 ? 2.674   1.566   -8.281  1.00 0.00 ? 25 LEU A HB2  1 
ATOM 262  H HB3  . LEU A 1 16 ? 2.884   1.796   -10.010 1.00 0.00 ? 25 LEU A HB3  1 
ATOM 263  H HG   . LEU A 1 16 ? 2.390   4.171   -9.779  1.00 0.00 ? 25 LEU A HG   1 
ATOM 264  H HD11 . LEU A 1 16 ? 1.122   4.852   -8.092  1.00 0.00 ? 25 LEU A HD11 1 
ATOM 265  H HD12 . LEU A 1 16 ? 2.491   4.592   -7.011  1.00 0.00 ? 25 LEU A HD12 1 
ATOM 266  H HD13 . LEU A 1 16 ? 1.311   3.305   -7.266  1.00 0.00 ? 25 LEU A HD13 1 
ATOM 267  H HD21 . LEU A 1 16 ? 4.352   4.838   -8.482  1.00 0.00 ? 25 LEU A HD21 1 
ATOM 268  H HD22 . LEU A 1 16 ? 4.705   3.439   -9.497  1.00 0.00 ? 25 LEU A HD22 1 
ATOM 269  H HD23 . LEU A 1 16 ? 4.433   3.227   -7.767  1.00 0.00 ? 25 LEU A HD23 1 
ATOM 270  N N    . ALA A 1 17 ? 0.024   1.610   -11.638 1.00 0.00 ? 26 ALA A N    1 
ATOM 271  C CA   . ALA A 1 17 ? -0.481  2.085   -12.929 1.00 0.00 ? 26 ALA A CA   1 
ATOM 272  C C    . ALA A 1 17 ? -0.485  0.959   -13.961 1.00 0.00 ? 26 ALA A C    1 
ATOM 273  O O    . ALA A 1 17 ? -0.065  1.146   -15.103 1.00 0.00 ? 26 ALA A O    1 
ATOM 274  C CB   . ALA A 1 17 ? 0.351   3.258   -13.434 1.00 0.00 ? 26 ALA A CB   1 
ATOM 275  H H    . ALA A 1 17 ? 0.119   0.646   -11.491 1.00 0.00 ? 26 ALA A H    1 
ATOM 276  H HA   . ALA A 1 17 ? -1.495  2.430   -12.784 1.00 0.00 ? 26 ALA A HA   1 
ATOM 277  H HB1  . ALA A 1 17 ? 0.296   3.302   -14.512 1.00 0.00 ? 26 ALA A HB1  1 
ATOM 278  H HB2  . ALA A 1 17 ? 1.380   3.126   -13.131 1.00 0.00 ? 26 ALA A HB2  1 
ATOM 279  H HB3  . ALA A 1 17 ? -0.032  4.177   -13.017 1.00 0.00 ? 26 ALA A HB3  1 
ATOM 280  N N    . ARG A 1 18 ? -0.946  -0.215  -13.543 1.00 0.00 ? 27 ARG A N    1 
ATOM 281  C CA   . ARG A 1 18 ? -0.990  -1.382  -14.419 1.00 0.00 ? 27 ARG A CA   1 
ATOM 282  C C    . ARG A 1 18 ? -2.129  -2.319  -14.018 1.00 0.00 ? 27 ARG A C    1 
ATOM 283  O O    . ARG A 1 18 ? -2.420  -2.453  -12.834 1.00 0.00 ? 27 ARG A O    1 
ATOM 284  C CB   . ARG A 1 18 ? 0.355   -2.116  -14.331 1.00 0.00 ? 27 ARG A CB   1 
ATOM 285  C CG   . ARG A 1 18 ? 0.414   -3.439  -15.080 1.00 0.00 ? 27 ARG A CG   1 
ATOM 286  C CD   . ARG A 1 18 ? -0.137  -4.597  -14.261 1.00 0.00 ? 27 ARG A CD   1 
ATOM 287  N NE   . ARG A 1 18 ? 0.401   -5.879  -14.716 1.00 0.00 ? 27 ARG A NE   1 
ATOM 288  C CZ   . ARG A 1 18 ? -0.058  -7.064  -14.323 1.00 0.00 ? 27 ARG A CZ   1 
ATOM 289  N NH1  . ARG A 1 18 ? -1.065  -7.143  -13.463 1.00 0.00 ? 27 ARG A NH1  1 
ATOM 290  N NH2  . ARG A 1 18 ? 0.493   -8.176  -14.791 1.00 0.00 ? 27 ARG A NH2  1 
ATOM 291  H H    . ARG A 1 18 ? -1.256  -0.304  -12.617 1.00 0.00 ? 27 ARG A H    1 
ATOM 292  H HA   . ARG A 1 18 ? -1.146  -1.042  -15.432 1.00 0.00 ? 27 ARG A HA   1 
ATOM 293  H HB2  . ARG A 1 18 ? 1.123   -1.473  -14.732 1.00 0.00 ? 27 ARG A HB2  1 
ATOM 294  H HB3  . ARG A 1 18 ? 0.572   -2.307  -13.294 1.00 0.00 ? 27 ARG A HB3  1 
ATOM 295  H HG2  . ARG A 1 18 ? -0.158  -3.355  -15.984 1.00 0.00 ? 27 ARG A HG2  1 
ATOM 296  H HG3  . ARG A 1 18 ? 1.448   -3.649  -15.322 1.00 0.00 ? 27 ARG A HG3  1 
ATOM 297  H HD2  . ARG A 1 18 ? 0.131   -4.451  -13.225 1.00 0.00 ? 27 ARG A HD2  1 
ATOM 298  H HD3  . ARG A 1 18 ? -1.215  -4.613  -14.360 1.00 0.00 ? 27 ARG A HD3  1 
ATOM 299  H HE   . ARG A 1 18 ? 1.148   -5.853  -15.350 1.00 0.00 ? 27 ARG A HE   1 
ATOM 300  H HH11 . ARG A 1 18 ? -1.484  -6.310  -13.105 1.00 0.00 ? 27 ARG A HH11 1 
ATOM 301  H HH12 . ARG A 1 18 ? -1.405  -8.038  -13.173 1.00 0.00 ? 27 ARG A HH12 1 
ATOM 302  H HH21 . ARG A 1 18 ? 1.254   -8.124  -15.438 1.00 0.00 ? 27 ARG A HH21 1 
ATOM 303  H HH22 . ARG A 1 18 ? 0.148   -9.067  -14.496 1.00 0.00 ? 27 ARG A HH22 1 
ATOM 304  N N    . PRO A 1 19 ? -2.783  -2.986  -14.995 1.00 0.00 ? 28 PRO A N    1 
ATOM 305  C CA   . PRO A 1 19 ? -3.878  -3.928  -14.732 1.00 0.00 ? 28 PRO A CA   1 
ATOM 306  C C    . PRO A 1 19 ? -3.606  -4.805  -13.506 1.00 0.00 ? 28 PRO A C    1 
ATOM 307  O O    . PRO A 1 19 ? -3.297  -5.990  -13.618 1.00 0.00 ? 28 PRO A O    1 
ATOM 308  C CB   . PRO A 1 19 ? -3.936  -4.784  -16.012 1.00 0.00 ? 28 PRO A CB   1 
ATOM 309  C CG   . PRO A 1 19 ? -2.837  -4.280  -16.899 1.00 0.00 ? 28 PRO A CG   1 
ATOM 310  C CD   . PRO A 1 19 ? -2.519  -2.891  -16.430 1.00 0.00 ? 28 PRO A CD   1 
ATOM 311  H HA   . PRO A 1 19 ? -4.817  -3.412  -14.599 1.00 0.00 ? 28 PRO A HA   1 
ATOM 312  H HB2  . PRO A 1 19 ? -3.785  -5.826  -15.757 1.00 0.00 ? 28 PRO A HB2  1 
ATOM 313  H HB3  . PRO A 1 19 ? -4.906  -4.660  -16.481 1.00 0.00 ? 28 PRO A HB3  1 
ATOM 314  H HG2  . PRO A 1 19 ? -1.970  -4.916  -16.804 1.00 0.00 ? 28 PRO A HG2  1 
ATOM 315  H HG3  . PRO A 1 19 ? -3.175  -4.260  -17.925 1.00 0.00 ? 28 PRO A HG3  1 
ATOM 316  H HD2  . PRO A 1 19 ? -1.486  -2.646  -16.625 1.00 0.00 ? 28 PRO A HD2  1 
ATOM 317  H HD3  . PRO A 1 19 ? -3.177  -2.173  -16.898 1.00 0.00 ? 28 PRO A HD3  1 
ATOM 318  N N    . LEU A 1 20 ? -3.718  -4.184  -12.340 1.00 0.00 ? 29 LEU A N    1 
ATOM 319  C CA   . LEU A 1 20 ? -3.484  -4.843  -11.058 1.00 0.00 ? 29 LEU A CA   1 
ATOM 320  C C    . LEU A 1 20 ? -4.583  -5.841  -10.707 1.00 0.00 ? 29 LEU A C    1 
ATOM 321  O O    . LEU A 1 20 ? -5.692  -5.784  -11.239 1.00 0.00 ? 29 LEU A O    1 
ATOM 322  C CB   . LEU A 1 20 ? -3.386  -3.798  -9.949  1.00 0.00 ? 29 LEU A CB   1 
ATOM 323  C CG   . LEU A 1 20 ? -4.537  -2.786  -9.912  1.00 0.00 ? 29 LEU A CG   1 
ATOM 324  C CD1  . LEU A 1 20 ? -5.806  -3.443  -9.395  1.00 0.00 ? 29 LEU A CD1  1 
ATOM 325  C CD2  . LEU A 1 20 ? -4.167  -1.583  -9.055  1.00 0.00 ? 29 LEU A CD2  1 
ATOM 326  H H    . LEU A 1 20 ? -3.955  -3.235  -12.343 1.00 0.00 ? 29 LEU A H    1 
ATOM 327  H HA   . LEU A 1 20 ? -2.544  -5.368  -11.124 1.00 0.00 ? 29 LEU A HA   1 
ATOM 328  H HB2  . LEU A 1 20 ? -3.355  -4.315  -8.997  1.00 0.00 ? 29 LEU A HB2  1 
ATOM 329  H HB3  . LEU A 1 20 ? -2.463  -3.256  -10.079 1.00 0.00 ? 29 LEU A HB3  1 
ATOM 330  H HG   . LEU A 1 20 ? -4.731  -2.434  -10.913 1.00 0.00 ? 29 LEU A HG   1 
ATOM 331  H HD11 . LEU A 1 20 ? -6.376  -2.726  -8.822  1.00 0.00 ? 29 LEU A HD11 1 
ATOM 332  H HD12 . LEU A 1 20 ? -5.547  -4.281  -8.766  1.00 0.00 ? 29 LEU A HD12 1 
ATOM 333  H HD13 . LEU A 1 20 ? -6.399  -3.789  -10.229 1.00 0.00 ? 29 LEU A HD13 1 
ATOM 334  H HD21 . LEU A 1 20 ? -4.999  -1.326  -8.416  1.00 0.00 ? 29 LEU A HD21 1 
ATOM 335  H HD22 . LEU A 1 20 ? -3.932  -0.745  -9.695  1.00 0.00 ? 29 LEU A HD22 1 
ATOM 336  H HD23 . LEU A 1 20 ? -3.308  -1.823  -8.449  1.00 0.00 ? 29 LEU A HD23 1 
ATOM 337  N N    . PRO A 1 21 ? -4.266  -6.781  -9.794  1.00 0.00 ? 30 PRO A N    1 
ATOM 338  C CA   . PRO A 1 21 ? -5.196  -7.814  -9.349  1.00 0.00 ? 30 PRO A CA   1 
ATOM 339  C C    . PRO A 1 21 ? -6.422  -7.247  -8.661  1.00 0.00 ? 30 PRO A C    1 
ATOM 340  O O    . PRO A 1 21 ? -6.816  -6.103  -8.886  1.00 0.00 ? 30 PRO A O    1 
ATOM 341  C CB   . PRO A 1 21 ? -4.379  -8.647  -8.352  1.00 0.00 ? 30 PRO A CB   1 
ATOM 342  C CG   . PRO A 1 21 ? -2.961  -8.324  -8.641  1.00 0.00 ? 30 PRO A CG   1 
ATOM 343  C CD   . PRO A 1 21 ? -2.962  -6.910  -9.128  1.00 0.00 ? 30 PRO A CD   1 
ATOM 344  H HA   . PRO A 1 21 ? -5.507  -8.440  -10.161 1.00 0.00 ? 30 PRO A HA   1 
ATOM 345  H HB2  . PRO A 1 21 ? -4.648  -8.366  -7.344  1.00 0.00 ? 30 PRO A HB2  1 
ATOM 346  H HB3  . PRO A 1 21 ? -4.584  -9.695  -8.505  1.00 0.00 ? 30 PRO A HB3  1 
ATOM 347  H HG2  . PRO A 1 21 ? -2.372  -8.411  -7.736  1.00 0.00 ? 30 PRO A HG2  1 
ATOM 348  H HG3  . PRO A 1 21 ? -2.581  -8.986  -9.409  1.00 0.00 ? 30 PRO A HG3  1 
ATOM 349  H HD2  . PRO A 1 21 ? -2.880  -6.221  -8.298  1.00 0.00 ? 30 PRO A HD2  1 
ATOM 350  H HD3  . PRO A 1 21 ? -2.168  -6.764  -9.825  1.00 0.00 ? 30 PRO A HD3  1 
ATOM 351  N N    . GLU A 1 22 ? -7.010  -8.071  -7.817  1.00 0.00 ? 31 GLU A N    1 
ATOM 352  C CA   . GLU A 1 22 ? -8.197  -7.687  -7.064  1.00 0.00 ? 31 GLU A CA   1 
ATOM 353  C C    . GLU A 1 22 ? -7.871  -7.517  -5.595  1.00 0.00 ? 31 GLU A C    1 
ATOM 354  O O    . GLU A 1 22 ? -8.322  -6.558  -4.968  1.00 0.00 ? 31 GLU A O    1 
ATOM 355  C CB   . GLU A 1 22 ? -9.319  -8.710  -7.250  1.00 0.00 ? 31 GLU A CB   1 
ATOM 356  C CG   . GLU A 1 22 ? -10.596 -8.354  -6.507  1.00 0.00 ? 31 GLU A CG   1 
ATOM 357  C CD   . GLU A 1 22 ? -11.346 -7.205  -7.154  1.00 0.00 ? 31 GLU A CD   1 
ATOM 358  O OE1  . GLU A 1 22 ? -10.823 -6.072  -7.140  1.00 0.00 ? 31 GLU A OE1  1 
ATOM 359  O OE2  . GLU A 1 22 ? -12.457 -7.441  -7.675  1.00 0.00 ? 31 GLU A OE2  1 
ATOM 360  H H    . GLU A 1 22 ? -6.624  -8.961  -7.695  1.00 0.00 ? 31 GLU A H    1 
ATOM 361  H HA   . GLU A 1 22 ? -8.519  -6.729  -7.441  1.00 0.00 ? 31 GLU A HA   1 
ATOM 362  H HB2  . GLU A 1 22 ? -9.551  -8.788  -8.303  1.00 0.00 ? 31 GLU A HB2  1 
ATOM 363  H HB3  . GLU A 1 22 ? -8.978  -9.671  -6.894  1.00 0.00 ? 31 GLU A HB3  1 
ATOM 364  H HG2  . GLU A 1 22 ? -11.241 -9.219  -6.488  1.00 0.00 ? 31 GLU A HG2  1 
ATOM 365  H HG3  . GLU A 1 22 ? -10.342 -8.073  -5.495  1.00 0.00 ? 31 GLU A HG3  1 
ATOM 366  N N    . GLY A 1 23 ? -7.055  -8.418  -5.046  1.00 0.00 ? 32 GLY A N    1 
ATOM 367  C CA   . GLY A 1 23 ? -6.666  -8.281  -3.654  1.00 0.00 ? 32 GLY A CA   1 
ATOM 368  C C    . GLY A 1 23 ? -6.209  -6.863  -3.390  1.00 0.00 ? 32 GLY A C    1 
ATOM 369  O O    . GLY A 1 23 ? -6.359  -6.332  -2.289  1.00 0.00 ? 32 GLY A O    1 
ATOM 370  H H    . GLY A 1 23 ? -6.696  -9.149  -5.591  1.00 0.00 ? 32 GLY A H    1 
ATOM 371  H HA2  . GLY A 1 23 ? -7.513  -8.512  -3.020  1.00 0.00 ? 32 GLY A HA2  1 
ATOM 372  H HA3  . GLY A 1 23 ? -5.855  -8.961  -3.438  1.00 0.00 ? 32 GLY A HA3  1 
ATOM 373  N N    . VAL A 1 24 ? -5.690  -6.242  -4.449  1.00 0.00 ? 33 VAL A N    1 
ATOM 374  C CA   . VAL A 1 24 ? -5.241  -4.869  -4.410  1.00 0.00 ? 33 VAL A CA   1 
ATOM 375  C C    . VAL A 1 24 ? -6.456  -3.943  -4.437  1.00 0.00 ? 33 VAL A C    1 
ATOM 376  O O    . VAL A 1 24 ? -7.134  -3.826  -5.458  1.00 0.00 ? 33 VAL A O    1 
ATOM 377  C CB   . VAL A 1 24 ? -4.311  -4.573  -5.618  1.00 0.00 ? 33 VAL A CB   1 
ATOM 378  C CG1  . VAL A 1 24 ? -4.703  -3.305  -6.364  1.00 0.00 ? 33 VAL A CG1  1 
ATOM 379  C CG2  . VAL A 1 24 ? -2.864  -4.494  -5.176  1.00 0.00 ? 33 VAL A CG2  1 
ATOM 380  H H    . VAL A 1 24 ? -5.633  -6.725  -5.299  1.00 0.00 ? 33 VAL A H    1 
ATOM 381  H HA   . VAL A 1 24 ? -4.690  -4.715  -3.495  1.00 0.00 ? 33 VAL A HA   1 
ATOM 382  H HB   . VAL A 1 24 ? -4.396  -5.399  -6.310  1.00 0.00 ? 33 VAL A HB   1 
ATOM 383  H HG11 . VAL A 1 24 ? -3.902  -3.019  -7.029  1.00 0.00 ? 33 VAL A HG11 1 
ATOM 384  H HG12 . VAL A 1 24 ? -4.885  -2.510  -5.657  1.00 0.00 ? 33 VAL A HG12 1 
ATOM 385  H HG13 . VAL A 1 24 ? -5.598  -3.490  -6.939  1.00 0.00 ? 33 VAL A HG13 1 
ATOM 386  H HG21 . VAL A 1 24 ? -2.560  -3.458  -5.131  1.00 0.00 ? 33 VAL A HG21 1 
ATOM 387  H HG22 . VAL A 1 24 ? -2.248  -5.023  -5.886  1.00 0.00 ? 33 VAL A HG22 1 
ATOM 388  H HG23 . VAL A 1 24 ? -2.760  -4.945  -4.201  1.00 0.00 ? 33 VAL A HG23 1 
ATOM 389  N N    . ASP A 1 25 ? -6.740  -3.298  -3.316  1.00 0.00 ? 34 ASP A N    1 
ATOM 390  C CA   . ASP A 1 25 ? -7.881  -2.401  -3.247  1.00 0.00 ? 34 ASP A CA   1 
ATOM 391  C C    . ASP A 1 25 ? -7.479  -1.013  -3.742  1.00 0.00 ? 34 ASP A C    1 
ATOM 392  O O    . ASP A 1 25 ? -6.440  -0.485  -3.345  1.00 0.00 ? 34 ASP A O    1 
ATOM 393  C CB   . ASP A 1 25 ? -8.426  -2.321  -1.818  1.00 0.00 ? 34 ASP A CB   1 
ATOM 394  C CG   . ASP A 1 25 ? -8.293  -3.631  -1.065  1.00 0.00 ? 34 ASP A CG   1 
ATOM 395  O OD1  . ASP A 1 25 ? -8.261  -4.692  -1.722  1.00 0.00 ? 34 ASP A OD1  1 
ATOM 396  O OD2  . ASP A 1 25 ? -8.221  -3.595  0.182   1.00 0.00 ? 34 ASP A OD2  1 
ATOM 397  H H    . ASP A 1 25 ? -6.180  -3.430  -2.524  1.00 0.00 ? 34 ASP A H    1 
ATOM 398  H HA   . ASP A 1 25 ? -8.647  -2.802  -3.900  1.00 0.00 ? 34 ASP A HA   1 
ATOM 399  H HB2  . ASP A 1 25 ? -7.884  -1.559  -1.273  1.00 0.00 ? 34 ASP A HB2  1 
ATOM 400  H HB3  . ASP A 1 25 ? -9.475  -2.055  -1.856  1.00 0.00 ? 34 ASP A HB3  1 
ATOM 401  N N    . PRO A 1 26 ? -8.284  -0.407  -4.630  1.00 0.00 ? 35 PRO A N    1 
ATOM 402  C CA   . PRO A 1 26 ? -7.984  0.915   -5.186  1.00 0.00 ? 35 PRO A CA   1 
ATOM 403  C C    . PRO A 1 26 ? -8.220  2.052   -4.196  1.00 0.00 ? 35 PRO A C    1 
ATOM 404  O O    . PRO A 1 26 ? -7.470  3.028   -4.173  1.00 0.00 ? 35 PRO A O    1 
ATOM 405  C CB   . PRO A 1 26 ? -8.950  1.024   -6.365  1.00 0.00 ? 35 PRO A CB   1 
ATOM 406  C CG   . PRO A 1 26 ? -10.106 0.167   -5.984  1.00 0.00 ? 35 PRO A CG   1 
ATOM 407  C CD   . PRO A 1 26 ? -9.536  -0.967  -5.176  1.00 0.00 ? 35 PRO A CD   1 
ATOM 408  H HA   . PRO A 1 26 ? -6.966  0.962   -5.549  1.00 0.00 ? 35 PRO A HA   1 
ATOM 409  H HB2  . PRO A 1 26 ? -9.247  2.056   -6.497  1.00 0.00 ? 35 PRO A HB2  1 
ATOM 410  H HB3  . PRO A 1 26 ? -8.471  0.661   -7.264  1.00 0.00 ? 35 PRO A HB3  1 
ATOM 411  H HG2  . PRO A 1 26 ? -10.804 0.737   -5.388  1.00 0.00 ? 35 PRO A HG2  1 
ATOM 412  H HG3  . PRO A 1 26 ? -10.592 -0.212  -6.871  1.00 0.00 ? 35 PRO A HG3  1 
ATOM 413  H HD2  . PRO A 1 26 ? -10.215 -1.241  -4.379  1.00 0.00 ? 35 PRO A HD2  1 
ATOM 414  H HD3  . PRO A 1 26 ? -9.332  -1.818  -5.812  1.00 0.00 ? 35 PRO A HD3  1 
ATOM 415  N N    . LEU A 1 27 ? -9.268  1.933   -3.387  1.00 0.00 ? 36 LEU A N    1 
ATOM 416  C CA   . LEU A 1 27 ? -9.593  2.967   -2.412  1.00 0.00 ? 36 LEU A CA   1 
ATOM 417  C C    . LEU A 1 27 ? -8.419  3.226   -1.471  1.00 0.00 ? 36 LEU A C    1 
ATOM 418  O O    . LEU A 1 27 ? -8.286  4.319   -0.921  1.00 0.00 ? 36 LEU A O    1 
ATOM 419  C CB   . LEU A 1 27 ? -10.870 2.616   -1.625  1.00 0.00 ? 36 LEU A CB   1 
ATOM 420  C CG   . LEU A 1 27 ? -10.782 1.428   -0.657  1.00 0.00 ? 36 LEU A CG   1 
ATOM 421  C CD1  . LEU A 1 27 ? -10.319 0.172   -1.374  1.00 0.00 ? 36 LEU A CD1  1 
ATOM 422  C CD2  . LEU A 1 27 ? -9.863  1.747   0.510   1.00 0.00 ? 36 LEU A CD2  1 
ATOM 423  H H    . LEU A 1 27 ? -9.835  1.141   -3.454  1.00 0.00 ? 36 LEU A H    1 
ATOM 424  H HA   . LEU A 1 27 ? -9.778  3.876   -2.967  1.00 0.00 ? 36 LEU A HA   1 
ATOM 425  H HB2  . LEU A 1 27 ? -11.159 3.488   -1.053  1.00 0.00 ? 36 LEU A HB2  1 
ATOM 426  H HB3  . LEU A 1 27 ? -11.654 2.404   -2.342  1.00 0.00 ? 36 LEU A HB3  1 
ATOM 427  H HG   . LEU A 1 27 ? -11.766 1.232   -0.259  1.00 0.00 ? 36 LEU A HG   1 
ATOM 428  H HD11 . LEU A 1 27 ? -10.380 -0.670  -0.700  1.00 0.00 ? 36 LEU A HD11 1 
ATOM 429  H HD12 . LEU A 1 27 ? -9.299  0.297   -1.701  1.00 0.00 ? 36 LEU A HD12 1 
ATOM 430  H HD13 . LEU A 1 27 ? -10.952 -0.008  -2.232  1.00 0.00 ? 36 LEU A HD13 1 
ATOM 431  H HD21 . LEU A 1 27 ? -10.300 1.374   1.425   1.00 0.00 ? 36 LEU A HD21 1 
ATOM 432  H HD22 . LEU A 1 27 ? -9.730  2.818   0.585   1.00 0.00 ? 36 LEU A HD22 1 
ATOM 433  H HD23 . LEU A 1 27 ? -8.908  1.276   0.351   1.00 0.00 ? 36 LEU A HD23 1 
ATOM 434  N N    . LYS A 1 28 ? -7.554  2.228   -1.306  1.00 0.00 ? 37 LYS A N    1 
ATOM 435  C CA   . LYS A 1 28 ? -6.384  2.379   -0.449  1.00 0.00 ? 37 LYS A CA   1 
ATOM 436  C C    . LYS A 1 28 ? -5.300  1.365   -0.809  1.00 0.00 ? 37 LYS A C    1 
ATOM 437  O O    . LYS A 1 28 ? -5.471  0.159   -0.635  1.00 0.00 ? 37 LYS A O    1 
ATOM 438  C CB   . LYS A 1 28 ? -6.766  2.274   1.034   1.00 0.00 ? 37 LYS A CB   1 
ATOM 439  C CG   . LYS A 1 28 ? -6.897  0.848   1.548   1.00 0.00 ? 37 LYS A CG   1 
ATOM 440  C CD   . LYS A 1 28 ? -7.863  0.768   2.720   1.00 0.00 ? 37 LYS A CD   1 
ATOM 441  C CE   . LYS A 1 28 ? -8.611  -0.556  2.740   1.00 0.00 ? 37 LYS A CE   1 
ATOM 442  N NZ   . LYS A 1 28 ? -8.691  -1.127  4.113   1.00 0.00 ? 37 LYS A NZ   1 
ATOM 443  H H    . LYS A 1 28 ? -7.696  1.383   -1.780  1.00 0.00 ? 37 LYS A H    1 
ATOM 444  H HA   . LYS A 1 28 ? -5.994  3.364   -0.635  1.00 0.00 ? 37 LYS A HA   1 
ATOM 445  H HB2  . LYS A 1 28 ? -6.006  2.772   1.621   1.00 0.00 ? 37 LYS A HB2  1 
ATOM 446  H HB3  . LYS A 1 28 ? -7.713  2.776   1.184   1.00 0.00 ? 37 LYS A HB3  1 
ATOM 447  H HG2  . LYS A 1 28 ? -7.262  0.219   0.749   1.00 0.00 ? 37 LYS A HG2  1 
ATOM 448  H HG3  . LYS A 1 28 ? -5.926  0.503   1.868   1.00 0.00 ? 37 LYS A HG3  1 
ATOM 449  H HD2  . LYS A 1 28 ? -7.307  0.870   3.639   1.00 0.00 ? 37 LYS A HD2  1 
ATOM 450  H HD3  . LYS A 1 28 ? -8.578  1.574   2.639   1.00 0.00 ? 37 LYS A HD3  1 
ATOM 451  H HE2  . LYS A 1 28 ? -9.611  -0.395  2.369   1.00 0.00 ? 37 LYS A HE2  1 
ATOM 452  H HE3  . LYS A 1 28 ? -8.097  -1.255  2.098   1.00 0.00 ? 37 LYS A HE3  1 
ATOM 453  H HZ1  . LYS A 1 28 ? -9.362  -0.579  4.689   1.00 0.00 ? 37 LYS A HZ1  1 
ATOM 454  H HZ2  . LYS A 1 28 ? -7.757  -1.097  4.568   1.00 0.00 ? 37 LYS A HZ2  1 
ATOM 455  H HZ3  . LYS A 1 28 ? -9.012  -2.115  4.071   1.00 0.00 ? 37 LYS A HZ3  1 
ATOM 456  N N    . LEU A 1 29 ? -4.188  1.874   -1.332  1.00 0.00 ? 38 LEU A N    1 
ATOM 457  C CA   . LEU A 1 29 ? -3.068  1.036   -1.743  1.00 0.00 ? 38 LEU A CA   1 
ATOM 458  C C    . LEU A 1 29 ? -2.084  0.781   -0.602  1.00 0.00 ? 38 LEU A C    1 
ATOM 459  O O    . LEU A 1 29 ? -1.350  -0.207  -0.616  1.00 0.00 ? 38 LEU A O    1 
ATOM 460  C CB   . LEU A 1 29 ? -2.336  1.697   -2.915  1.00 0.00 ? 38 LEU A CB   1 
ATOM 461  C CG   . LEU A 1 29 ? -3.233  2.214   -4.048  1.00 0.00 ? 38 LEU A CG   1 
ATOM 462  C CD1  . LEU A 1 29 ? -2.443  2.325   -5.344  1.00 0.00 ? 38 LEU A CD1  1 
ATOM 463  C CD2  . LEU A 1 29 ? -4.452  1.316   -4.239  1.00 0.00 ? 38 LEU A CD2  1 
ATOM 464  H H    . LEU A 1 29 ? -4.125  2.845   -1.456  1.00 0.00 ? 38 LEU A H    1 
ATOM 465  H HA   . LEU A 1 29 ? -3.467  0.091   -2.073  1.00 0.00 ? 38 LEU A HA   1 
ATOM 466  H HB2  . LEU A 1 29 ? -1.771  2.534   -2.524  1.00 0.00 ? 38 LEU A HB2  1 
ATOM 467  H HB3  . LEU A 1 29 ? -1.644  0.980   -3.329  1.00 0.00 ? 38 LEU A HB3  1 
ATOM 468  H HG   . LEU A 1 29 ? -3.586  3.203   -3.792  1.00 0.00 ? 38 LEU A HG   1 
ATOM 469  H HD11 . LEU A 1 29 ? -2.651  3.274   -5.813  1.00 0.00 ? 38 LEU A HD11 1 
ATOM 470  H HD12 . LEU A 1 29 ? -2.730  1.526   -6.011  1.00 0.00 ? 38 LEU A HD12 1 
ATOM 471  H HD13 . LEU A 1 29 ? -1.387  2.254   -5.130  1.00 0.00 ? 38 LEU A HD13 1 
ATOM 472  H HD21 . LEU A 1 29 ? -5.302  1.750   -3.734  1.00 0.00 ? 38 LEU A HD21 1 
ATOM 473  H HD22 . LEU A 1 29 ? -4.249  0.339   -3.828  1.00 0.00 ? 38 LEU A HD22 1 
ATOM 474  H HD23 . LEU A 1 29 ? -4.668  1.223   -5.294  1.00 0.00 ? 38 LEU A HD23 1 
ATOM 475  N N    . GLU A 1 30 ? -2.054  1.687   0.369   1.00 0.00 ? 39 GLU A N    1 
ATOM 476  C CA   . GLU A 1 30 ? -1.136  1.572   1.501   1.00 0.00 ? 39 GLU A CA   1 
ATOM 477  C C    . GLU A 1 30 ? -1.419  0.350   2.382   1.00 0.00 ? 39 GLU A C    1 
ATOM 478  O O    . GLU A 1 30 ? -0.677  0.088   3.329   1.00 0.00 ? 39 GLU A O    1 
ATOM 479  C CB   . GLU A 1 30 ? -1.193  2.844   2.349   1.00 0.00 ? 39 GLU A CB   1 
ATOM 480  C CG   . GLU A 1 30 ? -2.514  3.034   3.077   1.00 0.00 ? 39 GLU A CG   1 
ATOM 481  C CD   . GLU A 1 30 ? -2.328  3.416   4.533   1.00 0.00 ? 39 GLU A CD   1 
ATOM 482  O OE1  . GLU A 1 30 ? -1.834  2.572   5.309   1.00 0.00 ? 39 GLU A OE1  1 
ATOM 483  O OE2  . GLU A 1 30 ? -2.677  4.560   4.896   1.00 0.00 ? 39 GLU A OE2  1 
ATOM 484  H H    . GLU A 1 30 ? -2.650  2.464   0.315   1.00 0.00 ? 39 GLU A H    1 
ATOM 485  H HA   . GLU A 1 30 ? -0.139  1.476   1.099   1.00 0.00 ? 39 GLU A HA   1 
ATOM 486  H HB2  . GLU A 1 30 ? -0.402  2.805   3.088   1.00 0.00 ? 39 GLU A HB2  1 
ATOM 487  H HB3  . GLU A 1 30 ? -1.034  3.698   1.705   1.00 0.00 ? 39 GLU A HB3  1 
ATOM 488  H HG2  . GLU A 1 30 ? -3.072  3.816   2.584   1.00 0.00 ? 39 GLU A HG2  1 
ATOM 489  H HG3  . GLU A 1 30 ? -3.072  2.110   3.030   1.00 0.00 ? 39 GLU A HG3  1 
ATOM 490  N N    . ILE A 1 31 ? -2.486  -0.389  2.090   1.00 0.00 ? 40 ILE A N    1 
ATOM 491  C CA   . ILE A 1 31 ? -2.829  -1.561  2.893   1.00 0.00 ? 40 ILE A CA   1 
ATOM 492  C C    . ILE A 1 31 ? -2.378  -2.872  2.244   1.00 0.00 ? 40 ILE A C    1 
ATOM 493  O O    . ILE A 1 31 ? -2.638  -3.948  2.782   1.00 0.00 ? 40 ILE A O    1 
ATOM 494  C CB   . ILE A 1 31 ? -4.344  -1.639  3.165   1.00 0.00 ? 40 ILE A CB   1 
ATOM 495  C CG1  . ILE A 1 31 ? -5.118  -1.828  1.857   1.00 0.00 ? 40 ILE A CG1  1 
ATOM 496  C CG2  . ILE A 1 31 ? -4.815  -0.389  3.893   1.00 0.00 ? 40 ILE A CG2  1 
ATOM 497  C CD1  . ILE A 1 31 ? -5.200  -3.271  1.404   1.00 0.00 ? 40 ILE A CD1  1 
ATOM 498  H H    . ILE A 1 31 ? -3.057  -0.140  1.336   1.00 0.00 ? 40 ILE A H    1 
ATOM 499  H HA   . ILE A 1 31 ? -2.327  -1.461  3.844   1.00 0.00 ? 40 ILE A HA   1 
ATOM 500  H HB   . ILE A 1 31 ? -4.526  -2.488  3.807   1.00 0.00 ? 40 ILE A HB   1 
ATOM 501  H HG12 . ILE A 1 31 ? -6.126  -1.466  1.988   1.00 0.00 ? 40 ILE A HG12 1 
ATOM 502  H HG13 . ILE A 1 31 ? -4.635  -1.262  1.075   1.00 0.00 ? 40 ILE A HG13 1 
ATOM 503  H HG21 . ILE A 1 31 ? -5.884  -0.436  4.032   1.00 0.00 ? 40 ILE A HG21 1 
ATOM 504  H HG22 . ILE A 1 31 ? -4.565  0.483   3.309   1.00 0.00 ? 40 ILE A HG22 1 
ATOM 505  H HG23 . ILE A 1 31 ? -4.329  -0.330  4.855   1.00 0.00 ? 40 ILE A HG23 1 
ATOM 506  H HD11 . ILE A 1 31 ? -4.794  -3.913  2.172   1.00 0.00 ? 40 ILE A HD11 1 
ATOM 507  H HD12 . ILE A 1 31 ? -4.633  -3.395  0.494   1.00 0.00 ? 40 ILE A HD12 1 
ATOM 508  H HD13 . ILE A 1 31 ? -6.233  -3.533  1.225   1.00 0.00 ? 40 ILE A HD13 1 
ATOM 509  N N    . TYR A 1 32 ? -1.712  -2.794  1.094   1.00 0.00 ? 41 TYR A N    1 
ATOM 510  C CA   . TYR A 1 32 ? -1.254  -4.006  0.416   1.00 0.00 ? 41 TYR A CA   1 
ATOM 511  C C    . TYR A 1 32 ? 0.201   -3.912  -0.021  1.00 0.00 ? 41 TYR A C    1 
ATOM 512  O O    . TYR A 1 32 ? 0.631   -4.653  -0.902  1.00 0.00 ? 41 TYR A O    1 
ATOM 513  C CB   . TYR A 1 32 ? -2.142  -4.323  -0.794  1.00 0.00 ? 41 TYR A CB   1 
ATOM 514  C CG   . TYR A 1 32 ? -2.208  -3.241  -1.861  1.00 0.00 ? 41 TYR A CG   1 
ATOM 515  C CD1  . TYR A 1 32 ? -1.069  -2.576  -2.312  1.00 0.00 ? 41 TYR A CD1  1 
ATOM 516  C CD2  . TYR A 1 32 ? -3.425  -2.908  -2.440  1.00 0.00 ? 41 TYR A CD2  1 
ATOM 517  C CE1  . TYR A 1 32 ? -1.149  -1.613  -3.299  1.00 0.00 ? 41 TYR A CE1  1 
ATOM 518  C CE2  . TYR A 1 32 ? -3.510  -1.953  -3.433  1.00 0.00 ? 41 TYR A CE2  1 
ATOM 519  C CZ   . TYR A 1 32 ? -2.371  -1.307  -3.858  1.00 0.00 ? 41 TYR A CZ   1 
ATOM 520  O OH   . TYR A 1 32 ? -2.456  -0.360  -4.854  1.00 0.00 ? 41 TYR A OH   1 
ATOM 521  H H    . TYR A 1 32 ? -1.527  -1.919  0.697   1.00 0.00 ? 41 TYR A H    1 
ATOM 522  H HA   . TYR A 1 32 ? -1.339  -4.821  1.118   1.00 0.00 ? 41 TYR A HA   1 
ATOM 523  H HB2  . TYR A 1 32 ? -1.774  -5.222  -1.268  1.00 0.00 ? 41 TYR A HB2  1 
ATOM 524  H HB3  . TYR A 1 32 ? -3.153  -4.499  -0.443  1.00 0.00 ? 41 TYR A HB3  1 
ATOM 525  H HD1  . TYR A 1 32 ? -0.112  -2.815  -1.881  1.00 0.00 ? 41 TYR A HD1  1 
ATOM 526  H HD2  . TYR A 1 32 ? -4.318  -3.409  -2.103  1.00 0.00 ? 41 TYR A HD2  1 
ATOM 527  H HE1  . TYR A 1 32 ? -0.253  -1.103  -3.631  1.00 0.00 ? 41 TYR A HE1  1 
ATOM 528  H HE2  . TYR A 1 32 ? -4.468  -1.710  -3.867  1.00 0.00 ? 41 TYR A HE2  1 
ATOM 529  H HH   . TYR A 1 32 ? -1.611  0.081   -4.954  1.00 0.00 ? 41 TYR A HH   1 
ATOM 530  N N    . LEU A 1 33 ? 0.963   -3.004  0.583   1.00 0.00 ? 42 LEU A N    1 
ATOM 531  C CA   . LEU A 1 33 ? 2.367   -2.851  0.215   1.00 0.00 ? 42 LEU A CA   1 
ATOM 532  C C    . LEU A 1 33 ? 3.270   -2.914  1.438   1.00 0.00 ? 42 LEU A C    1 
ATOM 533  O O    . LEU A 1 33 ? 3.022   -2.250  2.441   1.00 0.00 ? 42 LEU A O    1 
ATOM 534  C CB   . LEU A 1 33 ? 2.588   -1.537  -0.538  1.00 0.00 ? 42 LEU A CB   1 
ATOM 535  C CG   . LEU A 1 33 ? 1.664   -0.377  -0.149  1.00 0.00 ? 42 LEU A CG   1 
ATOM 536  C CD1  . LEU A 1 33 ? 2.367   0.565   0.814   1.00 0.00 ? 42 LEU A CD1  1 
ATOM 537  C CD2  . LEU A 1 33 ? 1.203   0.375   -1.390  1.00 0.00 ? 42 LEU A CD2  1 
ATOM 538  H H    . LEU A 1 33 ? 0.579   -2.429  1.284   1.00 0.00 ? 42 LEU A H    1 
ATOM 539  H HA   . LEU A 1 33 ? 2.622   -3.669  -0.438  1.00 0.00 ? 42 LEU A HA   1 
ATOM 540  H HB2  . LEU A 1 33 ? 3.610   -1.223  -0.367  1.00 0.00 ? 42 LEU A HB2  1 
ATOM 541  H HB3  . LEU A 1 33 ? 2.463   -1.732  -1.593  1.00 0.00 ? 42 LEU A HB3  1 
ATOM 542  H HG   . LEU A 1 33 ? 0.790   -0.767  0.349   1.00 0.00 ? 42 LEU A HG   1 
ATOM 543  H HD11 . LEU A 1 33 ? 1.821   0.601   1.744   1.00 0.00 ? 42 LEU A HD11 1 
ATOM 544  H HD12 . LEU A 1 33 ? 2.412   1.555   0.385   1.00 0.00 ? 42 LEU A HD12 1 
ATOM 545  H HD13 . LEU A 1 33 ? 3.367   0.207   0.997   1.00 0.00 ? 42 LEU A HD13 1 
ATOM 546  H HD21 . LEU A 1 33 ? 0.711   1.290   -1.096  1.00 0.00 ? 42 LEU A HD21 1 
ATOM 547  H HD22 . LEU A 1 33 ? 0.512   -0.241  -1.948  1.00 0.00 ? 42 LEU A HD22 1 
ATOM 548  H HD23 . LEU A 1 33 ? 2.057   0.608   -2.008  1.00 0.00 ? 42 LEU A HD23 1 
ATOM 549  N N    . THR A 1 34 ? 4.323   -3.722  1.338   1.00 0.00 ? 43 THR A N    1 
ATOM 550  C CA   . THR A 1 34 ? 5.278   -3.878  2.428   1.00 0.00 ? 43 THR A CA   1 
ATOM 551  C C    . THR A 1 34 ? 6.305   -2.752  2.410   1.00 0.00 ? 43 THR A C    1 
ATOM 552  O O    . THR A 1 34 ? 6.536   -2.136  1.382   1.00 0.00 ? 43 THR A O    1 
ATOM 553  C CB   . THR A 1 34 ? 5.986   -5.231  2.333   1.00 0.00 ? 43 THR A CB   1 
ATOM 554  O OG1  . THR A 1 34 ? 7.069   -5.294  3.244   1.00 0.00 ? 43 THR A OG1  1 
ATOM 555  C CG2  . THR A 1 34 ? 6.531   -5.527  0.952   1.00 0.00 ? 43 THR A CG2  1 
ATOM 556  H H    . THR A 1 34 ? 4.461   -4.228  0.508   1.00 0.00 ? 43 THR A H    1 
ATOM 557  H HA   . THR A 1 34 ? 4.728   -3.833  3.357   1.00 0.00 ? 43 THR A HA   1 
ATOM 558  H HB   . THR A 1 34 ? 5.284   -6.012  2.586   1.00 0.00 ? 43 THR A HB   1 
ATOM 559  H HG1  . THR A 1 34 ? 7.765   -4.700  2.956   1.00 0.00 ? 43 THR A HG1  1 
ATOM 560  H HG21 . THR A 1 34 ? 5.892   -6.243  0.459   1.00 0.00 ? 43 THR A HG21 1 
ATOM 561  H HG22 . THR A 1 34 ? 7.529   -5.932  1.038   1.00 0.00 ? 43 THR A HG22 1 
ATOM 562  H HG23 . THR A 1 34 ? 6.562   -4.614  0.374   1.00 0.00 ? 43 THR A HG23 1 
ATOM 563  N N    . ASP A 1 35 ? 6.904   -2.504  3.566   1.00 0.00 ? 44 ASP A N    1 
ATOM 564  C CA   . ASP A 1 35 ? 7.915   -1.457  3.756   1.00 0.00 ? 44 ASP A CA   1 
ATOM 565  C C    . ASP A 1 35 ? 8.711   -1.176  2.487   1.00 0.00 ? 44 ASP A C    1 
ATOM 566  O O    . ASP A 1 35 ? 8.990   -0.025  2.172   1.00 0.00 ? 44 ASP A O    1 
ATOM 567  C CB   . ASP A 1 35 ? 8.864   -1.847  4.890   1.00 0.00 ? 44 ASP A CB   1 
ATOM 568  C CG   . ASP A 1 35 ? 9.703   -3.064  4.551   1.00 0.00 ? 44 ASP A CG   1 
ATOM 569  O OD1  . ASP A 1 35 ? 9.143   -4.179  4.513   1.00 0.00 ? 44 ASP A OD1  1 
ATOM 570  O OD2  . ASP A 1 35 ? 10.921  -2.901  4.323   1.00 0.00 ? 44 ASP A OD2  1 
ATOM 571  H H    . ASP A 1 35 ? 6.652   -3.038  4.324   1.00 0.00 ? 44 ASP A H    1 
ATOM 572  H HA   . ASP A 1 35 ? 7.396   -0.554  4.040   1.00 0.00 ? 44 ASP A HA   1 
ATOM 573  H HB2  . ASP A 1 35 ? 9.530   -1.019  5.095   1.00 0.00 ? 44 ASP A HB2  1 
ATOM 574  H HB3  . ASP A 1 35 ? 8.285   -2.068  5.777   1.00 0.00 ? 44 ASP A HB3  1 
ATOM 575  N N    . GLU A 1 36 ? 9.061   -2.224  1.753   1.00 0.00 ? 45 GLU A N    1 
ATOM 576  C CA   . GLU A 1 36 ? 9.801   -2.049  0.511   1.00 0.00 ? 45 GLU A CA   1 
ATOM 577  C C    . GLU A 1 36 ? 8.922   -1.325  -0.497  1.00 0.00 ? 45 GLU A C    1 
ATOM 578  O O    . GLU A 1 36 ? 9.299   -0.289  -1.045  1.00 0.00 ? 45 GLU A O    1 
ATOM 579  C CB   . GLU A 1 36 ? 10.228  -3.397  -0.052  1.00 0.00 ? 45 GLU A CB   1 
ATOM 580  C CG   . GLU A 1 36 ? 11.417  -4.013  0.666   1.00 0.00 ? 45 GLU A CG   1 
ATOM 581  C CD   . GLU A 1 36 ? 12.006  -5.190  -0.086  1.00 0.00 ? 45 GLU A CD   1 
ATOM 582  O OE1  . GLU A 1 36 ? 11.299  -5.763  -0.941  1.00 0.00 ? 45 GLU A OE1  1 
ATOM 583  O OE2  . GLU A 1 36 ? 13.175  -5.541  0.181   1.00 0.00 ? 45 GLU A OE2  1 
ATOM 584  H H    . GLU A 1 36 ? 8.804   -3.124  2.039   1.00 0.00 ? 45 GLU A H    1 
ATOM 585  H HA   . GLU A 1 36 ? 10.676  -1.451  0.718   1.00 0.00 ? 45 GLU A HA   1 
ATOM 586  H HB2  . GLU A 1 36 ? 9.395   -4.079  0.021   1.00 0.00 ? 45 GLU A HB2  1 
ATOM 587  H HB3  . GLU A 1 36 ? 10.485  -3.268  -1.091  1.00 0.00 ? 45 GLU A HB3  1 
ATOM 588  H HG2  . GLU A 1 36 ? 12.183  -3.260  0.778   1.00 0.00 ? 45 GLU A HG2  1 
ATOM 589  H HG3  . GLU A 1 36 ? 11.099  -4.349  1.641   1.00 0.00 ? 45 GLU A HG3  1 
ATOM 590  N N    . ASP A 1 37 ? 7.729   -1.870  -0.701  1.00 0.00 ? 46 ASP A N    1 
ATOM 591  C CA   . ASP A 1 37 ? 6.756   -1.286  -1.598  1.00 0.00 ? 46 ASP A CA   1 
ATOM 592  C C    . ASP A 1 37 ? 6.280   0.038   -1.016  1.00 0.00 ? 46 ASP A C    1 
ATOM 593  O O    . ASP A 1 37 ? 6.103   1.027   -1.725  1.00 0.00 ? 46 ASP A O    1 
ATOM 594  C CB   . ASP A 1 37 ? 5.586   -2.252  -1.756  1.00 0.00 ? 46 ASP A CB   1 
ATOM 595  C CG   . ASP A 1 37 ? 4.535   -1.740  -2.717  1.00 0.00 ? 46 ASP A CG   1 
ATOM 596  O OD1  . ASP A 1 37 ? 4.132   -0.565  -2.585  1.00 0.00 ? 46 ASP A OD1  1 
ATOM 597  O OD2  . ASP A 1 37 ? 4.113   -2.514  -3.602  1.00 0.00 ? 46 ASP A OD2  1 
ATOM 598  H H    . ASP A 1 37 ? 7.484   -2.680  -0.208  1.00 0.00 ? 46 ASP A H    1 
ATOM 599  H HA   . ASP A 1 37 ? 7.224   -1.116  -2.556  1.00 0.00 ? 46 ASP A HA   1 
ATOM 600  H HB2  . ASP A 1 37 ? 5.960   -3.196  -2.133  1.00 0.00 ? 46 ASP A HB2  1 
ATOM 601  H HB3  . ASP A 1 37 ? 5.128   -2.411  -0.781  1.00 0.00 ? 46 ASP A HB3  1 
ATOM 602  N N    . PHE A 1 38 ? 6.105   0.035   0.301   1.00 0.00 ? 47 PHE A N    1 
ATOM 603  C CA   . PHE A 1 38 ? 5.684   1.209   1.042   1.00 0.00 ? 47 PHE A CA   1 
ATOM 604  C C    . PHE A 1 38 ? 6.728   2.301   0.898   1.00 0.00 ? 47 PHE A C    1 
ATOM 605  O O    . PHE A 1 38 ? 6.402   3.478   0.750   1.00 0.00 ? 47 PHE A O    1 
ATOM 606  C CB   . PHE A 1 38 ? 5.519   0.849   2.523   1.00 0.00 ? 47 PHE A CB   1 
ATOM 607  C CG   . PHE A 1 38 ? 4.152   1.124   3.075   1.00 0.00 ? 47 PHE A CG   1 
ATOM 608  C CD1  . PHE A 1 38 ? 3.579   2.379   2.964   1.00 0.00 ? 47 PHE A CD1  1 
ATOM 609  C CD2  . PHE A 1 38 ? 3.435   0.116   3.695   1.00 0.00 ? 47 PHE A CD2  1 
ATOM 610  C CE1  . PHE A 1 38 ? 2.314   2.624   3.466   1.00 0.00 ? 47 PHE A CE1  1 
ATOM 611  C CE2  . PHE A 1 38 ? 2.171   0.352   4.195   1.00 0.00 ? 47 PHE A CE2  1 
ATOM 612  C CZ   . PHE A 1 38 ? 1.610   1.606   4.082   1.00 0.00 ? 47 PHE A CZ   1 
ATOM 613  H H    . PHE A 1 38 ? 6.286   -0.789  0.795   1.00 0.00 ? 47 PHE A H    1 
ATOM 614  H HA   . PHE A 1 38 ? 4.742   1.552   0.643   1.00 0.00 ? 47 PHE A HA   1 
ATOM 615  H HB2  . PHE A 1 38 ? 5.715   -0.208  2.650   1.00 0.00 ? 47 PHE A HB2  1 
ATOM 616  H HB3  . PHE A 1 38 ? 6.231   1.413   3.105   1.00 0.00 ? 47 PHE A HB3  1 
ATOM 617  H HD1  . PHE A 1 38 ? 4.130   3.174   2.483   1.00 0.00 ? 47 PHE A HD1  1 
ATOM 618  H HD2  . PHE A 1 38 ? 3.876   -0.864  3.790   1.00 0.00 ? 47 PHE A HD2  1 
ATOM 619  H HE1  . PHE A 1 38 ? 1.879   3.608   3.379   1.00 0.00 ? 47 PHE A HE1  1 
ATOM 620  H HE2  . PHE A 1 38 ? 1.623   -0.443  4.677   1.00 0.00 ? 47 PHE A HE2  1 
ATOM 621  H HZ   . PHE A 1 38 ? 0.620   1.789   4.468   1.00 0.00 ? 47 PHE A HZ   1 
ATOM 622  N N    . GLU A 1 39 ? 7.991   1.891   0.953   1.00 0.00 ? 48 GLU A N    1 
ATOM 623  C CA   . GLU A 1 39 ? 9.102   2.832   0.841   1.00 0.00 ? 48 GLU A CA   1 
ATOM 624  C C    . GLU A 1 39 ? 9.169   3.460   -0.550  1.00 0.00 ? 48 GLU A C    1 
ATOM 625  O O    . GLU A 1 39 ? 9.394   4.662   -0.685  1.00 0.00 ? 48 GLU A O    1 
ATOM 626  C CB   . GLU A 1 39 ? 10.426  2.134   1.160   1.00 0.00 ? 48 GLU A CB   1 
ATOM 627  C CG   . GLU A 1 39 ? 10.807  2.198   2.630   1.00 0.00 ? 48 GLU A CG   1 
ATOM 628  C CD   . GLU A 1 39 ? 12.286  2.460   2.836   1.00 0.00 ? 48 GLU A CD   1 
ATOM 629  O OE1  . GLU A 1 39 ? 12.835  3.344   2.145   1.00 0.00 ? 48 GLU A OE1  1 
ATOM 630  O OE2  . GLU A 1 39 ? 12.896  1.782   3.689   1.00 0.00 ? 48 GLU A OE2  1 
ATOM 631  H H    . GLU A 1 39 ? 8.180   0.924   1.084   1.00 0.00 ? 48 GLU A H    1 
ATOM 632  H HA   . GLU A 1 39 ? 8.940   3.616   1.565   1.00 0.00 ? 48 GLU A HA   1 
ATOM 633  H HB2  . GLU A 1 39 ? 10.352  1.096   0.874   1.00 0.00 ? 48 GLU A HB2  1 
ATOM 634  H HB3  . GLU A 1 39 ? 11.213  2.601   0.586   1.00 0.00 ? 48 GLU A HB3  1 
ATOM 635  H HG2  . GLU A 1 39 ? 10.248  2.999   3.099   1.00 0.00 ? 48 GLU A HG2  1 
ATOM 636  H HG3  . GLU A 1 39 ? 10.553  1.254   3.099   1.00 0.00 ? 48 GLU A HG3  1 
ATOM 637  N N    . PHE A 1 40 ? 8.988   2.644   -1.581  1.00 0.00 ? 49 PHE A N    1 
ATOM 638  C CA   . PHE A 1 40 ? 9.046   3.132   -2.956  1.00 0.00 ? 49 PHE A CA   1 
ATOM 639  C C    . PHE A 1 40 ? 7.700   3.683   -3.424  1.00 0.00 ? 49 PHE A C    1 
ATOM 640  O O    . PHE A 1 40 ? 7.628   4.376   -4.440  1.00 0.00 ? 49 PHE A O    1 
ATOM 641  C CB   . PHE A 1 40 ? 9.498   2.012   -3.894  1.00 0.00 ? 49 PHE A CB   1 
ATOM 642  C CG   . PHE A 1 40 ? 10.153  2.512   -5.149  1.00 0.00 ? 49 PHE A CG   1 
ATOM 643  C CD1  . PHE A 1 40 ? 11.514  2.766   -5.181  1.00 0.00 ? 49 PHE A CD1  1 
ATOM 644  C CD2  . PHE A 1 40 ? 9.407   2.728   -6.297  1.00 0.00 ? 49 PHE A CD2  1 
ATOM 645  C CE1  . PHE A 1 40 ? 12.120  3.227   -6.335  1.00 0.00 ? 49 PHE A CE1  1 
ATOM 646  C CE2  . PHE A 1 40 ? 10.007  3.189   -7.453  1.00 0.00 ? 49 PHE A CE2  1 
ATOM 647  C CZ   . PHE A 1 40 ? 11.366  3.438   -7.473  1.00 0.00 ? 49 PHE A CZ   1 
ATOM 648  H H    . PHE A 1 40 ? 8.822   1.692   -1.416  1.00 0.00 ? 49 PHE A H    1 
ATOM 649  H HA   . PHE A 1 40 ? 9.774   3.927   -2.991  1.00 0.00 ? 49 PHE A HA   1 
ATOM 650  H HB2  . PHE A 1 40 ? 10.208  1.383   -3.376  1.00 0.00 ? 49 PHE A HB2  1 
ATOM 651  H HB3  . PHE A 1 40 ? 8.636   1.422   -4.179  1.00 0.00 ? 49 PHE A HB3  1 
ATOM 652  H HD1  . PHE A 1 40 ? 12.105  2.600   -4.292  1.00 0.00 ? 49 PHE A HD1  1 
ATOM 653  H HD2  . PHE A 1 40 ? 8.345   2.534   -6.283  1.00 0.00 ? 49 PHE A HD2  1 
ATOM 654  H HE1  . PHE A 1 40 ? 13.182  3.421   -6.346  1.00 0.00 ? 49 PHE A HE1  1 
ATOM 655  H HE2  . PHE A 1 40 ? 9.415   3.353   -8.341  1.00 0.00 ? 49 PHE A HE2  1 
ATOM 656  H HZ   . PHE A 1 40 ? 11.837  3.798   -8.375  1.00 0.00 ? 49 PHE A HZ   1 
ATOM 657  N N    . ALA A 1 41 ? 6.634   3.369   -2.695  1.00 0.00 ? 50 ALA A N    1 
ATOM 658  C CA   . ALA A 1 41 ? 5.301   3.833   -3.064  1.00 0.00 ? 50 ALA A CA   1 
ATOM 659  C C    . ALA A 1 41 ? 4.866   5.042   -2.239  1.00 0.00 ? 50 ALA A C    1 
ATOM 660  O O    . ALA A 1 41 ? 4.310   6.000   -2.776  1.00 0.00 ? 50 ALA A O    1 
ATOM 661  C CB   . ALA A 1 41 ? 4.292   2.705   -2.914  1.00 0.00 ? 50 ALA A CB   1 
ATOM 662  H H    . ALA A 1 41 ? 6.742   2.806   -1.901  1.00 0.00 ? 50 ALA A H    1 
ATOM 663  H HA   . ALA A 1 41 ? 5.328   4.116   -4.106  1.00 0.00 ? 50 ALA A HA   1 
ATOM 664  H HB1  . ALA A 1 41 ? 4.711   1.793   -3.312  1.00 0.00 ? 50 ALA A HB1  1 
ATOM 665  H HB2  . ALA A 1 41 ? 3.390   2.953   -3.454  1.00 0.00 ? 50 ALA A HB2  1 
ATOM 666  H HB3  . ALA A 1 41 ? 4.059   2.567   -1.869  1.00 0.00 ? 50 ALA A HB3  1 
ATOM 667  N N    . LEU A 1 42 ? 5.098   4.986   -0.933  1.00 0.00 ? 51 LEU A N    1 
ATOM 668  C CA   . LEU A 1 42 ? 4.704   6.074   -0.041  1.00 0.00 ? 51 LEU A CA   1 
ATOM 669  C C    . LEU A 1 42 ? 5.877   6.626   0.765   1.00 0.00 ? 51 LEU A C    1 
ATOM 670  O O    . LEU A 1 42 ? 5.741   7.637   1.452   1.00 0.00 ? 51 LEU A O    1 
ATOM 671  C CB   . LEU A 1 42 ? 3.622   5.588   0.918   1.00 0.00 ? 51 LEU A CB   1 
ATOM 672  C CG   . LEU A 1 42 ? 2.192   5.794   0.438   1.00 0.00 ? 51 LEU A CG   1 
ATOM 673  C CD1  . LEU A 1 42 ? 1.259   4.816   1.133   1.00 0.00 ? 51 LEU A CD1  1 
ATOM 674  C CD2  . LEU A 1 42 ? 1.768   7.234   0.690   1.00 0.00 ? 51 LEU A CD2  1 
ATOM 675  H H    . LEU A 1 42 ? 5.529   4.190   -0.557  1.00 0.00 ? 51 LEU A H    1 
ATOM 676  H HA   . LEU A 1 42 ? 4.297   6.868   -0.648  1.00 0.00 ? 51 LEU A HA   1 
ATOM 677  H HB2  . LEU A 1 42 ? 3.773   4.531   1.089   1.00 0.00 ? 51 LEU A HB2  1 
ATOM 678  H HB3  . LEU A 1 42 ? 3.740   6.106   1.858   1.00 0.00 ? 51 LEU A HB3  1 
ATOM 679  H HG   . LEU A 1 42 ? 2.140   5.610   -0.624  1.00 0.00 ? 51 LEU A HG   1 
ATOM 680  H HD11 . LEU A 1 42 ? 0.298   4.820   0.641   1.00 0.00 ? 51 LEU A HD11 1 
ATOM 681  H HD12 . LEU A 1 42 ? 1.136   5.107   2.164   1.00 0.00 ? 51 LEU A HD12 1 
ATOM 682  H HD13 . LEU A 1 42 ? 1.682   3.824   1.088   1.00 0.00 ? 51 LEU A HD13 1 
ATOM 683  H HD21 . LEU A 1 42 ? 1.837   7.795   -0.229  1.00 0.00 ? 51 LEU A HD21 1 
ATOM 684  H HD22 . LEU A 1 42 ? 2.418   7.674   1.430   1.00 0.00 ? 51 LEU A HD22 1 
ATOM 685  H HD23 . LEU A 1 42 ? 0.753   7.253   1.048   1.00 0.00 ? 51 LEU A HD23 1 
ATOM 686  N N    . ASP A 1 43 ? 7.018   5.955   0.695   1.00 0.00 ? 52 ASP A N    1 
ATOM 687  C CA   . ASP A 1 43 ? 8.196   6.381   1.438   1.00 0.00 ? 52 ASP A CA   1 
ATOM 688  C C    . ASP A 1 43 ? 7.993   6.197   2.942   1.00 0.00 ? 52 ASP A C    1 
ATOM 689  O O    . ASP A 1 43 ? 8.795   6.677   3.742   1.00 0.00 ? 52 ASP A O    1 
ATOM 690  C CB   . ASP A 1 43 ? 8.524   7.846   1.131   1.00 0.00 ? 52 ASP A CB   1 
ATOM 691  C CG   . ASP A 1 43 ? 8.486   8.149   -0.353  1.00 0.00 ? 52 ASP A CG   1 
ATOM 692  O OD1  . ASP A 1 43 ? 7.393   8.474   -0.865  1.00 0.00 ? 52 ASP A OD1  1 
ATOM 693  O OD2  . ASP A 1 43 ? 9.547   8.060   -1.005  1.00 0.00 ? 52 ASP A OD2  1 
ATOM 694  H H    . ASP A 1 43 ? 7.070   5.148   0.143   1.00 0.00 ? 52 ASP A H    1 
ATOM 695  H HA   . ASP A 1 43 ? 9.024   5.766   1.125   1.00 0.00 ? 52 ASP A HA   1 
ATOM 696  H HB2  . ASP A 1 43 ? 7.804   8.482   1.628   1.00 0.00 ? 52 ASP A HB2  1 
ATOM 697  H HB3  . ASP A 1 43 ? 9.517   8.070   1.502   1.00 0.00 ? 52 ASP A HB3  1 
ATOM 698  N N    . MET A 1 44 ? 6.933   5.481   3.327   1.00 0.00 ? 53 MET A N    1 
ATOM 699  C CA   . MET A 1 44 ? 6.669   5.228   4.743   1.00 0.00 ? 53 MET A CA   1 
ATOM 700  C C    . MET A 1 44 ? 6.530   3.729   4.997   1.00 0.00 ? 53 MET A C    1 
ATOM 701  O O    . MET A 1 44 ? 7.009   2.926   4.201   1.00 0.00 ? 53 MET A O    1 
ATOM 702  C CB   . MET A 1 44 ? 5.430   5.986   5.218   1.00 0.00 ? 53 MET A CB   1 
ATOM 703  C CG   . MET A 1 44 ? 5.714   6.891   6.407   1.00 0.00 ? 53 MET A CG   1 
ATOM 704  S SD   . MET A 1 44 ? 6.367   8.498   5.914   1.00 0.00 ? 53 MET A SD   1 
ATOM 705  C CE   . MET A 1 44 ? 6.699   9.234   7.512   1.00 0.00 ? 53 MET A CE   1 
ATOM 706  H H    . MET A 1 44 ? 6.322   5.106   2.647   1.00 0.00 ? 53 MET A H    1 
ATOM 707  H HA   . MET A 1 44 ? 7.526   5.585   5.298   1.00 0.00 ? 53 MET A HA   1 
ATOM 708  H HB2  . MET A 1 44 ? 5.059   6.596   4.404   1.00 0.00 ? 53 MET A HB2  1 
ATOM 709  H HB3  . MET A 1 44 ? 4.668   5.273   5.505   1.00 0.00 ? 53 MET A HB3  1 
ATOM 710  H HG2  . MET A 1 44 ? 4.801   7.044   6.959   1.00 0.00 ? 53 MET A HG2  1 
ATOM 711  H HG3  . MET A 1 44 ? 6.438   6.406   7.043   1.00 0.00 ? 53 MET A HG3  1 
ATOM 712  H HE1  . MET A 1 44 ? 7.713   9.011   7.807   1.00 0.00 ? 53 MET A HE1  1 
ATOM 713  H HE2  . MET A 1 44 ? 6.013   8.831   8.243   1.00 0.00 ? 53 MET A HE2  1 
ATOM 714  H HE3  . MET A 1 44 ? 6.569   10.304  7.449   1.00 0.00 ? 53 MET A HE3  1 
ATOM 715  N N    . THR A 1 45 ? 5.892   3.342   6.104   1.00 0.00 ? 54 THR A N    1 
ATOM 716  C CA   . THR A 1 45 ? 5.731   1.927   6.412   1.00 0.00 ? 54 THR A CA   1 
ATOM 717  C C    . THR A 1 45 ? 4.309   1.622   6.855   1.00 0.00 ? 54 THR A C    1 
ATOM 718  O O    . THR A 1 45 ? 3.595   2.504   7.332   1.00 0.00 ? 54 THR A O    1 
ATOM 719  C CB   . THR A 1 45 ? 6.722   1.497   7.497   1.00 0.00 ? 54 THR A CB   1 
ATOM 720  O OG1  . THR A 1 45 ? 6.224   1.807   8.785   1.00 0.00 ? 54 THR A OG1  1 
ATOM 721  C CG2  . THR A 1 45 ? 8.083   2.149   7.361   1.00 0.00 ? 54 THR A CG2  1 
ATOM 722  H H    . THR A 1 45 ? 5.522   4.012   6.723   1.00 0.00 ? 54 THR A H    1 
ATOM 723  H HA   . THR A 1 45 ? 5.939   1.369   5.510   1.00 0.00 ? 54 THR A HA   1 
ATOM 724  H HB   . THR A 1 45 ? 6.862   0.427   7.436   1.00 0.00 ? 54 THR A HB   1 
ATOM 725  H HG1  . THR A 1 45 ? 6.496   1.126   9.406   1.00 0.00 ? 54 THR A HG1  1 
ATOM 726  H HG21 . THR A 1 45 ? 7.961   3.211   7.214   1.00 0.00 ? 54 THR A HG21 1 
ATOM 727  H HG22 . THR A 1 45 ? 8.602   1.724   6.514   1.00 0.00 ? 54 THR A HG22 1 
ATOM 728  H HG23 . THR A 1 45 ? 8.657   1.974   8.260   1.00 0.00 ? 54 THR A HG23 1 
ATOM 729  N N    . ARG A 1 46 ? 3.909   0.365   6.720   1.00 0.00 ? 55 ARG A N    1 
ATOM 730  C CA   . ARG A 1 46 ? 2.578   -0.050  7.137   1.00 0.00 ? 55 ARG A CA   1 
ATOM 731  C C    . ARG A 1 46 ? 2.416   0.171   8.635   1.00 0.00 ? 55 ARG A C    1 
ATOM 732  O O    . ARG A 1 46 ? 1.313   0.402   9.123   1.00 0.00 ? 55 ARG A O    1 
ATOM 733  C CB   . ARG A 1 46 ? 2.344   -1.522  6.793   1.00 0.00 ? 55 ARG A CB   1 
ATOM 734  C CG   . ARG A 1 46 ? 0.877   -1.919  6.792   1.00 0.00 ? 55 ARG A CG   1 
ATOM 735  C CD   . ARG A 1 46 ? 0.689   -3.352  6.319   1.00 0.00 ? 55 ARG A CD   1 
ATOM 736  N NE   . ARG A 1 46 ? -0.672  -3.600  5.850   1.00 0.00 ? 55 ARG A NE   1 
ATOM 737  C CZ   . ARG A 1 46 ? -1.169  -4.814  5.625   1.00 0.00 ? 55 ARG A CZ   1 
ATOM 738  N NH1  . ARG A 1 46 ? -0.422  -5.893  5.828   1.00 0.00 ? 55 ARG A NH1  1 
ATOM 739  N NH2  . ARG A 1 46 ? -2.417  -4.951  5.197   1.00 0.00 ? 55 ARG A NH2  1 
ATOM 740  H H    . ARG A 1 46 ? 4.528   -0.301  6.351   1.00 0.00 ? 55 ARG A H    1 
ATOM 741  H HA   . ARG A 1 46 ? 1.857   0.558   6.613   1.00 0.00 ? 55 ARG A HA   1 
ATOM 742  H HB2  . ARG A 1 46 ? 2.749   -1.720  5.810   1.00 0.00 ? 55 ARG A HB2  1 
ATOM 743  H HB3  . ARG A 1 46 ? 2.860   -2.136  7.519   1.00 0.00 ? 55 ARG A HB3  1 
ATOM 744  H HG2  . ARG A 1 46 ? 0.487   -1.828  7.795   1.00 0.00 ? 55 ARG A HG2  1 
ATOM 745  H HG3  . ARG A 1 46 ? 0.335   -1.258  6.130   1.00 0.00 ? 55 ARG A HG3  1 
ATOM 746  H HD2  . ARG A 1 46 ? 1.378   -3.544  5.511   1.00 0.00 ? 55 ARG A HD2  1 
ATOM 747  H HD3  . ARG A 1 46 ? 0.904   -4.019  7.141   1.00 0.00 ? 55 ARG A HD3  1 
ATOM 748  H HE   . ARG A 1 46 ? -1.246  -2.822  5.693   1.00 0.00 ? 55 ARG A HE   1 
ATOM 749  H HH11 . ARG A 1 46 ? 0.520   -5.796  6.151   1.00 0.00 ? 55 ARG A HH11 1 
ATOM 750  H HH12 . ARG A 1 46 ? -0.801  -6.802  5.657   1.00 0.00 ? 55 ARG A HH12 1 
ATOM 751  H HH21 . ARG A 1 46 ? -2.984  -4.142  5.044   1.00 0.00 ? 55 ARG A HH21 1 
ATOM 752  H HH22 . ARG A 1 46 ? -2.790  -5.863  5.028   1.00 0.00 ? 55 ARG A HH22 1 
ATOM 753  N N    . ASP A 1 47 ? 3.534   0.104   9.354   1.00 0.00 ? 56 ASP A N    1 
ATOM 754  C CA   . ASP A 1 47 ? 3.545   0.298   10.799  1.00 0.00 ? 56 ASP A CA   1 
ATOM 755  C C    . ASP A 1 47 ? 3.765   1.767   11.166  1.00 0.00 ? 56 ASP A C    1 
ATOM 756  O O    . ASP A 1 47 ? 3.650   2.142   12.332  1.00 0.00 ? 56 ASP A O    1 
ATOM 757  C CB   . ASP A 1 47 ? 4.632   -0.568  11.441  1.00 0.00 ? 56 ASP A CB   1 
ATOM 758  C CG   . ASP A 1 47 ? 4.454   -2.041  11.131  1.00 0.00 ? 56 ASP A CG   1 
ATOM 759  O OD1  . ASP A 1 47 ? 3.754   -2.361  10.147  1.00 0.00 ? 56 ASP A OD1  1 
ATOM 760  O OD2  . ASP A 1 47 ? 5.015   -2.875  11.872  1.00 0.00 ? 56 ASP A OD2  1 
ATOM 761  H H    . ASP A 1 47 ? 4.381   -0.079  8.896   1.00 0.00 ? 56 ASP A H    1 
ATOM 762  H HA   . ASP A 1 47 ? 2.584   -0.012  11.179  1.00 0.00 ? 56 ASP A HA   1 
ATOM 763  H HB2  . ASP A 1 47 ? 5.597   -0.254  11.073  1.00 0.00 ? 56 ASP A HB2  1 
ATOM 764  H HB3  . ASP A 1 47 ? 4.599   -0.437  12.513  1.00 0.00 ? 56 ASP A HB3  1 
ATOM 765  N N    . GLU A 1 48 ? 4.068   2.598   10.169  1.00 0.00 ? 57 GLU A N    1 
ATOM 766  C CA   . GLU A 1 48 ? 4.284   4.019   10.402  1.00 0.00 ? 57 GLU A CA   1 
ATOM 767  C C    . GLU A 1 48 ? 2.990   4.751   10.134  1.00 0.00 ? 57 GLU A C    1 
ATOM 768  O O    . GLU A 1 48 ? 2.437   5.426   11.003  1.00 0.00 ? 57 GLU A O    1 
ATOM 769  C CB   . GLU A 1 48 ? 5.384   4.552   9.485   1.00 0.00 ? 57 GLU A CB   1 
ATOM 770  C CG   . GLU A 1 48 ? 5.857   5.950   9.851   1.00 0.00 ? 57 GLU A CG   1 
ATOM 771  C CD   . GLU A 1 48 ? 7.222   5.948   10.510  1.00 0.00 ? 57 GLU A CD   1 
ATOM 772  O OE1  . GLU A 1 48 ? 8.196   5.518   9.857   1.00 0.00 ? 57 GLU A OE1  1 
ATOM 773  O OE2  . GLU A 1 48 ? 7.318   6.378   11.678  1.00 0.00 ? 57 GLU A OE2  1 
ATOM 774  H H    . GLU A 1 48 ? 4.123   2.255   9.250   1.00 0.00 ? 57 GLU A H    1 
ATOM 775  H HA   . GLU A 1 48 ? 4.569   4.158   11.434  1.00 0.00 ? 57 GLU A HA   1 
ATOM 776  H HB2  . GLU A 1 48 ? 6.231   3.883   9.533   1.00 0.00 ? 57 GLU A HB2  1 
ATOM 777  H HB3  . GLU A 1 48 ? 5.006   4.576   8.470   1.00 0.00 ? 57 GLU A HB3  1 
ATOM 778  H HG2  . GLU A 1 48 ? 5.909   6.545   8.952   1.00 0.00 ? 57 GLU A HG2  1 
ATOM 779  H HG3  . GLU A 1 48 ? 5.145   6.390   10.533  1.00 0.00 ? 57 GLU A HG3  1 
ATOM 780  N N    . TYR A 1 49 ? 2.498   4.564   8.923   1.00 0.00 ? 58 TYR A N    1 
ATOM 781  C CA   . TYR A 1 49 ? 1.243   5.147   8.505   1.00 0.00 ? 58 TYR A CA   1 
ATOM 782  C C    . TYR A 1 49 ? 0.130   4.616   9.390   1.00 0.00 ? 58 TYR A C    1 
ATOM 783  O O    . TYR A 1 49 ? -0.849  5.308   9.670   1.00 0.00 ? 58 TYR A O    1 
ATOM 784  C CB   . TYR A 1 49 ? 0.981   4.773   7.053   1.00 0.00 ? 58 TYR A CB   1 
ATOM 785  C CG   . TYR A 1 49 ? 1.473   5.805   6.065   1.00 0.00 ? 58 TYR A CG   1 
ATOM 786  C CD1  . TYR A 1 49 ? 2.484   6.693   6.408   1.00 0.00 ? 58 TYR A CD1  1 
ATOM 787  C CD2  . TYR A 1 49 ? 0.923   5.895   4.796   1.00 0.00 ? 58 TYR A CD2  1 
ATOM 788  C CE1  . TYR A 1 49 ? 2.933   7.641   5.513   1.00 0.00 ? 58 TYR A CE1  1 
ATOM 789  C CE2  . TYR A 1 49 ? 1.369   6.841   3.896   1.00 0.00 ? 58 TYR A CE2  1 
ATOM 790  C CZ   . TYR A 1 49 ? 2.373   7.712   4.260   1.00 0.00 ? 58 TYR A CZ   1 
ATOM 791  O OH   . TYR A 1 49 ? 2.824   8.653   3.368   1.00 0.00 ? 58 TYR A OH   1 
ATOM 792  H H    . TYR A 1 49 ? 2.982   3.985   8.298   1.00 0.00 ? 58 TYR A H    1 
ATOM 793  H HA   . TYR A 1 49 ? 1.308   6.220   8.602   1.00 0.00 ? 58 TYR A HA   1 
ATOM 794  H HB2  . TYR A 1 49 ? 1.491   3.844   6.835   1.00 0.00 ? 58 TYR A HB2  1 
ATOM 795  H HB3  . TYR A 1 49 ? -0.073  4.638   6.910   1.00 3.38 ? 58 TYR A HB3  1 
ATOM 796  H HD1  . TYR A 1 49 ? 2.921   6.634   7.394   1.00 0.00 ? 58 TYR A HD1  1 
ATOM 797  H HD2  . TYR A 1 49 ? 0.136   5.213   4.513   1.00 0.00 ? 58 TYR A HD2  1 
ATOM 798  H HE1  . TYR A 1 49 ? 3.720   8.323   5.800   1.00 0.00 ? 58 TYR A HE1  1 
ATOM 799  H HE2  . TYR A 1 49 ? 0.928   6.899   2.916   1.00 0.00 ? 58 TYR A HE2  1 
ATOM 800  H HH   . TYR A 1 49 ? 3.670   8.377   3.010   1.00 0.00 ? 58 TYR A HH   1 
ATOM 801  N N    . ASN A 1 50 ? 0.297   3.376   9.832   1.00 0.00 ? 59 ASN A N    1 
ATOM 802  C CA   . ASN A 1 50 ? -0.692  2.733   10.698  1.00 0.00 ? 59 ASN A CA   1 
ATOM 803  C C    . ASN A 1 50 ? -1.058  3.623   11.886  1.00 0.00 ? 59 ASN A C    1 
ATOM 804  O O    . ASN A 1 50 ? -2.174  3.557   12.400  1.00 0.00 ? 59 ASN A O    1 
ATOM 805  C CB   . ASN A 1 50 ? -0.167  1.389   11.212  1.00 0.00 ? 59 ASN A CB   1 
ATOM 806  C CG   . ASN A 1 50 ? -0.920  0.211   10.622  1.00 0.00 ? 59 ASN A CG   1 
ATOM 807  O OD1  . ASN A 1 50 ? -1.195  -0.772  11.311  1.00 0.00 ? 59 ASN A OD1  1 
ATOM 808  N ND2  . ASN A 1 50 ? -1.256  0.302   9.340   1.00 0.00 ? 59 ASN A ND2  1 
ATOM 809  H H    . ASN A 1 50 ? 1.111   2.880   9.564   1.00 0.00 ? 59 ASN A H    1 
ATOM 810  H HA   . ASN A 1 50 ? -1.581  2.559   10.111  1.00 0.00 ? 59 ASN A HA   1 
ATOM 811  H HB2  . ASN A 1 50 ? 0.876   1.295   10.956  1.00 0.00 ? 59 ASN A HB2  1 
ATOM 812  H HB3  . ASN A 1 50 ? -0.271  1.355   12.286  1.00 0.00 ? 59 ASN A HB3  1 
ATOM 813  H HD21 . ASN A 1 50 ? -1.004  1.114   8.852   1.00 0.00 ? 59 ASN A HD21 1 
ATOM 814  H HD22 . ASN A 1 50 ? -1.744  -0.445  8.935   1.00 0.00 ? 59 ASN A HD22 1 
ATOM 815  N N    . ALA A 1 51 ? -0.109  4.446   12.327  1.00 0.00 ? 60 ALA A N    1 
ATOM 816  C CA   . ALA A 1 51 ? -0.339  5.333   13.464  1.00 0.00 ? 60 ALA A CA   1 
ATOM 817  C C    . ALA A 1 51 ? -0.469  6.791   13.031  1.00 0.00 ? 60 ALA A C    1 
ATOM 818  O O    . ALA A 1 51 ? -1.190  7.569   13.655  1.00 0.00 ? 60 ALA A O    1 
ATOM 819  C CB   . ALA A 1 51 ? 0.783   5.184   14.480  1.00 0.00 ? 60 ALA A CB   1 
ATOM 820  H H    . ALA A 1 51 ? 0.765   4.451   11.884  1.00 0.00 ? 60 ALA A H    1 
ATOM 821  H HA   . ALA A 1 51 ? -1.260  5.030   13.939  1.00 0.00 ? 60 ALA A HA   1 
ATOM 822  H HB1  . ALA A 1 51 ? 1.673   5.670   14.108  1.00 0.00 ? 60 ALA A HB1  1 
ATOM 823  H HB2  . ALA A 1 51 ? 0.987   4.135   14.640  1.00 0.00 ? 60 ALA A HB2  1 
ATOM 824  H HB3  . ALA A 1 51 ? 0.487   5.639   15.414  1.00 0.00 ? 60 ALA A HB3  1 
ATOM 825  N N    . LEU A 1 52 ? 0.233   7.159   11.966  1.00 0.00 ? 61 LEU A N    1 
ATOM 826  C CA   . LEU A 1 52 ? 0.194   8.528   11.461  1.00 0.00 ? 61 LEU A CA   1 
ATOM 827  C C    . LEU A 1 52 ? -1.226  8.914   11.051  1.00 0.00 ? 61 LEU A C    1 
ATOM 828  O O    . LEU A 1 52 ? -2.104  8.058   10.947  1.00 0.00 ? 61 LEU A O    1 
ATOM 829  C CB   . LEU A 1 52 ? 1.143   8.677   10.272  1.00 0.00 ? 61 LEU A CB   1 
ATOM 830  C CG   . LEU A 1 52 ? 2.542   9.189   10.622  1.00 0.00 ? 61 LEU A CG   1 
ATOM 831  C CD1  . LEU A 1 52 ? 3.587   8.543   9.725   1.00 0.00 ? 61 LEU A CD1  1 
ATOM 832  C CD2  . LEU A 1 52 ? 2.603   10.705  10.505  1.00 0.00 ? 61 LEU A CD2  1 
ATOM 833  H H    . LEU A 1 52 ? 0.794   6.496   11.509  1.00 0.00 ? 61 LEU A H    1 
ATOM 834  H HA   . LEU A 1 52 ? 0.517   9.182   12.256  1.00 0.00 ? 61 LEU A HA   1 
ATOM 835  H HB2  . LEU A 1 52 ? 1.245   7.710   9.799   1.00 0.00 ? 61 LEU A HB2  1 
ATOM 836  H HB3  . LEU A 1 52 ? 0.697   9.364   9.564   1.00 0.00 ? 61 LEU A HB3  1 
ATOM 837  H HG   . LEU A 1 52 ? 2.771   8.923   11.644  1.00 0.00 ? 61 LEU A HG   1 
ATOM 838  H HD11 . LEU A 1 52 ? 4.568   8.691   10.151  1.00 0.00 ? 61 LEU A HD11 1 
ATOM 839  H HD12 . LEU A 1 52 ? 3.548   8.994   8.744   1.00 0.00 ? 61 LEU A HD12 1 
ATOM 840  H HD13 . LEU A 1 52 ? 3.385   7.486   9.642   1.00 0.00 ? 61 LEU A HD13 1 
ATOM 841  H HD21 . LEU A 1 52 ? 3.631   11.030  10.560  1.00 0.00 ? 61 LEU A HD21 1 
ATOM 842  H HD22 . LEU A 1 52 ? 2.042   11.151  11.313  1.00 0.00 ? 61 LEU A HD22 1 
ATOM 843  H HD23 . LEU A 1 52 ? 2.179   11.011  9.560   1.00 0.00 ? 61 LEU A HD23 1 
ATOM 844  N N    . PRO A 1 53 ? -1.472  10.215  10.808  1.00 0.00 ? 62 PRO A N    1 
ATOM 845  C CA   . PRO A 1 53 ? -2.795  10.700  10.407  1.00 0.00 ? 62 PRO A CA   1 
ATOM 846  C C    . PRO A 1 53 ? -3.340  9.940   9.207   1.00 0.00 ? 62 PRO A C    1 
ATOM 847  O O    . PRO A 1 53 ? -2.590  9.276   8.492   1.00 0.00 ? 62 PRO A O    1 
ATOM 848  C CB   . PRO A 1 53 ? -2.549  12.163  10.036  1.00 0.00 ? 62 PRO A CB   1 
ATOM 849  C CG   . PRO A 1 53 ? -1.324  12.552  10.784  1.00 0.00 ? 62 PRO A CG   1 
ATOM 850  C CD   . PRO A 1 53 ? -0.486  11.306  10.902  1.00 0.00 ? 62 PRO A CD   1 
ATOM 851  H HA   . PRO A 1 53 ? -3.502  10.643  11.221  1.00 0.00 ? 62 PRO A HA   1 
ATOM 852  H HB2  . PRO A 1 53 ? -2.403  12.244  8.968   1.00 0.00 ? 62 PRO A HB2  1 
ATOM 853  H HB3  . PRO A 1 53 ? -3.400  12.760  10.336  1.00 0.00 ? 62 PRO A HB3  1 
ATOM 854  H HG2  . PRO A 1 53 ? -0.788  13.312  10.234  1.00 0.00 ? 62 PRO A HG2  1 
ATOM 855  H HG3  . PRO A 1 53 ? -1.593  12.918  11.766  1.00 0.00 ? 62 PRO A HG3  1 
ATOM 856  H HD2  . PRO A 1 53 ? 0.224   11.253  10.089  1.00 0.00 ? 62 PRO A HD2  1 
ATOM 857  H HD3  . PRO A 1 53 ? 0.024   11.283  11.855  1.00 0.00 ? 62 PRO A HD3  1 
ATOM 858  N N    . ALA A 1 54 ? -4.646  10.040  8.991   1.00 0.00 ? 63 ALA A N    1 
ATOM 859  C CA   . ALA A 1 54 ? -5.289  9.361   7.874   1.00 0.00 ? 63 ALA A CA   1 
ATOM 860  C C    . ALA A 1 54 ? -5.285  10.230  6.619   1.00 0.00 ? 63 ALA A C    1 
ATOM 861  O O    . ALA A 1 54 ? -5.334  9.722   5.499   1.00 0.00 ? 63 ALA A O    1 
ATOM 862  C CB   . ALA A 1 54 ? -6.714  8.976   8.244   1.00 0.00 ? 63 ALA A CB   1 
ATOM 863  H H    . ALA A 1 54 ? -5.190  10.585  9.597   1.00 0.00 ? 63 ALA A H    1 
ATOM 864  H HA   . ALA A 1 54 ? -4.738  8.455   7.673   1.00 0.00 ? 63 ALA A HA   1 
ATOM 865  H HB1  . ALA A 1 54 ? -6.722  7.975   8.650   1.00 0.00 ? 63 ALA A HB1  1 
ATOM 866  H HB2  . ALA A 1 54 ? -7.336  9.011   7.362   1.00 0.00 ? 63 ALA A HB2  1 
ATOM 867  H HB3  . ALA A 1 54 ? -7.094  9.667   8.981   1.00 0.00 ? 63 ALA A HB3  1 
ATOM 868  N N    . TRP A 1 55 ? -5.206  11.542  6.808   1.00 0.00 ? 64 TRP A N    1 
ATOM 869  C CA   . TRP A 1 55 ? -5.182  12.469  5.707   1.00 0.00 ? 64 TRP A CA   1 
ATOM 870  C C    . TRP A 1 55 ? -3.741  12.725  5.312   1.00 0.00 ? 64 TRP A C    1 
ATOM 871  O O    . TRP A 1 55 ? -3.406  12.717  4.139   1.00 0.00 ? 64 TRP A O    1 
ATOM 872  C CB   . TRP A 1 55 ? -5.875  13.781  6.104   1.00 0.00 ? 64 TRP A CB   1 
ATOM 873  C CG   . TRP A 1 55 ? -4.900  14.888  6.315   1.00 0.00 ? 64 TRP A CG   1 
ATOM 874  C CD1  . TRP A 1 55 ? -4.538  15.460  7.495   1.00 0.00 ? 64 TRP A CD1  1 
ATOM 875  C CD2  . TRP A 1 55 ? -4.119  15.510  5.303   1.00 0.00 ? 64 TRP A CD2  1 
ATOM 876  N NE1  . TRP A 1 55 ? -3.574  16.418  7.273   1.00 0.00 ? 64 TRP A NE1  1 
ATOM 877  C CE2  . TRP A 1 55 ? -3.300  16.463  5.927   1.00 0.00 ? 64 TRP A CE2  1 
ATOM 878  C CE3  . TRP A 1 55 ? -4.041  15.345  3.920   1.00 0.00 ? 64 TRP A CE3  1 
ATOM 879  C CZ2  . TRP A 1 55 ? -2.404  17.249  5.207   1.00 0.00 ? 64 TRP A CZ2  1 
ATOM 880  C CZ3  . TRP A 1 55 ? -3.156  16.119  3.210   1.00 0.00 ? 64 TRP A CZ3  1 
ATOM 881  C CH2  . TRP A 1 55 ? -2.347  17.057  3.850   1.00 0.00 ? 64 TRP A CH2  1 
ATOM 882  H H    . TRP A 1 55 ? -5.134  11.896  7.705   1.00 0.00 ? 64 TRP A H    1 
ATOM 883  H HA   . TRP A 1 55 ? -5.706  12.021  4.876   1.00 0.00 ? 64 TRP A HA   1 
ATOM 884  H HB2  . TRP A 1 55 ? -6.558  14.077  5.315   1.00 0.00 ? 64 TRP A HB2  1 
ATOM 885  H HB3  . TRP A 1 55 ? -6.424  13.632  7.025   1.00 0.00 ? 64 TRP A HB3  1 
ATOM 886  H HD1  . TRP A 1 55 ? -4.957  15.188  8.453   1.00 0.00 ? 64 TRP A HD1  1 
ATOM 887  H HE1  . TRP A 1 55 ? -3.151  16.973  7.962   1.00 0.00 ? 64 TRP A HE1  1 
ATOM 888  H HE3  . TRP A 1 55 ? -4.658  14.622  3.409   1.00 0.00 ? 64 TRP A HE3  1 
ATOM 889  H HZ2  . TRP A 1 55 ? -1.770  17.981  5.686   1.00 0.00 ? 64 TRP A HZ2  1 
ATOM 890  H HZ3  . TRP A 1 55 ? -3.076  16.000  2.141   1.00 0.00 ? 64 TRP A HZ3  1 
ATOM 891  H HH2  . TRP A 1 55 ? -1.664  17.625  3.250   1.00 0.00 ? 64 TRP A HH2  1 
ATOM 892  N N    . LYS A 1 56 ? -2.892  12.955  6.316   1.00 0.00 ? 65 LYS A N    1 
ATOM 893  C CA   . LYS A 1 56 ? -1.483  13.211  6.074   1.00 0.00 ? 65 LYS A CA   1 
ATOM 894  C C    . LYS A 1 56 ? -0.866  11.997  5.412   1.00 0.00 ? 65 LYS A C    1 
ATOM 895  O O    . LYS A 1 56 ? -0.117  12.117  4.441   1.00 0.00 ? 65 LYS A O    1 
ATOM 896  C CB   . LYS A 1 56 ? -0.754  13.544  7.376   1.00 0.00 ? 65 LYS A CB   1 
ATOM 897  C CG   . LYS A 1 56 ? 0.166   14.747  7.258   1.00 0.00 ? 65 LYS A CG   1 
ATOM 898  C CD   . LYS A 1 56 ? 0.092   15.632  8.492   1.00 0.00 ? 65 LYS A CD   1 
ATOM 899  C CE   . LYS A 1 56 ? 0.401   17.081  8.156   1.00 0.00 ? 65 LYS A CE   1 
ATOM 900  N NZ   . LYS A 1 56 ? 0.877   17.839  9.347   1.00 0.00 ? 65 LYS A NZ   1 
ATOM 901  H H    . LYS A 1 56 ? -3.224  12.946  7.237   1.00 0.00 ? 65 LYS A H    1 
ATOM 902  H HA   . LYS A 1 56 ? -1.409  14.051  5.399   1.00 0.00 ? 65 LYS A HA   1 
ATOM 903  H HB2  . LYS A 1 56 ? -1.490  13.754  8.144   1.00 0.00 ? 65 LYS A HB2  1 
ATOM 904  H HB3  . LYS A 1 56 ? -0.159  12.688  7.675   1.00 0.00 ? 65 LYS A HB3  1 
ATOM 905  H HG2  . LYS A 1 56 ? 1.183   14.400  7.136   1.00 0.00 ? 65 LYS A HG2  1 
ATOM 906  H HG3  . LYS A 1 56 ? -0.127  15.327  6.391   1.00 0.00 ? 65 LYS A HG3  1 
ATOM 907  H HD2  . LYS A 1 56 ? -0.903  15.573  8.905   1.00 0.00 ? 65 LYS A HD2  1 
ATOM 908  H HD3  . LYS A 1 56 ? 0.808   15.279  9.220   1.00 0.00 ? 65 LYS A HD3  1 
ATOM 909  H HE2  . LYS A 1 56 ? 1.168   17.106  7.396   1.00 0.00 ? 65 LYS A HE2  1 
ATOM 910  H HE3  . LYS A 1 56 ? -0.496  17.549  7.777   1.00 0.00 ? 65 LYS A HE3  1 
ATOM 911  H HZ1  . LYS A 1 56 ? 0.068   18.263  9.846   1.00 0.00 ? 65 LYS A HZ1  1 
ATOM 912  H HZ2  . LYS A 1 56 ? 1.524   18.598  9.053   1.00 0.00 ? 65 LYS A HZ2  1 
ATOM 913  H HZ3  . LYS A 1 56 ? 1.379   17.203  9.999   1.00 0.00 ? 65 LYS A HZ3  1 
ATOM 914  N N    . GLN A 1 57 ? -1.220  10.818  5.915   1.00 0.00 ? 66 GLN A N    1 
ATOM 915  C CA   . GLN A 1 57 ? -0.730  9.588   5.329   1.00 0.00 ? 66 GLN A CA   1 
ATOM 916  C C    . GLN A 1 57 ? -1.213  9.530   3.890   1.00 0.00 ? 66 GLN A C    1 
ATOM 917  O O    . GLN A 1 57 ? -0.452  9.210   2.977   1.00 0.80 ? 66 GLN A O    1 
ATOM 918  C CB   . GLN A 1 57 ? -1.205  8.367   6.123   1.00 0.00 ? 66 GLN A CB   1 
ATOM 919  C CG   . GLN A 1 57 ? -2.700  8.105   6.030   1.00 0.00 ? 66 GLN A CG   1 
ATOM 920  C CD   . GLN A 1 57 ? -3.119  6.813   6.715   1.00 0.00 ? 66 GLN A CD   1 
ATOM 921  O OE1  . GLN A 1 57 ? -4.056  6.146   6.279   1.00 0.00 ? 66 GLN A OE1  1 
ATOM 922  N NE2  . GLN A 1 57 ? -2.427  6.451   7.794   1.00 0.00 ? 66 GLN A NE2  1 
ATOM 923  H H    . GLN A 1 57 ? -1.846  10.781  6.669   1.00 0.00 ? 66 GLN A H    1 
ATOM 924  H HA   . GLN A 1 57 ? 0.349   9.625   5.338   1.00 0.00 ? 66 GLN A HA   1 
ATOM 925  H HB2  . GLN A 1 57 ? -0.687  7.493   5.758   1.00 0.00 ? 66 GLN A HB2  1 
ATOM 926  H HB3  . GLN A 1 57 ? -0.952  8.512   7.163   1.00 0.00 ? 66 GLN A HB3  1 
ATOM 927  H HG2  . GLN A 1 57 ? -3.225  8.925   6.494   1.00 0.00 ? 66 GLN A HG2  1 
ATOM 928  H HG3  . GLN A 1 57 ? -2.977  8.046   4.987   1.00 0.00 ? 66 GLN A HG3  1 
ATOM 929  H HE21 . GLN A 1 57 ? -1.693  7.026   8.090   1.00 0.00 ? 66 GLN A HE21 1 
ATOM 930  H HE22 . GLN A 1 57 ? -2.681  5.623   8.248   1.00 0.00 ? 66 GLN A HE22 1 
ATOM 931  N N    . VAL A 1 58 ? -2.479  9.900   3.692   1.00 0.00 ? 67 VAL A N    1 
ATOM 932  C CA   . VAL A 1 58 ? -3.049  9.942   2.359   1.00 0.00 ? 67 VAL A CA   1 
ATOM 933  C C    . VAL A 1 58 ? -2.340  11.022  1.546   1.00 0.00 ? 67 VAL A C    1 
ATOM 934  O O    . VAL A 1 58 ? -2.021  10.814  0.375   1.00 0.00 ? 67 VAL A O    1 
ATOM 935  C CB   . VAL A 1 58 ? -4.570  10.219  2.391   1.00 0.00 ? 67 VAL A CB   1 
ATOM 936  C CG1  . VAL A 1 58 ? -5.087  10.610  1.013   1.00 0.00 ? 67 VAL A CG1  1 
ATOM 937  C CG2  . VAL A 1 58 ? -5.317  9.003   2.917   1.00 0.00 ? 67 VAL A CG2  1 
ATOM 938  H H    . VAL A 1 58 ? -3.028  10.180  4.460   1.00 0.00 ? 67 VAL A H    1 
ATOM 939  H HA   . VAL A 1 58 ? -2.883  8.982   1.891   1.00 0.00 ? 67 VAL A HA   1 
ATOM 940  H HB   . VAL A 1 58 ? -4.751  11.043  3.067   1.00 0.00 ? 67 VAL A HB   1 
ATOM 941  H HG11 . VAL A 1 58 ? -4.467  10.157  0.254   1.00 0.00 ? 67 VAL A HG11 1 
ATOM 942  H HG12 . VAL A 1 58 ? -5.058  11.684  0.908   1.00 0.00 ? 67 VAL A HG12 1 
ATOM 943  H HG13 . VAL A 1 58 ? -6.105  10.265  0.899   1.00 0.00 ? 67 VAL A HG13 1 
ATOM 944  H HG21 . VAL A 1 58 ? -5.512  8.321   2.103   1.00 0.00 ? 67 VAL A HG21 1 
ATOM 945  H HG22 . VAL A 1 58 ? -6.252  9.317   3.356   1.00 0.00 ? 67 VAL A HG22 1 
ATOM 946  H HG23 . VAL A 1 58 ? -4.717  8.507   3.665   1.00 0.00 ? 67 VAL A HG23 1 
ATOM 947  N N    . ASN A 1 59 ? -2.085  12.176  2.181   1.00 0.00 ? 68 ASN A N    1 
ATOM 948  C CA   . ASN A 1 59 ? -1.396  13.283  1.512   1.00 0.00 ? 68 ASN A CA   1 
ATOM 949  C C    . ASN A 1 59 ? -0.251  12.777  0.635   1.00 0.00 ? 68 ASN A C    1 
ATOM 950  O O    . ASN A 1 59 ? -0.046  13.258  -0.479  1.00 0.00 ? 68 ASN A O    1 
ATOM 951  C CB   . ASN A 1 59 ? -0.838  14.257  2.549   1.00 0.00 ? 68 ASN A CB   1 
ATOM 952  C CG   . ASN A 1 59 ? -0.528  15.618  1.955   1.00 0.00 ? 68 ASN A CG   1 
ATOM 953  O OD1  . ASN A 1 59 ? -1.153  16.041  0.983   1.00 0.00 ? 68 ASN A OD1  1 
ATOM 954  N ND2  . ASN A 1 59 ? 0.443   16.312  2.538   1.00 0.00 ? 68 ASN A ND2  1 
ATOM 955  H H    . ASN A 1 59 ? -2.368  12.291  3.135   1.00 0.00 ? 68 ASN A H    1 
ATOM 956  H HA   . ASN A 1 59 ? -2.114  13.799  0.893   1.00 0.00 ? 68 ASN A HA   1 
ATOM 957  H HB2  . ASN A 1 59 ? -1.558  14.382  3.342   1.00 0.00 ? 68 ASN A HB2  1 
ATOM 958  H HB3  . ASN A 1 59 ? 0.074   13.848  2.960   1.00 0.00 ? 68 ASN A HB3  1 
ATOM 959  H HD21 . ASN A 1 59 ? 0.900   15.912  3.309   1.00 0.00 ? 68 ASN A HD21 1 
ATOM 960  H HD22 . ASN A 1 59 ? 0.665   17.194  2.175   1.00 0.00 ? 68 ASN A HD22 1 
ATOM 961  N N    . LEU A 1 60 ? 0.496   11.809  1.157   1.00 0.00 ? 69 LEU A N    1 
ATOM 962  C CA   . LEU A 1 60 ? 1.627   11.242  0.435   1.00 0.00 ? 69 LEU A CA   1 
ATOM 963  C C    . LEU A 1 60 ? 1.167   10.334  -0.701  1.00 0.00 ? 69 LEU A C    1 
ATOM 964  O O    . LEU A 1 60 ? 1.682   10.421  -1.817  1.00 0.00 ? 69 LEU A O    1 
ATOM 965  C CB   . LEU A 1 60 ? 2.527   10.467  1.395   1.00 0.00 ? 69 LEU A CB   1 
ATOM 966  C CG   . LEU A 1 60 ? 3.813   11.186  1.803   1.00 0.00 ? 69 LEU A CG   1 
ATOM 967  C CD1  . LEU A 1 60 ? 4.585   11.642  0.575   1.00 0.00 ? 69 LEU A CD1  1 
ATOM 968  C CD2  . LEU A 1 60 ? 3.498   12.369  2.707   1.00 0.00 ? 69 LEU A CD2  1 
ATOM 969  H H    . LEU A 1 60 ? 0.284   11.472  2.053   1.00 0.00 ? 69 LEU A H    1 
ATOM 970  H HA   . LEU A 1 60 ? 2.191   12.061  0.014   1.00 0.00 ? 69 LEU A HA   1 
ATOM 971  H HB2  . LEU A 1 60 ? 1.957   10.259  2.291   1.00 0.00 ? 69 LEU A HB2  1 
ATOM 972  H HB3  . LEU A 1 60 ? 2.797   9.529   0.929   1.00 0.00 ? 69 LEU A HB3  1 
ATOM 973  H HG   . LEU A 1 60 ? 4.441   10.501  2.355   1.00 0.00 ? 69 LEU A HG   1 
ATOM 974  H HD11 . LEU A 1 60 ? 5.637   11.694  0.809   1.00 0.00 ? 69 LEU A HD11 1 
ATOM 975  H HD12 . LEU A 1 60 ? 4.234   12.617  0.270   1.00 0.00 ? 69 LEU A HD12 1 
ATOM 976  H HD13 . LEU A 1 60 ? 4.430   10.937  -0.230  1.00 0.00 ? 69 LEU A HD13 1 
ATOM 977  H HD21 . LEU A 1 60 ? 3.301   13.241  2.103   1.00 0.00 ? 69 LEU A HD21 1 
ATOM 978  H HD22 . LEU A 1 60 ? 4.340   12.562  3.355   1.00 0.00 ? 69 LEU A HD22 1 
ATOM 979  H HD23 . LEU A 1 60 ? 2.629   12.142  3.306   1.00 0.00 ? 69 LEU A HD23 1 
ATOM 980  N N    . LYS A 1 61 ? 0.198   9.462   -0.420  1.00 0.00 ? 70 LYS A N    1 
ATOM 981  C CA   . LYS A 1 61 ? -0.316  8.545   -1.437  1.00 0.00 ? 70 LYS A CA   1 
ATOM 982  C C    . LYS A 1 61 ? -0.591  9.290   -2.740  1.00 0.00 ? 70 LYS A C    1 
ATOM 983  O O    . LYS A 1 61 ? -0.158  8.868   -3.812  1.00 0.00 ? 70 LYS A O    1 
ATOM 984  C CB   . LYS A 1 61 ? -1.595  7.854   -0.958  1.00 0.00 ? 70 LYS A CB   1 
ATOM 985  C CG   . LYS A 1 61 ? -1.365  6.466   -0.383  1.00 0.00 ? 70 LYS A CG   1 
ATOM 986  C CD   . LYS A 1 61 ? -2.200  6.229   0.866   1.00 0.00 ? 70 LYS A CD   1 
ATOM 987  C CE   . LYS A 1 61 ? -1.397  6.430   2.139   1.00 0.00 ? 70 LYS A CE   1 
ATOM 988  N NZ   . LYS A 1 61 ? -2.279  6.567   3.329   1.00 0.00 ? 70 LYS A NZ   1 
ATOM 989  H H    . LYS A 1 61 ? -0.176  9.434   0.487   1.00 0.00 ? 70 LYS A H    1 
ATOM 990  H HA   . LYS A 1 61 ? 0.440   7.796   -1.619  1.00 0.00 ? 70 LYS A HA   1 
ATOM 991  H HB2  . LYS A 1 61 ? -2.065  8.463   -0.196  1.00 0.00 ? 70 LYS A HB2  1 
ATOM 992  H HB3  . LYS A 1 61 ? -2.266  7.760   -1.800  1.00 0.00 ? 70 LYS A HB3  1 
ATOM 993  H HG2  . LYS A 1 61 ? -1.637  5.733   -1.128  1.00 0.00 ? 70 LYS A HG2  1 
ATOM 994  H HG3  . LYS A 1 61 ? -0.323  6.357   -0.139  1.00 0.00 ? 70 LYS A HG3  1 
ATOM 995  H HD2  . LYS A 1 61 ? -3.028  6.921   0.868   1.00 0.00 ? 70 LYS A HD2  1 
ATOM 996  H HD3  . LYS A 1 61 ? -2.575  5.216   0.847   1.00 0.00 ? 70 LYS A HD3  1 
ATOM 997  H HE2  . LYS A 1 61 ? -0.750  5.581   2.280   1.00 0.00 ? 70 LYS A HE2  1 
ATOM 998  H HE3  . LYS A 1 61 ? -0.804  7.324   2.037   1.00 0.00 ? 70 LYS A HE3  1 
ATOM 999  H HZ1  . LYS A 1 61 ? -1.709  6.755   4.178   1.00 0.00 ? 70 LYS A HZ1  1 
ATOM 1000 H HZ2  . LYS A 1 61 ? -2.820  5.692   3.476   1.00 0.00 ? 70 LYS A HZ2  1 
ATOM 1001 H HZ3  . LYS A 1 61 ? -2.946  7.354   3.189   1.00 0.00 ? 70 LYS A HZ3  1 
ATOM 1002 N N    . LYS A 1 62 ? -1.302  10.407  -2.634  1.00 0.00 ? 71 LYS A N    1 
ATOM 1003 C CA   . LYS A 1 62 ? -1.622  11.218  -3.800  1.00 0.00 ? 71 LYS A CA   1 
ATOM 1004 C C    . LYS A 1 62 ? -0.347  11.773  -4.422  1.00 0.00 ? 71 LYS A C    1 
ATOM 1005 O O    . LYS A 1 62 ? -0.230  11.874  -5.643  1.00 0.00 ? 71 LYS A O    1 
ATOM 1006 C CB   . LYS A 1 62 ? -2.560  12.363  -3.414  1.00 0.00 ? 71 LYS A CB   1 
ATOM 1007 C CG   . LYS A 1 62 ? -3.796  11.906  -2.656  1.00 0.00 ? 71 LYS A CG   1 
ATOM 1008 C CD   . LYS A 1 62 ? -4.645  13.087  -2.214  1.00 0.00 ? 71 LYS A CD   1 
ATOM 1009 C CE   . LYS A 1 62 ? -6.092  12.681  -1.991  1.00 0.00 ? 71 LYS A CE   1 
ATOM 1010 N NZ   . LYS A 1 62 ? -6.918  13.819  -1.501  1.00 0.00 ? 71 LYS A NZ   1 
ATOM 1011 H H    . LYS A 1 62 ? -1.611  10.696  -1.750  1.00 0.00 ? 71 LYS A H    1 
ATOM 1012 H HA   . LYS A 1 62 ? -2.116  10.585  -4.523  1.00 0.00 ? 71 LYS A HA   1 
ATOM 1013 H HB2  . LYS A 1 62 ? -2.019  13.061  -2.791  1.00 0.00 ? 71 LYS A HB2  1 
ATOM 1014 H HB3  . LYS A 1 62 ? -2.881  12.869  -4.311  1.00 0.00 ? 71 LYS A HB3  1 
ATOM 1015 H HG2  . LYS A 1 62 ? -4.386  11.271  -3.299  1.00 0.00 ? 71 LYS A HG2  1 
ATOM 1016 H HG3  . LYS A 1 62 ? -3.486  11.350  -1.783  1.00 0.00 ? 71 LYS A HG3  1 
ATOM 1017 H HD2  . LYS A 1 62 ? -4.245  13.480  -1.291  1.00 0.00 ? 71 LYS A HD2  1 
ATOM 1018 H HD3  . LYS A 1 62 ? -4.608  13.850  -2.978  1.00 0.00 ? 71 LYS A HD3  1 
ATOM 1019 H HE2  . LYS A 1 62 ? -6.503  12.328  -2.927  1.00 0.00 ? 71 LYS A HE2  1 
ATOM 1020 H HE3  . LYS A 1 62 ? -6.121  11.883  -1.260  1.00 0.00 ? 71 LYS A HE3  1 
ATOM 1021 H HZ1  . LYS A 1 62 ? -6.380  14.378  -0.809  1.00 0.00 ? 71 LYS A HZ1  1 
ATOM 1022 H HZ2  . LYS A 1 62 ? -7.783  13.463  -1.046  1.00 0.00 ? 71 LYS A HZ2  1 
ATOM 1023 H HZ3  . LYS A 1 62 ? -7.186  14.434  -2.296  1.00 0.00 ? 71 LYS A HZ3  1 
ATOM 1024 N N    . ALA A 1 63 ? 0.613   12.122  -3.569  1.00 0.00 ? 72 ALA A N    1 
ATOM 1025 C CA   . ALA A 1 63 ? 1.887   12.657  -4.032  1.00 0.00 ? 72 ALA A CA   1 
ATOM 1026 C C    . ALA A 1 63 ? 2.589   11.663  -4.951  1.00 0.00 ? 72 ALA A C    1 
ATOM 1027 O O    . ALA A 1 63 ? 3.190   12.047  -5.955  1.00 0.00 ? 72 ALA A O    1 
ATOM 1028 C CB   . ALA A 1 63 ? 2.778   13.003  -2.847  1.00 0.00 ? 72 ALA A CB   1 
ATOM 1029 H H    . ALA A 1 63 ? 0.463   12.012  -2.607  1.00 0.00 ? 72 ALA A H    1 
ATOM 1030 H HA   . ALA A 1 63 ? 1.689   13.565  -4.582  1.00 0.00 ? 72 ALA A HA   1 
ATOM 1031 H HB1  . ALA A 1 63 ? 3.334   13.902  -3.065  1.00 0.00 ? 72 ALA A HB1  1 
ATOM 1032 H HB2  . ALA A 1 63 ? 3.464   12.190  -2.664  1.00 0.00 ? 72 ALA A HB2  1 
ATOM 1033 H HB3  . ALA A 1 63 ? 2.166   13.162  -1.972  1.00 0.00 ? 72 ALA A HB3  1 
ATOM 1034 N N    . LYS A 1 64 ? 2.499   10.381  -4.606  1.00 0.00 ? 73 LYS A N    1 
ATOM 1035 C CA   . LYS A 1 64 ? 3.118   9.330   -5.405  1.00 0.00 ? 73 LYS A CA   1 
ATOM 1036 C C    . LYS A 1 64 ? 2.147   8.820   -6.466  1.00 0.00 ? 73 LYS A C    1 
ATOM 1037 O O    . LYS A 1 64 ? 2.560   8.324   -7.514  1.00 0.00 ? 73 LYS A O    1 
ATOM 1038 C CB   . LYS A 1 64 ? 3.571   8.174   -4.510  1.00 0.00 ? 73 LYS A CB   1 
ATOM 1039 C CG   . LYS A 1 64 ? 4.910   7.582   -4.917  1.00 0.00 ? 73 LYS A CG   1 
ATOM 1040 C CD   . LYS A 1 64 ? 5.999   7.912   -3.907  1.00 0.00 ? 73 LYS A CD   1 
ATOM 1041 C CE   . LYS A 1 64 ? 6.634   9.262   -4.193  1.00 0.00 ? 73 LYS A CE   1 
ATOM 1042 N NZ   . LYS A 1 64 ? 8.051   9.318   -3.737  1.00 0.00 ? 73 LYS A NZ   1 
ATOM 1043 H H    . LYS A 1 64 ? 2.000   10.137  -3.798  1.00 0.00 ? 73 LYS A H    1 
ATOM 1044 H HA   . LYS A 1 64 ? 3.981   9.752   -5.898  1.00 0.00 ? 73 LYS A HA   1 
ATOM 1045 H HB2  . LYS A 1 64 ? 3.652   8.534   -3.492  1.00 0.00 ? 73 LYS A HB2  1 
ATOM 1046 H HB3  . LYS A 1 64 ? 2.826   7.389   -4.550  1.00 0.00 ? 73 LYS A HB3  1 
ATOM 1047 H HG2  . LYS A 1 64 ? 4.813   6.510   -4.987  1.00 0.00 ? 73 LYS A HG2  1 
ATOM 1048 H HG3  . LYS A 1 64 ? 5.192   7.984   -5.879  1.00 0.00 ? 73 LYS A HG3  1 
ATOM 1049 H HD2  . LYS A 1 64 ? 5.564   7.933   -2.918  1.00 0.00 ? 73 LYS A HD2  1 
ATOM 1050 H HD3  . LYS A 1 64 ? 6.760   7.148   -3.950  1.00 0.00 ? 73 LYS A HD3  1 
ATOM 1051 H HE2  . LYS A 1 64 ? 6.601   9.443   -5.256  1.00 0.00 ? 73 LYS A HE2  1 
ATOM 1052 H HE3  . LYS A 1 64 ? 6.070   10.027  -3.681  1.00 0.00 ? 73 LYS A HE3  1 
ATOM 1053 H HZ1  . LYS A 1 64 ? 8.276   10.271  -3.387  1.00 0.00 ? 73 LYS A HZ1  1 
ATOM 1054 H HZ2  . LYS A 1 64 ? 8.690   9.090   -4.525  1.00 0.00 ? 73 LYS A HZ2  1 
ATOM 1055 H HZ3  . LYS A 1 64 ? 8.207   8.632   -2.971  1.00 0.00 ? 73 LYS A HZ3  1 
ATOM 1056 N N    . GLY A 1 65 ? 0.852   8.961   -6.192  1.00 0.00 ? 74 GLY A N    1 
ATOM 1057 C CA   . GLY A 1 65 ? -0.157  8.525   -7.138  1.00 0.00 ? 74 GLY A CA   1 
ATOM 1058 C C    . GLY A 1 65 ? -0.767  7.180   -6.790  1.00 0.00 ? 74 GLY A C    1 
ATOM 1059 O O    . GLY A 1 65 ? -1.323  6.509   -7.659  1.00 0.00 ? 74 GLY A O    1 
ATOM 1060 H H    . GLY A 1 65 ? 0.581   9.373   -5.346  1.00 0.00 ? 74 GLY A H    1 
ATOM 1061 H HA2  . GLY A 1 65 ? -0.947  9.264   -7.163  1.00 0.00 ? 74 GLY A HA2  1 
ATOM 1062 H HA3  . GLY A 1 65 ? 0.293   8.459   -8.120  1.00 0.00 ? 74 GLY A HA3  1 
ATOM 1063 N N    . LEU A 1 66 ? -0.678  6.782   -5.524  1.00 0.00 ? 75 LEU A N    1 
ATOM 1064 C CA   . LEU A 1 66 ? -1.247  5.506   -5.102  1.00 0.00 ? 75 LEU A CA   1 
ATOM 1065 C C    . LEU A 1 66 ? -2.756  5.622   -4.936  1.00 0.00 ? 75 LEU A C    1 
ATOM 1066 O O    . LEU A 1 66 ? -3.512  5.250   -5.834  1.00 0.00 ? 75 LEU A O    1 
ATOM 1067 C CB   . LEU A 1 66 ? -0.607  5.016   -3.800  1.00 0.00 ? 75 LEU A CB   1 
ATOM 1068 C CG   . LEU A 1 66 ? 0.831   4.511   -3.938  1.00 0.00 ? 75 LEU A CG   1 
ATOM 1069 C CD1  . LEU A 1 66 ? 1.430   4.224   -2.569  1.00 0.00 ? 75 LEU A CD1  1 
ATOM 1070 C CD2  . LEU A 1 66 ? 0.882   3.265   -4.816  1.00 0.00 ? 75 LEU A CD2  1 
ATOM 1071 H H    . LEU A 1 66 ? -0.231  7.354   -4.866  1.00 0.00 ? 75 LEU A H    1 
ATOM 1072 H HA   . LEU A 1 66 ? -1.045  4.788   -5.882  1.00 0.00 ? 75 LEU A HA   1 
ATOM 1073 H HB2  . LEU A 1 66 ? -0.622  5.827   -3.082  1.00 0.00 ? 75 LEU A HB2  1 
ATOM 1074 H HB3  . LEU A 1 66 ? -1.212  4.205   -3.414  1.00 0.00 ? 75 LEU A HB3  1 
ATOM 1075 H HG   . LEU A 1 66 ? 1.430   5.277   -4.410  1.00 0.00 ? 75 LEU A HG   1 
ATOM 1076 H HD11 . LEU A 1 66 ? 2.435   4.616   -2.527  1.00 0.00 ? 75 LEU A HD11 1 
ATOM 1077 H HD12 . LEU A 1 66 ? 1.452   3.157   -2.401  1.00 0.00 ? 75 LEU A HD12 1 
ATOM 1078 H HD13 . LEU A 1 66 ? 0.827   4.696   -1.807  1.00 0.00 ? 75 LEU A HD13 1 
ATOM 1079 H HD21 . LEU A 1 66 ? 0.187   3.370   -5.637  1.00 0.00 ? 75 LEU A HD21 1 
ATOM 1080 H HD22 . LEU A 1 66 ? 0.615   2.399   -4.230  1.00 0.00 ? 75 LEU A HD22 1 
ATOM 1081 H HD23 . LEU A 1 66 ? 1.881   3.139   -5.207  1.00 0.00 ? 75 LEU A HD23 1 
ATOM 1082 N N    . PHE A 1 67 ? -3.198  6.135   -3.784  1.00 0.00 ? 76 PHE A N    1 
ATOM 1083 C CA   . PHE A 1 67 ? -4.638  6.287   -3.521  1.00 0.00 ? 76 PHE A CA   1 
ATOM 1084 C C    . PHE A 1 67 ? -5.396  6.723   -4.775  1.00 0.00 ? 76 PHE A C    1 
ATOM 1085 O O    . PHE A 1 67 ? -6.347  6.012   -5.166  1.00 0.00 ? 76 PHE A O    1 
ATOM 1086 C CB   . PHE A 1 67 ? -4.901  7.292   -2.397  1.00 0.00 ? 76 PHE A CB   1 
ATOM 1087 C CG   . PHE A 1 67 ? -5.373  6.641   -1.131  1.00 0.00 ? 76 PHE A CG   1 
ATOM 1088 C CD1  . PHE A 1 67 ? -4.608  5.665   -0.525  1.00 0.00 ? 76 PHE A CD1  1 
ATOM 1089 C CD2  . PHE A 1 67 ? -6.582  6.996   -0.555  1.00 0.00 ? 76 PHE A CD2  1 
ATOM 1090 C CE1  . PHE A 1 67 ? -5.030  5.054   0.636   1.00 0.00 ? 76 PHE A CE1  1 
ATOM 1091 C CE2  . PHE A 1 67 ? -7.014  6.386   0.609   1.00 0.00 ? 76 PHE A CE2  1 
ATOM 1092 C CZ   . PHE A 1 67 ? -6.236  5.414   1.206   1.00 0.00 ? 76 PHE A CZ   1 
ATOM 1093 O OXT  . PHE A 1 67 ? -5.033  7.768   -5.351  1.00 0.00 ? 76 PHE A OXT  1 
ATOM 1094 H H    . PHE A 1 67 ? -2.542  6.409   -3.097  1.00 0.00 ? 76 PHE A H    1 
ATOM 1095 H HA   . PHE A 1 67 ? -5.009  5.324   -3.212  1.00 0.00 ? 76 PHE A HA   1 
ATOM 1096 H HB2  . PHE A 1 67 ? -3.997  7.832   -2.181  1.00 0.00 ? 76 PHE A HB2  1 
ATOM 1097 H HB3  . PHE A 1 67 ? -5.662  7.989   -2.716  1.00 0.00 ? 76 PHE A HB3  1 
ATOM 1098 H HD1  . PHE A 1 67 ? -3.664  5.382   -0.969  1.00 0.00 ? 76 PHE A HD1  1 
ATOM 1099 H HD2  . PHE A 1 67 ? -7.189  7.760   -1.020  1.00 0.00 ? 76 PHE A HD2  1 
ATOM 1100 H HE1  . PHE A 1 67 ? -4.417  4.294   1.098   1.00 0.00 ? 76 PHE A HE1  1 
ATOM 1101 H HE2  . PHE A 1 67 ? -7.958  6.668   1.050   1.00 0.00 ? 76 PHE A HE2  1 
ATOM 1102 H HZ   . PHE A 1 67 ? -6.569  4.935   2.114   1.00 0.00 ? 76 PHE A HZ   1 
# 
